data_2FUP
# 
_entry.id   2FUP 
# 
_audit_conform.dict_name       mmcif_pdbx.dic 
_audit_conform.dict_version    5.399 
_audit_conform.dict_location   http://mmcif.pdb.org/dictionaries/ascii/mmcif_pdbx.dic 
# 
loop_
_database_2.database_id 
_database_2.database_code 
_database_2.pdbx_database_accession 
_database_2.pdbx_DOI 
PDB   2FUP         pdb_00002fup 10.2210/pdb2fup/pdb 
RCSB  RCSB036334   ?            ?                   
WWPDB D_1000036334 ?            ?                   
# 
loop_
_pdbx_audit_revision_history.ordinal 
_pdbx_audit_revision_history.data_content_type 
_pdbx_audit_revision_history.major_revision 
_pdbx_audit_revision_history.minor_revision 
_pdbx_audit_revision_history.revision_date 
1 'Structure model' 1 0 2006-02-28 
2 'Structure model' 1 1 2008-05-01 
3 'Structure model' 1 2 2011-07-13 
4 'Structure model' 1 3 2023-01-25 
5 'Structure model' 1 4 2024-11-20 
# 
_pdbx_audit_revision_details.ordinal             1 
_pdbx_audit_revision_details.revision_ordinal    1 
_pdbx_audit_revision_details.data_content_type   'Structure model' 
_pdbx_audit_revision_details.provider            repository 
_pdbx_audit_revision_details.type                'Initial release' 
_pdbx_audit_revision_details.description         ? 
_pdbx_audit_revision_details.details             ? 
# 
loop_
_pdbx_audit_revision_group.ordinal 
_pdbx_audit_revision_group.revision_ordinal 
_pdbx_audit_revision_group.data_content_type 
_pdbx_audit_revision_group.group 
1 2 'Structure model' 'Version format compliance' 
2 3 'Structure model' Advisory                    
3 3 'Structure model' 'Version format compliance' 
4 4 'Structure model' 'Database references'       
5 4 'Structure model' 'Derived calculations'      
6 5 'Structure model' 'Data collection'           
7 5 'Structure model' 'Structure summary'         
# 
loop_
_pdbx_audit_revision_category.ordinal 
_pdbx_audit_revision_category.revision_ordinal 
_pdbx_audit_revision_category.data_content_type 
_pdbx_audit_revision_category.category 
1 4 'Structure model' database_2                
2 4 'Structure model' struct_conn               
3 4 'Structure model' struct_ref_seq_dif        
4 4 'Structure model' struct_site               
5 5 'Structure model' chem_comp_atom            
6 5 'Structure model' chem_comp_bond            
7 5 'Structure model' pdbx_entry_details        
8 5 'Structure model' pdbx_modification_feature 
# 
loop_
_pdbx_audit_revision_item.ordinal 
_pdbx_audit_revision_item.revision_ordinal 
_pdbx_audit_revision_item.data_content_type 
_pdbx_audit_revision_item.item 
1 4 'Structure model' '_database_2.pdbx_DOI'                
2 4 'Structure model' '_database_2.pdbx_database_accession' 
3 4 'Structure model' '_struct_conn.pdbx_leaving_atom_flag' 
4 4 'Structure model' '_struct_ref_seq_dif.details'         
5 4 'Structure model' '_struct_site.pdbx_auth_asym_id'      
6 4 'Structure model' '_struct_site.pdbx_auth_comp_id'      
7 4 'Structure model' '_struct_site.pdbx_auth_seq_id'       
# 
_pdbx_database_status.SG_entry                        Y 
_pdbx_database_status.entry_id                        2FUP 
_pdbx_database_status.deposit_site                    RCSB 
_pdbx_database_status.process_site                    RCSB 
_pdbx_database_status.recvd_initial_deposition_date   2006-01-27 
_pdbx_database_status.status_code                     REL 
_pdbx_database_status.status_code_sf                  REL 
_pdbx_database_status.status_code_mr                  ? 
_pdbx_database_status.status_code_cs                  ? 
_pdbx_database_status.pdb_format_compatible           Y 
_pdbx_database_status.status_code_nmr_data            ? 
_pdbx_database_status.methods_development_category    ? 
# 
_pdbx_database_related.db_name        TargetDB 
_pdbx_database_related.db_id          359556 
_pdbx_database_related.details        . 
_pdbx_database_related.content_type   unspecified 
# 
_audit_author.name           'Joint Center for Structural Genomics (JCSG)' 
_audit_author.pdbx_ordinal   1 
# 
_citation.id                        primary 
_citation.title                     
'Crystal structure of hypothetical protein (NP_252042.1) from Pseudomonas aeruginosa at 1.48 A resolution' 
_citation.journal_abbrev            'To be published' 
_citation.journal_volume            ? 
_citation.page_first                ? 
_citation.page_last                 ? 
_citation.year                      ? 
_citation.journal_id_ASTM           ? 
_citation.country                   ? 
_citation.journal_id_ISSN           ? 
_citation.journal_id_CSD            0353 
_citation.book_publisher            ? 
_citation.pdbx_database_id_PubMed   ? 
_citation.pdbx_database_id_DOI      ? 
# 
_citation_author.citation_id        primary 
_citation_author.name               'Joint Center for Structural Genomics (JCSG)' 
_citation_author.ordinal            1 
_citation_author.identifier_ORCID   ? 
# 
loop_
_entity.id 
_entity.type 
_entity.src_method 
_entity.pdbx_description 
_entity.formula_weight 
_entity.pdbx_number_of_molecules 
_entity.pdbx_ec 
_entity.pdbx_mutation 
_entity.pdbx_fragment 
_entity.details 
1 polymer     man 'hypothetical protein PA3352'   17427.201 1   ? ? ? ? 
2 non-polymer syn '(4S)-2-METHYL-2,4-PENTANEDIOL' 118.174   1   ? ? ? ? 
3 water       nat water                           18.015    110 ? ? ? ? 
# 
_entity_poly.entity_id                      1 
_entity_poly.type                           'polypeptide(L)' 
_entity_poly.nstd_linkage                   no 
_entity_poly.nstd_monomer                   yes 
_entity_poly.pdbx_seq_one_letter_code       
;G(MSE)PDSPTLLDLFAEDIGHANQLLQLVDEEFQALERRELPVLQQLLGAKQPL(MSE)QQLERNGRARAEILREAGVS
LDREGLARYARERADGAELLARGDELGELLERCQQANLRNGRIIRANQASTGSLLNILRGQDAPSLYDSRGGTASSSRQR
PLSQA
;
_entity_poly.pdbx_seq_one_letter_code_can   
;GMPDSPTLLDLFAEDIGHANQLLQLVDEEFQALERRELPVLQQLLGAKQPLMQQLERNGRARAEILREAGVSLDREGLAR
YARERADGAELLARGDELGELLERCQQANLRNGRIIRANQASTGSLLNILRGQDAPSLYDSRGGTASSSRQRPLSQA
;
_entity_poly.pdbx_strand_id                 A 
_entity_poly.pdbx_target_identifier         359556 
# 
loop_
_pdbx_entity_nonpoly.entity_id 
_pdbx_entity_nonpoly.name 
_pdbx_entity_nonpoly.comp_id 
2 '(4S)-2-METHYL-2,4-PENTANEDIOL' MPD 
3 water                           HOH 
# 
loop_
_entity_poly_seq.entity_id 
_entity_poly_seq.num 
_entity_poly_seq.mon_id 
_entity_poly_seq.hetero 
1 1   GLY n 
1 2   MSE n 
1 3   PRO n 
1 4   ASP n 
1 5   SER n 
1 6   PRO n 
1 7   THR n 
1 8   LEU n 
1 9   LEU n 
1 10  ASP n 
1 11  LEU n 
1 12  PHE n 
1 13  ALA n 
1 14  GLU n 
1 15  ASP n 
1 16  ILE n 
1 17  GLY n 
1 18  HIS n 
1 19  ALA n 
1 20  ASN n 
1 21  GLN n 
1 22  LEU n 
1 23  LEU n 
1 24  GLN n 
1 25  LEU n 
1 26  VAL n 
1 27  ASP n 
1 28  GLU n 
1 29  GLU n 
1 30  PHE n 
1 31  GLN n 
1 32  ALA n 
1 33  LEU n 
1 34  GLU n 
1 35  ARG n 
1 36  ARG n 
1 37  GLU n 
1 38  LEU n 
1 39  PRO n 
1 40  VAL n 
1 41  LEU n 
1 42  GLN n 
1 43  GLN n 
1 44  LEU n 
1 45  LEU n 
1 46  GLY n 
1 47  ALA n 
1 48  LYS n 
1 49  GLN n 
1 50  PRO n 
1 51  LEU n 
1 52  MSE n 
1 53  GLN n 
1 54  GLN n 
1 55  LEU n 
1 56  GLU n 
1 57  ARG n 
1 58  ASN n 
1 59  GLY n 
1 60  ARG n 
1 61  ALA n 
1 62  ARG n 
1 63  ALA n 
1 64  GLU n 
1 65  ILE n 
1 66  LEU n 
1 67  ARG n 
1 68  GLU n 
1 69  ALA n 
1 70  GLY n 
1 71  VAL n 
1 72  SER n 
1 73  LEU n 
1 74  ASP n 
1 75  ARG n 
1 76  GLU n 
1 77  GLY n 
1 78  LEU n 
1 79  ALA n 
1 80  ARG n 
1 81  TYR n 
1 82  ALA n 
1 83  ARG n 
1 84  GLU n 
1 85  ARG n 
1 86  ALA n 
1 87  ASP n 
1 88  GLY n 
1 89  ALA n 
1 90  GLU n 
1 91  LEU n 
1 92  LEU n 
1 93  ALA n 
1 94  ARG n 
1 95  GLY n 
1 96  ASP n 
1 97  GLU n 
1 98  LEU n 
1 99  GLY n 
1 100 GLU n 
1 101 LEU n 
1 102 LEU n 
1 103 GLU n 
1 104 ARG n 
1 105 CYS n 
1 106 GLN n 
1 107 GLN n 
1 108 ALA n 
1 109 ASN n 
1 110 LEU n 
1 111 ARG n 
1 112 ASN n 
1 113 GLY n 
1 114 ARG n 
1 115 ILE n 
1 116 ILE n 
1 117 ARG n 
1 118 ALA n 
1 119 ASN n 
1 120 GLN n 
1 121 ALA n 
1 122 SER n 
1 123 THR n 
1 124 GLY n 
1 125 SER n 
1 126 LEU n 
1 127 LEU n 
1 128 ASN n 
1 129 ILE n 
1 130 LEU n 
1 131 ARG n 
1 132 GLY n 
1 133 GLN n 
1 134 ASP n 
1 135 ALA n 
1 136 PRO n 
1 137 SER n 
1 138 LEU n 
1 139 TYR n 
1 140 ASP n 
1 141 SER n 
1 142 ARG n 
1 143 GLY n 
1 144 GLY n 
1 145 THR n 
1 146 ALA n 
1 147 SER n 
1 148 SER n 
1 149 SER n 
1 150 ARG n 
1 151 GLN n 
1 152 ARG n 
1 153 PRO n 
1 154 LEU n 
1 155 SER n 
1 156 GLN n 
1 157 ALA n 
# 
_entity_src_gen.entity_id                          1 
_entity_src_gen.pdbx_src_id                        1 
_entity_src_gen.pdbx_alt_source_flag               sample 
_entity_src_gen.pdbx_seq_type                      ? 
_entity_src_gen.pdbx_beg_seq_num                   ? 
_entity_src_gen.pdbx_end_seq_num                   ? 
_entity_src_gen.gene_src_common_name               ? 
_entity_src_gen.gene_src_genus                     Pseudomonas 
_entity_src_gen.pdbx_gene_src_gene                 np_252042.1 
_entity_src_gen.gene_src_species                   ? 
_entity_src_gen.gene_src_strain                    ? 
_entity_src_gen.gene_src_tissue                    ? 
_entity_src_gen.gene_src_tissue_fraction           ? 
_entity_src_gen.gene_src_details                   ? 
_entity_src_gen.pdbx_gene_src_fragment             ? 
_entity_src_gen.pdbx_gene_src_scientific_name      'Pseudomonas aeruginosa' 
_entity_src_gen.pdbx_gene_src_ncbi_taxonomy_id     287 
_entity_src_gen.pdbx_gene_src_variant              ? 
_entity_src_gen.pdbx_gene_src_cell_line            ? 
_entity_src_gen.pdbx_gene_src_atcc                 ? 
_entity_src_gen.pdbx_gene_src_organ                ? 
_entity_src_gen.pdbx_gene_src_organelle            ? 
_entity_src_gen.pdbx_gene_src_cell                 ? 
_entity_src_gen.pdbx_gene_src_cellular_location    ? 
_entity_src_gen.host_org_common_name               ? 
_entity_src_gen.pdbx_host_org_scientific_name      'Escherichia coli' 
_entity_src_gen.pdbx_host_org_ncbi_taxonomy_id     562 
_entity_src_gen.host_org_genus                     Escherichia 
_entity_src_gen.pdbx_host_org_gene                 ? 
_entity_src_gen.pdbx_host_org_organ                ? 
_entity_src_gen.host_org_species                   ? 
_entity_src_gen.pdbx_host_org_tissue               ? 
_entity_src_gen.pdbx_host_org_tissue_fraction      ? 
_entity_src_gen.pdbx_host_org_strain               ? 
_entity_src_gen.pdbx_host_org_variant              ? 
_entity_src_gen.pdbx_host_org_cell_line            ? 
_entity_src_gen.pdbx_host_org_atcc                 ? 
_entity_src_gen.pdbx_host_org_culture_collection   ? 
_entity_src_gen.pdbx_host_org_cell                 ? 
_entity_src_gen.pdbx_host_org_organelle            ? 
_entity_src_gen.pdbx_host_org_cellular_location    ? 
_entity_src_gen.pdbx_host_org_vector_type          Plasmid 
_entity_src_gen.pdbx_host_org_vector               ? 
_entity_src_gen.host_org_details                   ? 
_entity_src_gen.expression_system_id               ? 
_entity_src_gen.plasmid_name                       ? 
_entity_src_gen.plasmid_details                    ? 
_entity_src_gen.pdbx_description                   ? 
# 
loop_
_chem_comp.id 
_chem_comp.type 
_chem_comp.mon_nstd_flag 
_chem_comp.name 
_chem_comp.pdbx_synonyms 
_chem_comp.formula 
_chem_comp.formula_weight 
ALA 'L-peptide linking' y ALANINE                         ? 'C3 H7 N O2'     89.093  
ARG 'L-peptide linking' y ARGININE                        ? 'C6 H15 N4 O2 1' 175.209 
ASN 'L-peptide linking' y ASPARAGINE                      ? 'C4 H8 N2 O3'    132.118 
ASP 'L-peptide linking' y 'ASPARTIC ACID'                 ? 'C4 H7 N O4'     133.103 
CYS 'L-peptide linking' y CYSTEINE                        ? 'C3 H7 N O2 S'   121.158 
GLN 'L-peptide linking' y GLUTAMINE                       ? 'C5 H10 N2 O3'   146.144 
GLU 'L-peptide linking' y 'GLUTAMIC ACID'                 ? 'C5 H9 N O4'     147.129 
GLY 'peptide linking'   y GLYCINE                         ? 'C2 H5 N O2'     75.067  
HIS 'L-peptide linking' y HISTIDINE                       ? 'C6 H10 N3 O2 1' 156.162 
HOH non-polymer         . WATER                           ? 'H2 O'           18.015  
ILE 'L-peptide linking' y ISOLEUCINE                      ? 'C6 H13 N O2'    131.173 
LEU 'L-peptide linking' y LEUCINE                         ? 'C6 H13 N O2'    131.173 
LYS 'L-peptide linking' y LYSINE                          ? 'C6 H15 N2 O2 1' 147.195 
MET 'L-peptide linking' y METHIONINE                      ? 'C5 H11 N O2 S'  149.211 
MPD non-polymer         . '(4S)-2-METHYL-2,4-PENTANEDIOL' ? 'C6 H14 O2'      118.174 
MSE 'L-peptide linking' n SELENOMETHIONINE                ? 'C5 H11 N O2 Se' 196.106 
PHE 'L-peptide linking' y PHENYLALANINE                   ? 'C9 H11 N O2'    165.189 
PRO 'L-peptide linking' y PROLINE                         ? 'C5 H9 N O2'     115.130 
SER 'L-peptide linking' y SERINE                          ? 'C3 H7 N O3'     105.093 
THR 'L-peptide linking' y THREONINE                       ? 'C4 H9 N O3'     119.119 
TYR 'L-peptide linking' y TYROSINE                        ? 'C9 H11 N O3'    181.189 
VAL 'L-peptide linking' y VALINE                          ? 'C5 H11 N O2'    117.146 
# 
loop_
_pdbx_poly_seq_scheme.asym_id 
_pdbx_poly_seq_scheme.entity_id 
_pdbx_poly_seq_scheme.seq_id 
_pdbx_poly_seq_scheme.mon_id 
_pdbx_poly_seq_scheme.ndb_seq_num 
_pdbx_poly_seq_scheme.pdb_seq_num 
_pdbx_poly_seq_scheme.auth_seq_num 
_pdbx_poly_seq_scheme.pdb_mon_id 
_pdbx_poly_seq_scheme.auth_mon_id 
_pdbx_poly_seq_scheme.pdb_strand_id 
_pdbx_poly_seq_scheme.pdb_ins_code 
_pdbx_poly_seq_scheme.hetero 
A 1 1   GLY 1   0   ?   ?   ?   A . n 
A 1 2   MSE 2   1   1   MSE MSE A . n 
A 1 3   PRO 3   2   2   PRO PRO A . n 
A 1 4   ASP 4   3   3   ASP ASP A . n 
A 1 5   SER 5   4   4   SER SER A . n 
A 1 6   PRO 6   5   5   PRO PRO A . n 
A 1 7   THR 7   6   6   THR THR A . n 
A 1 8   LEU 8   7   7   LEU LEU A . n 
A 1 9   LEU 9   8   8   LEU LEU A . n 
A 1 10  ASP 10  9   9   ASP ASP A . n 
A 1 11  LEU 11  10  10  LEU LEU A . n 
A 1 12  PHE 12  11  11  PHE PHE A . n 
A 1 13  ALA 13  12  12  ALA ALA A . n 
A 1 14  GLU 14  13  13  GLU GLU A . n 
A 1 15  ASP 15  14  14  ASP ASP A . n 
A 1 16  ILE 16  15  15  ILE ILE A . n 
A 1 17  GLY 17  16  16  GLY GLY A . n 
A 1 18  HIS 18  17  17  HIS HIS A . n 
A 1 19  ALA 19  18  18  ALA ALA A . n 
A 1 20  ASN 20  19  19  ASN ASN A . n 
A 1 21  GLN 21  20  20  GLN GLN A . n 
A 1 22  LEU 22  21  21  LEU LEU A . n 
A 1 23  LEU 23  22  22  LEU LEU A . n 
A 1 24  GLN 24  23  23  GLN GLN A . n 
A 1 25  LEU 25  24  24  LEU LEU A . n 
A 1 26  VAL 26  25  25  VAL VAL A . n 
A 1 27  ASP 27  26  26  ASP ASP A . n 
A 1 28  GLU 28  27  27  GLU GLU A . n 
A 1 29  GLU 29  28  28  GLU GLU A . n 
A 1 30  PHE 30  29  29  PHE PHE A . n 
A 1 31  GLN 31  30  30  GLN GLN A . n 
A 1 32  ALA 32  31  31  ALA ALA A . n 
A 1 33  LEU 33  32  32  LEU LEU A . n 
A 1 34  GLU 34  33  33  GLU GLU A . n 
A 1 35  ARG 35  34  34  ARG ARG A . n 
A 1 36  ARG 36  35  35  ARG ARG A . n 
A 1 37  GLU 37  36  36  GLU GLU A . n 
A 1 38  LEU 38  37  37  LEU LEU A . n 
A 1 39  PRO 39  38  38  PRO PRO A . n 
A 1 40  VAL 40  39  39  VAL VAL A . n 
A 1 41  LEU 41  40  40  LEU LEU A . n 
A 1 42  GLN 42  41  41  GLN GLN A . n 
A 1 43  GLN 43  42  42  GLN GLN A . n 
A 1 44  LEU 44  43  43  LEU LEU A . n 
A 1 45  LEU 45  44  44  LEU LEU A . n 
A 1 46  GLY 46  45  45  GLY GLY A . n 
A 1 47  ALA 47  46  46  ALA ALA A . n 
A 1 48  LYS 48  47  47  LYS LYS A . n 
A 1 49  GLN 49  48  48  GLN GLN A . n 
A 1 50  PRO 50  49  49  PRO PRO A . n 
A 1 51  LEU 51  50  50  LEU LEU A . n 
A 1 52  MSE 52  51  51  MSE MSE A . n 
A 1 53  GLN 53  52  52  GLN GLN A . n 
A 1 54  GLN 54  53  53  GLN GLN A . n 
A 1 55  LEU 55  54  54  LEU LEU A . n 
A 1 56  GLU 56  55  55  GLU GLU A . n 
A 1 57  ARG 57  56  56  ARG ARG A . n 
A 1 58  ASN 58  57  57  ASN ASN A . n 
A 1 59  GLY 59  58  58  GLY GLY A . n 
A 1 60  ARG 60  59  59  ARG ARG A . n 
A 1 61  ALA 61  60  60  ALA ALA A . n 
A 1 62  ARG 62  61  61  ARG ARG A . n 
A 1 63  ALA 63  62  62  ALA ALA A . n 
A 1 64  GLU 64  63  63  GLU GLU A . n 
A 1 65  ILE 65  64  64  ILE ILE A . n 
A 1 66  LEU 66  65  65  LEU LEU A . n 
A 1 67  ARG 67  66  66  ARG ARG A . n 
A 1 68  GLU 68  67  67  GLU GLU A . n 
A 1 69  ALA 69  68  68  ALA ALA A . n 
A 1 70  GLY 70  69  69  GLY GLY A . n 
A 1 71  VAL 71  70  70  VAL VAL A . n 
A 1 72  SER 72  71  71  SER SER A . n 
A 1 73  LEU 73  72  72  LEU LEU A . n 
A 1 74  ASP 74  73  73  ASP ASP A . n 
A 1 75  ARG 75  74  74  ARG ARG A . n 
A 1 76  GLU 76  75  75  GLU GLU A . n 
A 1 77  GLY 77  76  76  GLY GLY A . n 
A 1 78  LEU 78  77  77  LEU LEU A . n 
A 1 79  ALA 79  78  78  ALA ALA A . n 
A 1 80  ARG 80  79  79  ARG ARG A . n 
A 1 81  TYR 81  80  80  TYR TYR A . n 
A 1 82  ALA 82  81  81  ALA ALA A . n 
A 1 83  ARG 83  82  82  ARG ARG A . n 
A 1 84  GLU 84  83  83  GLU GLU A . n 
A 1 85  ARG 85  84  84  ARG ARG A . n 
A 1 86  ALA 86  85  85  ALA ALA A . n 
A 1 87  ASP 87  86  86  ASP ASP A . n 
A 1 88  GLY 88  87  87  GLY GLY A . n 
A 1 89  ALA 89  88  88  ALA ALA A . n 
A 1 90  GLU 90  89  89  GLU GLU A . n 
A 1 91  LEU 91  90  90  LEU LEU A . n 
A 1 92  LEU 92  91  91  LEU LEU A . n 
A 1 93  ALA 93  92  92  ALA ALA A . n 
A 1 94  ARG 94  93  93  ARG ARG A . n 
A 1 95  GLY 95  94  94  GLY GLY A . n 
A 1 96  ASP 96  95  95  ASP ASP A . n 
A 1 97  GLU 97  96  96  GLU GLU A . n 
A 1 98  LEU 98  97  97  LEU LEU A . n 
A 1 99  GLY 99  98  98  GLY GLY A . n 
A 1 100 GLU 100 99  99  GLU GLU A . n 
A 1 101 LEU 101 100 100 LEU LEU A . n 
A 1 102 LEU 102 101 101 LEU LEU A . n 
A 1 103 GLU 103 102 102 GLU GLU A . n 
A 1 104 ARG 104 103 103 ARG ARG A . n 
A 1 105 CYS 105 104 104 CYS CYS A . n 
A 1 106 GLN 106 105 105 GLN GLN A . n 
A 1 107 GLN 107 106 106 GLN GLN A . n 
A 1 108 ALA 108 107 107 ALA ALA A . n 
A 1 109 ASN 109 108 108 ASN ASN A . n 
A 1 110 LEU 110 109 109 LEU LEU A . n 
A 1 111 ARG 111 110 110 ARG ARG A . n 
A 1 112 ASN 112 111 111 ASN ASN A . n 
A 1 113 GLY 113 112 112 GLY GLY A . n 
A 1 114 ARG 114 113 113 ARG ARG A . n 
A 1 115 ILE 115 114 114 ILE ILE A . n 
A 1 116 ILE 116 115 ?   ?   ?   A . n 
A 1 117 ARG 117 116 ?   ?   ?   A . n 
A 1 118 ALA 118 117 117 ALA ALA A . n 
A 1 119 ASN 119 118 118 ASN ASN A . n 
A 1 120 GLN 120 119 119 GLN GLN A . n 
A 1 121 ALA 121 120 120 ALA ALA A . n 
A 1 122 SER 122 121 121 SER SER A . n 
A 1 123 THR 123 122 122 THR THR A . n 
A 1 124 GLY 124 123 123 GLY GLY A . n 
A 1 125 SER 125 124 124 SER SER A . n 
A 1 126 LEU 126 125 125 LEU LEU A . n 
A 1 127 LEU 127 126 126 LEU LEU A . n 
A 1 128 ASN 128 127 127 ASN ASN A . n 
A 1 129 ILE 129 128 128 ILE ILE A . n 
A 1 130 LEU 130 129 129 LEU LEU A . n 
A 1 131 ARG 131 130 130 ARG ARG A . n 
A 1 132 GLY 132 131 ?   ?   ?   A . n 
A 1 133 GLN 133 132 ?   ?   ?   A . n 
A 1 134 ASP 134 133 ?   ?   ?   A . n 
A 1 135 ALA 135 134 ?   ?   ?   A . n 
A 1 136 PRO 136 135 ?   ?   ?   A . n 
A 1 137 SER 137 136 ?   ?   ?   A . n 
A 1 138 LEU 138 137 ?   ?   ?   A . n 
A 1 139 TYR 139 138 ?   ?   ?   A . n 
A 1 140 ASP 140 139 ?   ?   ?   A . n 
A 1 141 SER 141 140 ?   ?   ?   A . n 
A 1 142 ARG 142 141 ?   ?   ?   A . n 
A 1 143 GLY 143 142 ?   ?   ?   A . n 
A 1 144 GLY 144 143 ?   ?   ?   A . n 
A 1 145 THR 145 144 ?   ?   ?   A . n 
A 1 146 ALA 146 145 ?   ?   ?   A . n 
A 1 147 SER 147 146 ?   ?   ?   A . n 
A 1 148 SER 148 147 ?   ?   ?   A . n 
A 1 149 SER 149 148 ?   ?   ?   A . n 
A 1 150 ARG 150 149 ?   ?   ?   A . n 
A 1 151 GLN 151 150 ?   ?   ?   A . n 
A 1 152 ARG 152 151 ?   ?   ?   A . n 
A 1 153 PRO 153 152 ?   ?   ?   A . n 
A 1 154 LEU 154 153 ?   ?   ?   A . n 
A 1 155 SER 155 154 ?   ?   ?   A . n 
A 1 156 GLN 156 155 ?   ?   ?   A . n 
A 1 157 ALA 157 156 ?   ?   ?   A . n 
# 
loop_
_pdbx_nonpoly_scheme.asym_id 
_pdbx_nonpoly_scheme.entity_id 
_pdbx_nonpoly_scheme.mon_id 
_pdbx_nonpoly_scheme.ndb_seq_num 
_pdbx_nonpoly_scheme.pdb_seq_num 
_pdbx_nonpoly_scheme.auth_seq_num 
_pdbx_nonpoly_scheme.pdb_mon_id 
_pdbx_nonpoly_scheme.auth_mon_id 
_pdbx_nonpoly_scheme.pdb_strand_id 
_pdbx_nonpoly_scheme.pdb_ins_code 
B 2 MPD 1   157 1   MPD MPD A . 
C 3 HOH 1   158 2   HOH HOH A . 
C 3 HOH 2   159 3   HOH HOH A . 
C 3 HOH 3   160 4   HOH HOH A . 
C 3 HOH 4   161 5   HOH HOH A . 
C 3 HOH 5   162 6   HOH HOH A . 
C 3 HOH 6   163 7   HOH HOH A . 
C 3 HOH 7   164 8   HOH HOH A . 
C 3 HOH 8   165 9   HOH HOH A . 
C 3 HOH 9   166 10  HOH HOH A . 
C 3 HOH 10  167 11  HOH HOH A . 
C 3 HOH 11  168 12  HOH HOH A . 
C 3 HOH 12  169 13  HOH HOH A . 
C 3 HOH 13  170 14  HOH HOH A . 
C 3 HOH 14  171 15  HOH HOH A . 
C 3 HOH 15  172 16  HOH HOH A . 
C 3 HOH 16  173 17  HOH HOH A . 
C 3 HOH 17  174 18  HOH HOH A . 
C 3 HOH 18  175 19  HOH HOH A . 
C 3 HOH 19  176 20  HOH HOH A . 
C 3 HOH 20  177 21  HOH HOH A . 
C 3 HOH 21  178 22  HOH HOH A . 
C 3 HOH 22  179 23  HOH HOH A . 
C 3 HOH 23  180 24  HOH HOH A . 
C 3 HOH 24  181 25  HOH HOH A . 
C 3 HOH 25  182 26  HOH HOH A . 
C 3 HOH 26  183 27  HOH HOH A . 
C 3 HOH 27  184 28  HOH HOH A . 
C 3 HOH 28  185 29  HOH HOH A . 
C 3 HOH 29  186 30  HOH HOH A . 
C 3 HOH 30  187 31  HOH HOH A . 
C 3 HOH 31  188 32  HOH HOH A . 
C 3 HOH 32  189 33  HOH HOH A . 
C 3 HOH 33  190 34  HOH HOH A . 
C 3 HOH 34  191 35  HOH HOH A . 
C 3 HOH 35  192 36  HOH HOH A . 
C 3 HOH 36  193 37  HOH HOH A . 
C 3 HOH 37  194 38  HOH HOH A . 
C 3 HOH 38  195 39  HOH HOH A . 
C 3 HOH 39  196 40  HOH HOH A . 
C 3 HOH 40  197 41  HOH HOH A . 
C 3 HOH 41  198 42  HOH HOH A . 
C 3 HOH 42  199 43  HOH HOH A . 
C 3 HOH 43  200 44  HOH HOH A . 
C 3 HOH 44  201 45  HOH HOH A . 
C 3 HOH 45  202 46  HOH HOH A . 
C 3 HOH 46  203 47  HOH HOH A . 
C 3 HOH 47  204 48  HOH HOH A . 
C 3 HOH 48  205 49  HOH HOH A . 
C 3 HOH 49  206 50  HOH HOH A . 
C 3 HOH 50  207 51  HOH HOH A . 
C 3 HOH 51  208 52  HOH HOH A . 
C 3 HOH 52  209 53  HOH HOH A . 
C 3 HOH 53  210 54  HOH HOH A . 
C 3 HOH 54  211 55  HOH HOH A . 
C 3 HOH 55  212 56  HOH HOH A . 
C 3 HOH 56  213 57  HOH HOH A . 
C 3 HOH 57  214 58  HOH HOH A . 
C 3 HOH 58  215 59  HOH HOH A . 
C 3 HOH 59  216 60  HOH HOH A . 
C 3 HOH 60  217 61  HOH HOH A . 
C 3 HOH 61  218 62  HOH HOH A . 
C 3 HOH 62  219 63  HOH HOH A . 
C 3 HOH 63  220 64  HOH HOH A . 
C 3 HOH 64  221 65  HOH HOH A . 
C 3 HOH 65  222 66  HOH HOH A . 
C 3 HOH 66  223 67  HOH HOH A . 
C 3 HOH 67  224 68  HOH HOH A . 
C 3 HOH 68  225 69  HOH HOH A . 
C 3 HOH 69  226 70  HOH HOH A . 
C 3 HOH 70  227 71  HOH HOH A . 
C 3 HOH 71  228 72  HOH HOH A . 
C 3 HOH 72  229 73  HOH HOH A . 
C 3 HOH 73  230 74  HOH HOH A . 
C 3 HOH 74  231 75  HOH HOH A . 
C 3 HOH 75  232 76  HOH HOH A . 
C 3 HOH 76  233 77  HOH HOH A . 
C 3 HOH 77  234 78  HOH HOH A . 
C 3 HOH 78  235 79  HOH HOH A . 
C 3 HOH 79  236 80  HOH HOH A . 
C 3 HOH 80  237 81  HOH HOH A . 
C 3 HOH 81  238 82  HOH HOH A . 
C 3 HOH 82  239 83  HOH HOH A . 
C 3 HOH 83  240 84  HOH HOH A . 
C 3 HOH 84  241 85  HOH HOH A . 
C 3 HOH 85  242 86  HOH HOH A . 
C 3 HOH 86  243 87  HOH HOH A . 
C 3 HOH 87  244 88  HOH HOH A . 
C 3 HOH 88  245 89  HOH HOH A . 
C 3 HOH 89  246 90  HOH HOH A . 
C 3 HOH 90  247 91  HOH HOH A . 
C 3 HOH 91  248 92  HOH HOH A . 
C 3 HOH 92  249 93  HOH HOH A . 
C 3 HOH 93  250 94  HOH HOH A . 
C 3 HOH 94  251 95  HOH HOH A . 
C 3 HOH 95  252 96  HOH HOH A . 
C 3 HOH 96  253 97  HOH HOH A . 
C 3 HOH 97  254 98  HOH HOH A . 
C 3 HOH 98  255 99  HOH HOH A . 
C 3 HOH 99  256 100 HOH HOH A . 
C 3 HOH 100 257 101 HOH HOH A . 
C 3 HOH 101 258 102 HOH HOH A . 
C 3 HOH 102 259 103 HOH HOH A . 
C 3 HOH 103 260 104 HOH HOH A . 
C 3 HOH 104 261 105 HOH HOH A . 
C 3 HOH 105 262 106 HOH HOH A . 
C 3 HOH 106 263 107 HOH HOH A . 
C 3 HOH 107 264 108 HOH HOH A . 
C 3 HOH 108 265 109 HOH HOH A . 
C 3 HOH 109 266 110 HOH HOH A . 
C 3 HOH 110 267 111 HOH HOH A . 
# 
loop_
_pdbx_unobs_or_zero_occ_atoms.id 
_pdbx_unobs_or_zero_occ_atoms.PDB_model_num 
_pdbx_unobs_or_zero_occ_atoms.polymer_flag 
_pdbx_unobs_or_zero_occ_atoms.occupancy_flag 
_pdbx_unobs_or_zero_occ_atoms.auth_asym_id 
_pdbx_unobs_or_zero_occ_atoms.auth_comp_id 
_pdbx_unobs_or_zero_occ_atoms.auth_seq_id 
_pdbx_unobs_or_zero_occ_atoms.PDB_ins_code 
_pdbx_unobs_or_zero_occ_atoms.auth_atom_id 
_pdbx_unobs_or_zero_occ_atoms.label_alt_id 
_pdbx_unobs_or_zero_occ_atoms.label_asym_id 
_pdbx_unobs_or_zero_occ_atoms.label_comp_id 
_pdbx_unobs_or_zero_occ_atoms.label_seq_id 
_pdbx_unobs_or_zero_occ_atoms.label_atom_id 
1  1 Y 1 A MSE 1   ? SE  ? A MSE 2   SE  
2  1 Y 1 A MSE 1   ? CE  ? A MSE 2   CE  
3  1 Y 1 A ARG 35  ? CD  ? A ARG 36  CD  
4  1 Y 1 A ARG 35  ? NE  ? A ARG 36  NE  
5  1 Y 1 A ARG 35  ? CZ  ? A ARG 36  CZ  
6  1 Y 1 A ARG 35  ? NH1 ? A ARG 36  NH1 
7  1 Y 1 A ARG 35  ? NH2 ? A ARG 36  NH2 
8  1 Y 1 A LEU 37  ? CD1 ? A LEU 38  CD1 
9  1 Y 1 A LEU 37  ? CD2 ? A LEU 38  CD2 
10 1 Y 1 A GLN 52  ? CG  ? A GLN 53  CG  
11 1 Y 1 A GLN 52  ? CD  ? A GLN 53  CD  
12 1 Y 1 A GLN 52  ? OE1 ? A GLN 53  OE1 
13 1 Y 1 A GLN 52  ? NE2 ? A GLN 53  NE2 
14 1 Y 1 A ARG 82  ? CZ  ? A ARG 83  CZ  
15 1 Y 1 A ARG 82  ? NH1 ? A ARG 83  NH1 
16 1 Y 1 A ARG 82  ? NH2 ? A ARG 83  NH2 
17 1 Y 1 A GLU 83  ? OE1 ? A GLU 84  OE1 
18 1 Y 1 A GLU 83  ? OE2 ? A GLU 84  OE2 
19 1 Y 1 A ARG 113 ? CD  ? A ARG 114 CD  
20 1 Y 1 A ARG 113 ? NE  ? A ARG 114 NE  
21 1 Y 1 A ARG 113 ? CZ  ? A ARG 114 CZ  
22 1 Y 1 A ARG 113 ? NH1 ? A ARG 114 NH1 
23 1 Y 1 A ARG 113 ? NH2 ? A ARG 114 NH2 
24 1 Y 1 A THR 122 ? CB  ? A THR 123 CB  
25 1 Y 1 A THR 122 ? OG1 ? A THR 123 OG1 
26 1 Y 1 A THR 122 ? CG2 ? A THR 123 CG2 
27 1 Y 1 A ARG 130 ? CZ  ? A ARG 131 CZ  
28 1 Y 1 A ARG 130 ? NH1 ? A ARG 131 NH1 
29 1 Y 1 A ARG 130 ? NH2 ? A ARG 131 NH2 
# 
loop_
_software.name 
_software.version 
_software.date 
_software.type 
_software.contact_author 
_software.contact_author_email 
_software.classification 
_software.location 
_software.language 
_software.citation_id 
_software.pdbx_ordinal 
REFMAC      5.2.0005  ?               ?       'Murshudov, G.N.' ccp4@dl.ac.uk            refinement        
http://www.ccp4.ac.uk/main.html            Fortran ? 1 
SCALA       .         ?               ?       'Phil Evans'      pre@mrc-lmb.cam.ac.uk    'data scaling'    
http://www.ccp4.ac.uk/dist/html/INDEX.html Fortran ? 2 
PDB_EXTRACT 1.601     'Jan. 30, 2005' package PDB               sw-help@rcsb.rutgers.edu 'data extraction' 
http://pdb.rutgers.edu/software/           C++     ? 3 
MOSFLM      .         ?               ?       ?                 ?                        'data reduction'  ? ?       ? 4 
CCP4        '(SCALA)' ?               ?       ?                 ?                        'data scaling'    ? ?       ? 5 
SHARP       .         ?               ?       ?                 ?                        phasing           ? ?       ? 6 
# 
_cell.entry_id           2FUP 
_cell.length_a           62.531 
_cell.length_b           62.531 
_cell.length_c           80.241 
_cell.angle_alpha        90.000 
_cell.angle_beta         90.000 
_cell.angle_gamma        90.000 
_cell.pdbx_unique_axis   ? 
_cell.Z_PDB              8 
_cell.length_a_esd       ? 
_cell.length_b_esd       ? 
_cell.length_c_esd       ? 
_cell.angle_alpha_esd    ? 
_cell.angle_beta_esd     ? 
_cell.angle_gamma_esd    ? 
# 
_symmetry.Int_Tables_number                96 
_symmetry.space_group_name_H-M             'P 43 21 2' 
_symmetry.entry_id                         2FUP 
_symmetry.pdbx_full_space_group_name_H-M   ? 
_symmetry.cell_setting                     ? 
_symmetry.space_group_name_Hall            ? 
# 
_exptl.crystals_number   1 
_exptl.method            'X-RAY DIFFRACTION' 
_exptl.entry_id          2FUP 
# 
_exptl_crystal.id                    1 
_exptl_crystal.density_percent_sol   45.324837 
_exptl_crystal.density_Matthews      2.249650 
_exptl_crystal.description           ? 
_exptl_crystal.density_meas          ? 
_exptl_crystal.F_000                 ? 
_exptl_crystal.preparation           ? 
# 
_exptl_crystal_grow.crystal_id      1 
_exptl_crystal_grow.method          'VAPOR DIFFUSION, SITTING DROP, NANODROP' 
_exptl_crystal_grow.pH              4.0 
_exptl_crystal_grow.temp            277 
_exptl_crystal_grow.pdbx_details    '20.0% MPD, 0.1M Citrate, pH 4.0, VAPOR DIFFUSION, SITTING DROP, NANODROP, temperature 277K' 
_exptl_crystal_grow.temp_details    ? 
_exptl_crystal_grow.pdbx_pH_range   . 
# 
_diffrn.id                     1 
_diffrn.ambient_temp           100 
_diffrn.ambient_temp_details   ? 
_diffrn.crystal_id             1 
# 
_diffrn_detector.diffrn_id              1 
_diffrn_detector.detector               CCD 
_diffrn_detector.type                   'ADSC QUANTUM 315' 
_diffrn_detector.details                ? 
_diffrn_detector.pdbx_collection_date   2005-12-15 
# 
_diffrn_radiation.diffrn_id                        1 
_diffrn_radiation.pdbx_monochromatic_or_laue_m_l   M 
_diffrn_radiation.monochromator                    'Double Crystal Si(111)' 
_diffrn_radiation.pdbx_diffrn_protocol             MAD 
_diffrn_radiation.wavelength_id                    1 
_diffrn_radiation.pdbx_scattering_type             x-ray 
# 
loop_
_diffrn_radiation_wavelength.id 
_diffrn_radiation_wavelength.wavelength 
_diffrn_radiation_wavelength.wt 
1 0.9797 1.0 
2 0.9999 1.0 
3 0.9795 1.0 
# 
_diffrn_source.diffrn_id                   1 
_diffrn_source.source                      SYNCHROTRON 
_diffrn_source.pdbx_synchrotron_beamline   8.2.2 
_diffrn_source.type                        'ALS BEAMLINE 8.2.2' 
_diffrn_source.pdbx_wavelength             ? 
_diffrn_source.pdbx_wavelength_list        '0.9797, 0.9999, 0.9795' 
_diffrn_source.pdbx_synchrotron_site       ALS 
# 
_reflns.entry_id                     2FUP 
_reflns.d_resolution_low             29.74 
_reflns.d_resolution_high            1.48 
_reflns.number_obs                   27261 
_reflns.percent_possible_obs         100.000 
_reflns.pdbx_Rmerge_I_obs            0.081 
_reflns.pdbx_chi_squared             ? 
_reflns.pdbx_redundancy              6.800 
_reflns.pdbx_scaling_rejects         ? 
_reflns.pdbx_netI_over_sigmaI        5.800 
_reflns.pdbx_Rsym_value              0.081 
_reflns.observed_criterion_sigma_F   ? 
_reflns.observed_criterion_sigma_I   ? 
_reflns.number_all                   ? 
_reflns.B_iso_Wilson_estimate        ? 
_reflns.R_free_details               ? 
_reflns.limit_h_max                  ? 
_reflns.limit_h_min                  ? 
_reflns.limit_k_max                  ? 
_reflns.limit_k_min                  ? 
_reflns.limit_l_max                  ? 
_reflns.limit_l_min                  ? 
_reflns.observed_criterion_F_max     ? 
_reflns.observed_criterion_F_min     ? 
_reflns.pdbx_ordinal                 1 
_reflns.pdbx_diffrn_id               1 
# 
loop_
_reflns_shell.d_res_low 
_reflns_shell.d_res_high 
_reflns_shell.number_measured_obs 
_reflns_shell.percent_possible_all 
_reflns_shell.Rmerge_I_obs 
_reflns_shell.pdbx_chi_squared 
_reflns_shell.pdbx_redundancy 
_reflns_shell.number_unique_obs 
_reflns_shell.meanI_over_sigI_obs 
_reflns_shell.pdbx_Rsym_value 
_reflns_shell.percent_possible_obs 
_reflns_shell.number_unique_all 
_reflns_shell.number_measured_all 
_reflns_shell.pdbx_ordinal 
_reflns_shell.pdbx_diffrn_id 
1.56  1.48 3850 100.000 0.764 ? 5.200 ? 1.000  0.764 ? ? ? 1  1 
1.65  1.56 3705 100.000 0.517 ? 7.100 ? 1.400  0.517 ? ? ? 2  1 
1.77  1.65 3487 100.000 0.338 ? 7.200 ? 2.200  0.338 ? ? ? 3  1 
1.91  1.77 3261 100.000 0.218 ? 7.200 ? 3.400  0.218 ? ? ? 4  1 
2.09  1.91 3029 100.000 0.123 ? 7.200 ? 5.900  0.123 ? ? ? 5  1 
2.34  2.09 2735 100.000 0.076 ? 7.200 ? 8.700  0.076 ? ? ? 6  1 
2.70  2.34 2443 100.000 0.066 ? 7.100 ? 9.500  0.066 ? ? ? 7  1 
3.31  2.70 2099 100.000 0.061 ? 7.000 ? 9.400  0.061 ? ? ? 8  1 
4.68  3.31 1657 100.000 0.048 ? 6.900 ? 10.800 0.048 ? ? ? 9  1 
29.74 4.68 995  99.700  0.038 ? 6.300 ? 12.600 0.038 ? ? ? 10 1 
# 
_refine.ls_d_res_high                            1.480 
_refine.ls_d_res_low                             29.71 
_refine.pdbx_ls_sigma_F                          0.00 
_refine.ls_percent_reflns_obs                    99.940 
_refine.ls_number_reflns_obs                     27190 
_refine.pdbx_ls_cross_valid_method               THROUGHOUT 
_refine.pdbx_R_Free_selection_details            RANDOM 
_refine.details                                  
;1. HYDROGENS HAVE BEEN ADDED IN THE RIDING POSITIONS. 2. A MET-INHIBITION PROTOCOL WAS USED FOR SELENOMETHIONINE INCORPORATION DURING PROTEIN EXPRESSION.  THE OCCUPANCY OF THE SE ATOMS IN THE MSE RESIDUES WAS REDUCED TO 0.75 TO ACCOUNT FOR THE REDUCED SCATTERING POWER DUE TO PARTIAL S-MET INCORPORATION. 3. RESIDUES 115-116 WERE DISORDERED AND NOT INCLUDED IN THE MODEL. 4. ATOM RECORD CONTAINS RESIDUAL B FACTORS ONLY.
;
_refine.ls_R_factor_obs                          0.19 
_refine.ls_R_factor_R_work                       0.188 
_refine.ls_R_factor_R_free                       0.218 
_refine.ls_percent_reflns_R_free                 5.000 
_refine.ls_number_reflns_R_free                  1361 
_refine.B_iso_mean                               22.417 
_refine.aniso_B[1][1]                            -0.510 
_refine.aniso_B[2][2]                            -0.510 
_refine.aniso_B[3][3]                            1.010 
_refine.aniso_B[1][2]                            0.000 
_refine.aniso_B[1][3]                            0.000 
_refine.aniso_B[2][3]                            0.000 
_refine.correlation_coeff_Fo_to_Fc               0.958 
_refine.correlation_coeff_Fo_to_Fc_free          0.937 
_refine.pdbx_overall_ESU_R                       0.065 
_refine.pdbx_overall_ESU_R_Free                  0.068 
_refine.overall_SU_ML                            0.045 
_refine.overall_SU_B                             2.390 
_refine.solvent_model_details                    'BABINET MODEL WITH MASK' 
_refine.pdbx_solvent_vdw_probe_radii             1.200 
_refine.pdbx_solvent_ion_probe_radii             0.800 
_refine.pdbx_solvent_shrinkage_radii             0.800 
_refine.pdbx_method_to_determine_struct          MAD 
_refine.pdbx_stereochemistry_target_values       'MAXIMUM LIKELIHOOD WITH PHASES' 
_refine.entry_id                                 2FUP 
_refine.ls_R_factor_all                          ? 
_refine.ls_number_reflns_all                     ? 
_refine.pdbx_ls_sigma_I                          ? 
_refine.ls_redundancy_reflns_obs                 ? 
_refine.pdbx_data_cutoff_high_absF               ? 
_refine.pdbx_data_cutoff_low_absF                ? 
_refine.ls_number_parameters                     ? 
_refine.ls_number_restraints                     ? 
_refine.ls_R_factor_R_free_error                 ? 
_refine.ls_R_factor_R_free_error_details         ? 
_refine.pdbx_starting_model                      ? 
_refine.pdbx_isotropic_thermal_model             ? 
_refine.pdbx_stereochem_target_val_spec_case     ? 
_refine.solvent_model_param_bsol                 ? 
_refine.solvent_model_param_ksol                 ? 
_refine.occupancy_max                            ? 
_refine.occupancy_min                            ? 
_refine.pdbx_data_cutoff_high_rms_absF           ? 
_refine.B_iso_min                                ? 
_refine.B_iso_max                                ? 
_refine.overall_SU_R_Cruickshank_DPI             ? 
_refine.overall_SU_R_free                        ? 
_refine.ls_wR_factor_R_free                      ? 
_refine.ls_wR_factor_R_work                      ? 
_refine.overall_FOM_free_R_set                   ? 
_refine.overall_FOM_work_R_set                   ? 
_refine.pdbx_refine_id                           'X-RAY DIFFRACTION' 
_refine.pdbx_TLS_residual_ADP_flag               'LIKELY RESIDUAL' 
_refine.pdbx_diffrn_id                           1 
_refine.pdbx_overall_phase_error                 ? 
_refine.pdbx_overall_SU_R_free_Cruickshank_DPI   ? 
_refine.pdbx_overall_SU_R_Blow_DPI               ? 
_refine.pdbx_overall_SU_R_free_Blow_DPI          ? 
# 
_refine_hist.pdbx_refine_id                   'X-RAY DIFFRACTION' 
_refine_hist.cycle_id                         LAST 
_refine_hist.pdbx_number_atoms_protein        974 
_refine_hist.pdbx_number_atoms_nucleic_acid   0 
_refine_hist.pdbx_number_atoms_ligand         8 
_refine_hist.number_atoms_solvent             110 
_refine_hist.number_atoms_total               1092 
_refine_hist.d_res_high                       1.480 
_refine_hist.d_res_low                        29.71 
# 
loop_
_refine_ls_restr.type 
_refine_ls_restr.number 
_refine_ls_restr.dev_ideal 
_refine_ls_restr.dev_ideal_target 
_refine_ls_restr.weight 
_refine_ls_restr.pdbx_refine_id 
_refine_ls_restr.pdbx_restraint_function 
r_bond_refined_d         1018 0.018  0.021  ? 'X-RAY DIFFRACTION' ? 
r_bond_other_d           971  0.001  0.020  ? 'X-RAY DIFFRACTION' ? 
r_angle_refined_deg      1372 1.713  2.001  ? 'X-RAY DIFFRACTION' ? 
r_angle_other_deg        2245 0.923  3.000  ? 'X-RAY DIFFRACTION' ? 
r_dihedral_angle_1_deg   130  4.246  5.000  ? 'X-RAY DIFFRACTION' ? 
r_dihedral_angle_2_deg   56   37.347 24.821 ? 'X-RAY DIFFRACTION' ? 
r_dihedral_angle_3_deg   189  11.360 15.000 ? 'X-RAY DIFFRACTION' ? 
r_dihedral_angle_4_deg   12   16.991 15.000 ? 'X-RAY DIFFRACTION' ? 
r_chiral_restr           154  0.099  0.200  ? 'X-RAY DIFFRACTION' ? 
r_gen_planes_refined     1150 0.008  0.020  ? 'X-RAY DIFFRACTION' ? 
r_gen_planes_other       190  0.001  0.020  ? 'X-RAY DIFFRACTION' ? 
r_nbd_refined            270  0.247  0.200  ? 'X-RAY DIFFRACTION' ? 
r_nbd_other              1008 0.187  0.200  ? 'X-RAY DIFFRACTION' ? 
r_nbtor_refined          514  0.178  0.200  ? 'X-RAY DIFFRACTION' ? 
r_nbtor_other            626  0.084  0.200  ? 'X-RAY DIFFRACTION' ? 
r_xyhbond_nbd_refined    81   0.175  0.200  ? 'X-RAY DIFFRACTION' ? 
r_symmetry_vdw_refined   11   0.256  0.200  ? 'X-RAY DIFFRACTION' ? 
r_symmetry_vdw_other     58   0.257  0.200  ? 'X-RAY DIFFRACTION' ? 
r_symmetry_hbond_refined 9    0.240  0.200  ? 'X-RAY DIFFRACTION' ? 
r_mcbond_it              664  2.458  3.000  ? 'X-RAY DIFFRACTION' ? 
r_mcbond_other           266  0.552  3.000  ? 'X-RAY DIFFRACTION' ? 
r_mcangle_it             1008 3.115  5.000  ? 'X-RAY DIFFRACTION' ? 
r_scbond_it              384  5.352  8.000  ? 'X-RAY DIFFRACTION' ? 
r_scangle_it             362  8.118  11.000 ? 'X-RAY DIFFRACTION' ? 
# 
_refine_ls_shell.d_res_high                       1.480 
_refine_ls_shell.d_res_low                        1.518 
_refine_ls_shell.pdbx_total_number_of_bins_used   20 
_refine_ls_shell.percent_reflns_obs               99.650 
_refine_ls_shell.number_reflns_R_work             1871 
_refine_ls_shell.R_factor_all                     ? 
_refine_ls_shell.R_factor_R_work                  0.279 
_refine_ls_shell.R_factor_R_free                  0.3 
_refine_ls_shell.percent_reflns_R_free            ? 
_refine_ls_shell.number_reflns_R_free             105 
_refine_ls_shell.R_factor_R_free_error            ? 
_refine_ls_shell.number_reflns_all                1976 
_refine_ls_shell.number_reflns_obs                ? 
_refine_ls_shell.redundancy_reflns_obs            ? 
_refine_ls_shell.pdbx_refine_id                   'X-RAY DIFFRACTION' 
# 
_struct.entry_id                  2FUP 
_struct.title                     
'Crystal structure of a putative flagella synthesis protein flgn (pa3352) from pseudomonas aeruginosa at 1.48 A resolution' 
_struct.pdbx_model_details        ? 
_struct.pdbx_CASP_flag            ? 
_struct.pdbx_model_type_details   ? 
# 
_struct_keywords.text            
'Structural genomics, Joint Center for Structural Genomics, JCSG, Protein Structure Initiative, PSI-2, biosynthetic protein' 
_struct_keywords.pdbx_keywords   'BIOSYNTHETIC PROTEIN' 
_struct_keywords.entry_id        2FUP 
# 
loop_
_struct_asym.id 
_struct_asym.pdbx_blank_PDB_chainid_flag 
_struct_asym.pdbx_modified 
_struct_asym.entity_id 
_struct_asym.details 
A N N 1 ? 
B N N 2 ? 
C N N 3 ? 
# 
_struct_ref.id                         1 
_struct_ref.db_name                    GB 
_struct_ref.db_code                    NP_252042 
_struct_ref.pdbx_db_accession          15598548 
_struct_ref.entity_id                  1 
_struct_ref.pdbx_seq_one_letter_code   
;MPDSPTLLDLFAEDIGHANQLLQLVDEEFQALERRELPVLQQLLGAKQPLMQQLERNGRARAEILREAGVSLDREGLARY
ARERADGAELLARGDELGELLERCQQANLRNGRIIRANQASTGSLLNILRGQDAPSLYDSRGGTASSSRQRPLSQA
;
_struct_ref.pdbx_align_begin           1 
_struct_ref.pdbx_db_isoform            ? 
# 
_struct_ref_seq.align_id                      1 
_struct_ref_seq.ref_id                        1 
_struct_ref_seq.pdbx_PDB_id_code              2FUP 
_struct_ref_seq.pdbx_strand_id                A 
_struct_ref_seq.seq_align_beg                 2 
_struct_ref_seq.pdbx_seq_align_beg_ins_code   ? 
_struct_ref_seq.seq_align_end                 157 
_struct_ref_seq.pdbx_seq_align_end_ins_code   ? 
_struct_ref_seq.pdbx_db_accession             15598548 
_struct_ref_seq.db_align_beg                  1 
_struct_ref_seq.pdbx_db_align_beg_ins_code    ? 
_struct_ref_seq.db_align_end                  156 
_struct_ref_seq.pdbx_db_align_end_ins_code    ? 
_struct_ref_seq.pdbx_auth_seq_align_beg       1 
_struct_ref_seq.pdbx_auth_seq_align_end       156 
# 
loop_
_struct_ref_seq_dif.align_id 
_struct_ref_seq_dif.pdbx_pdb_id_code 
_struct_ref_seq_dif.mon_id 
_struct_ref_seq_dif.pdbx_pdb_strand_id 
_struct_ref_seq_dif.seq_num 
_struct_ref_seq_dif.pdbx_pdb_ins_code 
_struct_ref_seq_dif.pdbx_seq_db_name 
_struct_ref_seq_dif.pdbx_seq_db_accession_code 
_struct_ref_seq_dif.db_mon_id 
_struct_ref_seq_dif.pdbx_seq_db_seq_num 
_struct_ref_seq_dif.details 
_struct_ref_seq_dif.pdbx_auth_seq_num 
_struct_ref_seq_dif.pdbx_ordinal 
1 2FUP GLY A 1  ? GB 15598548 ?   ?  'expression tag'   0  1 
1 2FUP MSE A 2  ? GB 15598548 MET 1  'modified residue' 1  2 
1 2FUP MSE A 52 ? GB 15598548 MET 51 'modified residue' 51 3 
# 
_pdbx_struct_assembly.id                   1 
_pdbx_struct_assembly.details              author_defined_assembly 
_pdbx_struct_assembly.method_details       ? 
_pdbx_struct_assembly.oligomeric_details   monomeric 
_pdbx_struct_assembly.oligomeric_count     1 
# 
_pdbx_struct_assembly_gen.assembly_id       1 
_pdbx_struct_assembly_gen.oper_expression   1 
_pdbx_struct_assembly_gen.asym_id_list      A,B,C 
# 
_pdbx_struct_oper_list.id                   1 
_pdbx_struct_oper_list.type                 'identity operation' 
_pdbx_struct_oper_list.name                 1_555 
_pdbx_struct_oper_list.symmetry_operation   x,y,z 
_pdbx_struct_oper_list.matrix[1][1]         1.0000000000 
_pdbx_struct_oper_list.matrix[1][2]         0.0000000000 
_pdbx_struct_oper_list.matrix[1][3]         0.0000000000 
_pdbx_struct_oper_list.vector[1]            0.0000000000 
_pdbx_struct_oper_list.matrix[2][1]         0.0000000000 
_pdbx_struct_oper_list.matrix[2][2]         1.0000000000 
_pdbx_struct_oper_list.matrix[2][3]         0.0000000000 
_pdbx_struct_oper_list.vector[2]            0.0000000000 
_pdbx_struct_oper_list.matrix[3][1]         0.0000000000 
_pdbx_struct_oper_list.matrix[3][2]         0.0000000000 
_pdbx_struct_oper_list.matrix[3][3]         1.0000000000 
_pdbx_struct_oper_list.vector[3]            0.0000000000 
# 
_struct_biol.id   1 
# 
loop_
_struct_conf.conf_type_id 
_struct_conf.id 
_struct_conf.pdbx_PDB_helix_id 
_struct_conf.beg_label_comp_id 
_struct_conf.beg_label_asym_id 
_struct_conf.beg_label_seq_id 
_struct_conf.pdbx_beg_PDB_ins_code 
_struct_conf.end_label_comp_id 
_struct_conf.end_label_asym_id 
_struct_conf.end_label_seq_id 
_struct_conf.pdbx_end_PDB_ins_code 
_struct_conf.beg_auth_comp_id 
_struct_conf.beg_auth_asym_id 
_struct_conf.beg_auth_seq_id 
_struct_conf.end_auth_comp_id 
_struct_conf.end_auth_asym_id 
_struct_conf.end_auth_seq_id 
_struct_conf.pdbx_PDB_helix_class 
_struct_conf.details 
_struct_conf.pdbx_PDB_helix_length 
HELX_P HELX_P1 1 PRO A 6   ? ARG A 35  ? PRO A 5   ARG A 34  1 ? 30 
HELX_P HELX_P2 2 LEU A 38  ? ALA A 69  ? LEU A 37  ALA A 68  1 ? 32 
HELX_P HELX_P3 3 ASP A 74  ? ARG A 83  ? ASP A 73  ARG A 82  1 ? 10 
HELX_P HELX_P4 4 ASP A 87  ? ILE A 115 ? ASP A 86  ILE A 114 1 ? 29 
HELX_P HELX_P5 5 GLN A 120 ? ARG A 131 ? GLN A 119 ARG A 130 1 ? 12 
# 
_struct_conf_type.id          HELX_P 
_struct_conf_type.criteria    ? 
_struct_conf_type.reference   ? 
# 
loop_
_struct_conn.id 
_struct_conn.conn_type_id 
_struct_conn.pdbx_leaving_atom_flag 
_struct_conn.pdbx_PDB_id 
_struct_conn.ptnr1_label_asym_id 
_struct_conn.ptnr1_label_comp_id 
_struct_conn.ptnr1_label_seq_id 
_struct_conn.ptnr1_label_atom_id 
_struct_conn.pdbx_ptnr1_label_alt_id 
_struct_conn.pdbx_ptnr1_PDB_ins_code 
_struct_conn.pdbx_ptnr1_standard_comp_id 
_struct_conn.ptnr1_symmetry 
_struct_conn.ptnr2_label_asym_id 
_struct_conn.ptnr2_label_comp_id 
_struct_conn.ptnr2_label_seq_id 
_struct_conn.ptnr2_label_atom_id 
_struct_conn.pdbx_ptnr2_label_alt_id 
_struct_conn.pdbx_ptnr2_PDB_ins_code 
_struct_conn.ptnr1_auth_asym_id 
_struct_conn.ptnr1_auth_comp_id 
_struct_conn.ptnr1_auth_seq_id 
_struct_conn.ptnr2_auth_asym_id 
_struct_conn.ptnr2_auth_comp_id 
_struct_conn.ptnr2_auth_seq_id 
_struct_conn.ptnr2_symmetry 
_struct_conn.pdbx_ptnr3_label_atom_id 
_struct_conn.pdbx_ptnr3_label_seq_id 
_struct_conn.pdbx_ptnr3_label_comp_id 
_struct_conn.pdbx_ptnr3_label_asym_id 
_struct_conn.pdbx_ptnr3_label_alt_id 
_struct_conn.pdbx_ptnr3_PDB_ins_code 
_struct_conn.details 
_struct_conn.pdbx_dist_value 
_struct_conn.pdbx_value_order 
_struct_conn.pdbx_role 
covale1 covale both ? A MSE 2  C ? ? ? 1_555 A PRO 3  N ? ? A MSE 1  A PRO 2  1_555 ? ? ? ? ? ? ? 1.347 ? ? 
covale2 covale both ? A LEU 51 C ? ? ? 1_555 A MSE 52 N ? ? A LEU 50 A MSE 51 1_555 ? ? ? ? ? ? ? 1.317 ? ? 
covale3 covale both ? A MSE 52 C ? ? ? 1_555 A GLN 53 N ? ? A MSE 51 A GLN 52 1_555 ? ? ? ? ? ? ? 1.321 ? ? 
# 
_struct_conn_type.id          covale 
_struct_conn_type.criteria    ? 
_struct_conn_type.reference   ? 
# 
loop_
_pdbx_modification_feature.ordinal 
_pdbx_modification_feature.label_comp_id 
_pdbx_modification_feature.label_asym_id 
_pdbx_modification_feature.label_seq_id 
_pdbx_modification_feature.label_alt_id 
_pdbx_modification_feature.modified_residue_label_comp_id 
_pdbx_modification_feature.modified_residue_label_asym_id 
_pdbx_modification_feature.modified_residue_label_seq_id 
_pdbx_modification_feature.modified_residue_label_alt_id 
_pdbx_modification_feature.auth_comp_id 
_pdbx_modification_feature.auth_asym_id 
_pdbx_modification_feature.auth_seq_id 
_pdbx_modification_feature.PDB_ins_code 
_pdbx_modification_feature.symmetry 
_pdbx_modification_feature.modified_residue_auth_comp_id 
_pdbx_modification_feature.modified_residue_auth_asym_id 
_pdbx_modification_feature.modified_residue_auth_seq_id 
_pdbx_modification_feature.modified_residue_PDB_ins_code 
_pdbx_modification_feature.modified_residue_symmetry 
_pdbx_modification_feature.comp_id_linking_atom 
_pdbx_modification_feature.modified_residue_id_linking_atom 
_pdbx_modification_feature.modified_residue_id 
_pdbx_modification_feature.ref_pcm_id 
_pdbx_modification_feature.ref_comp_id 
_pdbx_modification_feature.type 
_pdbx_modification_feature.category 
1 MSE A 2  ? . . . . MSE A 1  ? 1_555 . . . . . . . MET 1 MSE Selenomethionine 'Named protein modification' 
2 MSE A 52 ? . . . . MSE A 51 ? 1_555 . . . . . . . MET 1 MSE Selenomethionine 'Named protein modification' 
# 
_struct_site.id                   AC1 
_struct_site.pdbx_evidence_code   Software 
_struct_site.pdbx_auth_asym_id    A 
_struct_site.pdbx_auth_comp_id    MPD 
_struct_site.pdbx_auth_seq_id     157 
_struct_site.pdbx_auth_ins_code   ? 
_struct_site.pdbx_num_residues    5 
_struct_site.details              'BINDING SITE FOR RESIDUE MPD A 157' 
# 
loop_
_struct_site_gen.id 
_struct_site_gen.site_id 
_struct_site_gen.pdbx_num_res 
_struct_site_gen.label_comp_id 
_struct_site_gen.label_asym_id 
_struct_site_gen.label_seq_id 
_struct_site_gen.pdbx_auth_ins_code 
_struct_site_gen.auth_comp_id 
_struct_site_gen.auth_asym_id 
_struct_site_gen.auth_seq_id 
_struct_site_gen.label_atom_id 
_struct_site_gen.label_alt_id 
_struct_site_gen.symmetry 
_struct_site_gen.details 
1 AC1 5 PHE A 12 ? PHE A 11  . ? 1_555 ? 
2 AC1 5 GLU A 68 ? GLU A 67  . ? 3_654 ? 
3 AC1 5 ASP A 74 ? ASP A 73  . ? 1_555 ? 
4 AC1 5 GLY A 95 ? GLY A 94  . ? 1_555 ? 
5 AC1 5 HOH C .  ? HOH A 218 . ? 1_555 ? 
# 
_pdbx_entry_details.entry_id                   2FUP 
_pdbx_entry_details.compound_details           ? 
_pdbx_entry_details.source_details             ? 
_pdbx_entry_details.nonpolymer_details         ? 
_pdbx_entry_details.sequence_details           ? 
_pdbx_entry_details.has_ligand_of_interest     ? 
_pdbx_entry_details.has_protein_modification   Y 
# 
_pdbx_validate_symm_contact.id                1 
_pdbx_validate_symm_contact.PDB_model_num     1 
_pdbx_validate_symm_contact.auth_atom_id_1    OE2 
_pdbx_validate_symm_contact.auth_asym_id_1    A 
_pdbx_validate_symm_contact.auth_comp_id_1    GLU 
_pdbx_validate_symm_contact.auth_seq_id_1     36 
_pdbx_validate_symm_contact.PDB_ins_code_1    ? 
_pdbx_validate_symm_contact.label_alt_id_1    ? 
_pdbx_validate_symm_contact.site_symmetry_1   1_555 
_pdbx_validate_symm_contact.auth_atom_id_2    O 
_pdbx_validate_symm_contact.auth_asym_id_2    A 
_pdbx_validate_symm_contact.auth_comp_id_2    HOH 
_pdbx_validate_symm_contact.auth_seq_id_2     223 
_pdbx_validate_symm_contact.PDB_ins_code_2    ? 
_pdbx_validate_symm_contact.label_alt_id_2    ? 
_pdbx_validate_symm_contact.site_symmetry_2   5_645 
_pdbx_validate_symm_contact.dist              2.15 
# 
_pdbx_validate_rmsd_bond.id                        1 
_pdbx_validate_rmsd_bond.PDB_model_num             1 
_pdbx_validate_rmsd_bond.auth_atom_id_1            CD 
_pdbx_validate_rmsd_bond.auth_asym_id_1            A 
_pdbx_validate_rmsd_bond.auth_comp_id_1            GLU 
_pdbx_validate_rmsd_bond.auth_seq_id_1             89 
_pdbx_validate_rmsd_bond.PDB_ins_code_1            ? 
_pdbx_validate_rmsd_bond.label_alt_id_1            ? 
_pdbx_validate_rmsd_bond.auth_atom_id_2            OE2 
_pdbx_validate_rmsd_bond.auth_asym_id_2            A 
_pdbx_validate_rmsd_bond.auth_comp_id_2            GLU 
_pdbx_validate_rmsd_bond.auth_seq_id_2             89 
_pdbx_validate_rmsd_bond.PDB_ins_code_2            ? 
_pdbx_validate_rmsd_bond.label_alt_id_2            ? 
_pdbx_validate_rmsd_bond.bond_value                1.178 
_pdbx_validate_rmsd_bond.bond_target_value         1.252 
_pdbx_validate_rmsd_bond.bond_deviation            -0.074 
_pdbx_validate_rmsd_bond.bond_standard_deviation   0.011 
_pdbx_validate_rmsd_bond.linker_flag               N 
# 
_pdbx_validate_rmsd_angle.id                         1 
_pdbx_validate_rmsd_angle.PDB_model_num              1 
_pdbx_validate_rmsd_angle.auth_atom_id_1             NE 
_pdbx_validate_rmsd_angle.auth_asym_id_1             A 
_pdbx_validate_rmsd_angle.auth_comp_id_1             ARG 
_pdbx_validate_rmsd_angle.auth_seq_id_1              93 
_pdbx_validate_rmsd_angle.PDB_ins_code_1             ? 
_pdbx_validate_rmsd_angle.label_alt_id_1             ? 
_pdbx_validate_rmsd_angle.auth_atom_id_2             CZ 
_pdbx_validate_rmsd_angle.auth_asym_id_2             A 
_pdbx_validate_rmsd_angle.auth_comp_id_2             ARG 
_pdbx_validate_rmsd_angle.auth_seq_id_2              93 
_pdbx_validate_rmsd_angle.PDB_ins_code_2             ? 
_pdbx_validate_rmsd_angle.label_alt_id_2             ? 
_pdbx_validate_rmsd_angle.auth_atom_id_3             NH1 
_pdbx_validate_rmsd_angle.auth_asym_id_3             A 
_pdbx_validate_rmsd_angle.auth_comp_id_3             ARG 
_pdbx_validate_rmsd_angle.auth_seq_id_3              93 
_pdbx_validate_rmsd_angle.PDB_ins_code_3             ? 
_pdbx_validate_rmsd_angle.label_alt_id_3             ? 
_pdbx_validate_rmsd_angle.angle_value                123.52 
_pdbx_validate_rmsd_angle.angle_target_value         120.30 
_pdbx_validate_rmsd_angle.angle_deviation            3.22 
_pdbx_validate_rmsd_angle.angle_standard_deviation   0.50 
_pdbx_validate_rmsd_angle.linker_flag                N 
# 
_pdbx_validate_torsion.id              1 
_pdbx_validate_torsion.PDB_model_num   1 
_pdbx_validate_torsion.auth_comp_id    ASP 
_pdbx_validate_torsion.auth_asym_id    A 
_pdbx_validate_torsion.auth_seq_id     3 
_pdbx_validate_torsion.PDB_ins_code    ? 
_pdbx_validate_torsion.label_alt_id    ? 
_pdbx_validate_torsion.phi             -146.10 
_pdbx_validate_torsion.psi             32.15 
# 
_pdbx_SG_project.project_name          'PSI, Protein Structure Initiative' 
_pdbx_SG_project.full_name_of_center   'Joint Center for Structural Genomics' 
_pdbx_SG_project.id                    1 
_pdbx_SG_project.initial_of_center     JCSG 
# 
loop_
_pdbx_struct_mod_residue.id 
_pdbx_struct_mod_residue.label_asym_id 
_pdbx_struct_mod_residue.label_comp_id 
_pdbx_struct_mod_residue.label_seq_id 
_pdbx_struct_mod_residue.auth_asym_id 
_pdbx_struct_mod_residue.auth_comp_id 
_pdbx_struct_mod_residue.auth_seq_id 
_pdbx_struct_mod_residue.PDB_ins_code 
_pdbx_struct_mod_residue.parent_comp_id 
_pdbx_struct_mod_residue.details 
1 A MSE 2  A MSE 1  ? MET SELENOMETHIONINE 
2 A MSE 52 A MSE 51 ? MET SELENOMETHIONINE 
# 
_pdbx_refine_tls.id               1 
_pdbx_refine_tls.details          ? 
_pdbx_refine_tls.method           refined 
_pdbx_refine_tls.origin_x         0.0377 
_pdbx_refine_tls.origin_y         -0.0544 
_pdbx_refine_tls.origin_z         0.1402 
_pdbx_refine_tls.T[1][1]          -0.0849 
_pdbx_refine_tls.T[2][2]          -0.0790 
_pdbx_refine_tls.T[3][3]          -0.1122 
_pdbx_refine_tls.T[1][2]          -0.0105 
_pdbx_refine_tls.T[1][3]          -0.0082 
_pdbx_refine_tls.T[2][3]          -0.0339 
_pdbx_refine_tls.L[1][1]          1.1576 
_pdbx_refine_tls.L[2][2]          1.0599 
_pdbx_refine_tls.L[3][3]          0.5261 
_pdbx_refine_tls.L[1][2]          -0.6831 
_pdbx_refine_tls.L[1][3]          0.5707 
_pdbx_refine_tls.L[2][3]          -0.2359 
_pdbx_refine_tls.S[1][1]          -0.0032 
_pdbx_refine_tls.S[2][2]          -0.0543 
_pdbx_refine_tls.S[3][3]          0.0575 
_pdbx_refine_tls.S[1][2]          0.1509 
_pdbx_refine_tls.S[1][3]          0.1444 
_pdbx_refine_tls.S[2][3]          -0.1581 
_pdbx_refine_tls.S[2][1]          0.0338 
_pdbx_refine_tls.S[3][1]          -0.0134 
_pdbx_refine_tls.S[3][2]          0.1236 
_pdbx_refine_tls.pdbx_refine_id   'X-RAY DIFFRACTION' 
# 
loop_
_pdbx_refine_tls_group.id 
_pdbx_refine_tls_group.refine_tls_id 
_pdbx_refine_tls_group.beg_label_asym_id 
_pdbx_refine_tls_group.beg_label_seq_id 
_pdbx_refine_tls_group.end_label_asym_id 
_pdbx_refine_tls_group.end_label_seq_id 
_pdbx_refine_tls_group.selection 
_pdbx_refine_tls_group.beg_auth_asym_id 
_pdbx_refine_tls_group.beg_auth_seq_id 
_pdbx_refine_tls_group.end_auth_asym_id 
_pdbx_refine_tls_group.end_auth_seq_id 
_pdbx_refine_tls_group.pdbx_refine_id 
_pdbx_refine_tls_group.selection_details 
1 1 A 2   A 115 ALL A 1   A 114 'X-RAY DIFFRACTION' ? 
2 1 A 118 A 131 ALL A 117 A 130 'X-RAY DIFFRACTION' ? 
# 
_phasing.method   MAD 
# 
loop_
_pdbx_database_remark.id 
_pdbx_database_remark.text 
300 
;BIOMOLECULE: 1 
THIS ENTRY CONTAINS THE CRYSTALLOGRAPHIC ASYMMETRIC UNIT 
WHICH CONSISTS OF 1 CHAIN(S). SEE REMARK 350 FOR 
INFORMATION ON GENERATING THE BIOLOGICAL MOLECULE(S). 
SIZE EXCLUSION CHROMATOGRAPHY SUPPORTS THE ASSIGNMENT 
OF A MONOMER AS A BIOLOGICALLY SIGNIFICANT OLIGOMERIZATION 
STATE.
;
999 
;SEQUENCE 
THE CONSTRUCT WAS EXPRESSED WITH A PURIFICATION 
TAG MGSDKIHHHHHHENLYFQG. THE TAG WAS REMOVED 
WITH TEV PROTEASE LEAVING ONLY A GLYCINE (0) 
FOLLOWED BY THE TARGET SEQUENCE. 
;
# 
loop_
_pdbx_unobs_or_zero_occ_residues.id 
_pdbx_unobs_or_zero_occ_residues.PDB_model_num 
_pdbx_unobs_or_zero_occ_residues.polymer_flag 
_pdbx_unobs_or_zero_occ_residues.occupancy_flag 
_pdbx_unobs_or_zero_occ_residues.auth_asym_id 
_pdbx_unobs_or_zero_occ_residues.auth_comp_id 
_pdbx_unobs_or_zero_occ_residues.auth_seq_id 
_pdbx_unobs_or_zero_occ_residues.PDB_ins_code 
_pdbx_unobs_or_zero_occ_residues.label_asym_id 
_pdbx_unobs_or_zero_occ_residues.label_comp_id 
_pdbx_unobs_or_zero_occ_residues.label_seq_id 
1  1 Y 1 A GLY 0   ? A GLY 1   
2  1 Y 1 A ILE 115 ? A ILE 116 
3  1 Y 1 A ARG 116 ? A ARG 117 
4  1 Y 1 A GLY 131 ? A GLY 132 
5  1 Y 1 A GLN 132 ? A GLN 133 
6  1 Y 1 A ASP 133 ? A ASP 134 
7  1 Y 1 A ALA 134 ? A ALA 135 
8  1 Y 1 A PRO 135 ? A PRO 136 
9  1 Y 1 A SER 136 ? A SER 137 
10 1 Y 1 A LEU 137 ? A LEU 138 
11 1 Y 1 A TYR 138 ? A TYR 139 
12 1 Y 1 A ASP 139 ? A ASP 140 
13 1 Y 1 A SER 140 ? A SER 141 
14 1 Y 1 A ARG 141 ? A ARG 142 
15 1 Y 1 A GLY 142 ? A GLY 143 
16 1 Y 1 A GLY 143 ? A GLY 144 
17 1 Y 1 A THR 144 ? A THR 145 
18 1 Y 1 A ALA 145 ? A ALA 146 
19 1 Y 1 A SER 146 ? A SER 147 
20 1 Y 1 A SER 147 ? A SER 148 
21 1 Y 1 A SER 148 ? A SER 149 
22 1 Y 1 A ARG 149 ? A ARG 150 
23 1 Y 1 A GLN 150 ? A GLN 151 
24 1 Y 1 A ARG 151 ? A ARG 152 
25 1 Y 1 A PRO 152 ? A PRO 153 
26 1 Y 1 A LEU 153 ? A LEU 154 
27 1 Y 1 A SER 154 ? A SER 155 
28 1 Y 1 A GLN 155 ? A GLN 156 
29 1 Y 1 A ALA 156 ? A ALA 157 
# 
loop_
_chem_comp_atom.comp_id 
_chem_comp_atom.atom_id 
_chem_comp_atom.type_symbol 
_chem_comp_atom.pdbx_aromatic_flag 
_chem_comp_atom.pdbx_stereo_config 
_chem_comp_atom.pdbx_ordinal 
ALA N    N  N N 1   
ALA CA   C  N S 2   
ALA C    C  N N 3   
ALA O    O  N N 4   
ALA CB   C  N N 5   
ALA OXT  O  N N 6   
ALA H    H  N N 7   
ALA H2   H  N N 8   
ALA HA   H  N N 9   
ALA HB1  H  N N 10  
ALA HB2  H  N N 11  
ALA HB3  H  N N 12  
ALA HXT  H  N N 13  
ARG N    N  N N 14  
ARG CA   C  N S 15  
ARG C    C  N N 16  
ARG O    O  N N 17  
ARG CB   C  N N 18  
ARG CG   C  N N 19  
ARG CD   C  N N 20  
ARG NE   N  N N 21  
ARG CZ   C  N N 22  
ARG NH1  N  N N 23  
ARG NH2  N  N N 24  
ARG OXT  O  N N 25  
ARG H    H  N N 26  
ARG H2   H  N N 27  
ARG HA   H  N N 28  
ARG HB2  H  N N 29  
ARG HB3  H  N N 30  
ARG HG2  H  N N 31  
ARG HG3  H  N N 32  
ARG HD2  H  N N 33  
ARG HD3  H  N N 34  
ARG HE   H  N N 35  
ARG HH11 H  N N 36  
ARG HH12 H  N N 37  
ARG HH21 H  N N 38  
ARG HH22 H  N N 39  
ARG HXT  H  N N 40  
ASN N    N  N N 41  
ASN CA   C  N S 42  
ASN C    C  N N 43  
ASN O    O  N N 44  
ASN CB   C  N N 45  
ASN CG   C  N N 46  
ASN OD1  O  N N 47  
ASN ND2  N  N N 48  
ASN OXT  O  N N 49  
ASN H    H  N N 50  
ASN H2   H  N N 51  
ASN HA   H  N N 52  
ASN HB2  H  N N 53  
ASN HB3  H  N N 54  
ASN HD21 H  N N 55  
ASN HD22 H  N N 56  
ASN HXT  H  N N 57  
ASP N    N  N N 58  
ASP CA   C  N S 59  
ASP C    C  N N 60  
ASP O    O  N N 61  
ASP CB   C  N N 62  
ASP CG   C  N N 63  
ASP OD1  O  N N 64  
ASP OD2  O  N N 65  
ASP OXT  O  N N 66  
ASP H    H  N N 67  
ASP H2   H  N N 68  
ASP HA   H  N N 69  
ASP HB2  H  N N 70  
ASP HB3  H  N N 71  
ASP HD2  H  N N 72  
ASP HXT  H  N N 73  
CYS N    N  N N 74  
CYS CA   C  N R 75  
CYS C    C  N N 76  
CYS O    O  N N 77  
CYS CB   C  N N 78  
CYS SG   S  N N 79  
CYS OXT  O  N N 80  
CYS H    H  N N 81  
CYS H2   H  N N 82  
CYS HA   H  N N 83  
CYS HB2  H  N N 84  
CYS HB3  H  N N 85  
CYS HG   H  N N 86  
CYS HXT  H  N N 87  
GLN N    N  N N 88  
GLN CA   C  N S 89  
GLN C    C  N N 90  
GLN O    O  N N 91  
GLN CB   C  N N 92  
GLN CG   C  N N 93  
GLN CD   C  N N 94  
GLN OE1  O  N N 95  
GLN NE2  N  N N 96  
GLN OXT  O  N N 97  
GLN H    H  N N 98  
GLN H2   H  N N 99  
GLN HA   H  N N 100 
GLN HB2  H  N N 101 
GLN HB3  H  N N 102 
GLN HG2  H  N N 103 
GLN HG3  H  N N 104 
GLN HE21 H  N N 105 
GLN HE22 H  N N 106 
GLN HXT  H  N N 107 
GLU N    N  N N 108 
GLU CA   C  N S 109 
GLU C    C  N N 110 
GLU O    O  N N 111 
GLU CB   C  N N 112 
GLU CG   C  N N 113 
GLU CD   C  N N 114 
GLU OE1  O  N N 115 
GLU OE2  O  N N 116 
GLU OXT  O  N N 117 
GLU H    H  N N 118 
GLU H2   H  N N 119 
GLU HA   H  N N 120 
GLU HB2  H  N N 121 
GLU HB3  H  N N 122 
GLU HG2  H  N N 123 
GLU HG3  H  N N 124 
GLU HE2  H  N N 125 
GLU HXT  H  N N 126 
GLY N    N  N N 127 
GLY CA   C  N N 128 
GLY C    C  N N 129 
GLY O    O  N N 130 
GLY OXT  O  N N 131 
GLY H    H  N N 132 
GLY H2   H  N N 133 
GLY HA2  H  N N 134 
GLY HA3  H  N N 135 
GLY HXT  H  N N 136 
HIS N    N  N N 137 
HIS CA   C  N S 138 
HIS C    C  N N 139 
HIS O    O  N N 140 
HIS CB   C  N N 141 
HIS CG   C  Y N 142 
HIS ND1  N  Y N 143 
HIS CD2  C  Y N 144 
HIS CE1  C  Y N 145 
HIS NE2  N  Y N 146 
HIS OXT  O  N N 147 
HIS H    H  N N 148 
HIS H2   H  N N 149 
HIS HA   H  N N 150 
HIS HB2  H  N N 151 
HIS HB3  H  N N 152 
HIS HD1  H  N N 153 
HIS HD2  H  N N 154 
HIS HE1  H  N N 155 
HIS HE2  H  N N 156 
HIS HXT  H  N N 157 
HOH O    O  N N 158 
HOH H1   H  N N 159 
HOH H2   H  N N 160 
ILE N    N  N N 161 
ILE CA   C  N S 162 
ILE C    C  N N 163 
ILE O    O  N N 164 
ILE CB   C  N S 165 
ILE CG1  C  N N 166 
ILE CG2  C  N N 167 
ILE CD1  C  N N 168 
ILE OXT  O  N N 169 
ILE H    H  N N 170 
ILE H2   H  N N 171 
ILE HA   H  N N 172 
ILE HB   H  N N 173 
ILE HG12 H  N N 174 
ILE HG13 H  N N 175 
ILE HG21 H  N N 176 
ILE HG22 H  N N 177 
ILE HG23 H  N N 178 
ILE HD11 H  N N 179 
ILE HD12 H  N N 180 
ILE HD13 H  N N 181 
ILE HXT  H  N N 182 
LEU N    N  N N 183 
LEU CA   C  N S 184 
LEU C    C  N N 185 
LEU O    O  N N 186 
LEU CB   C  N N 187 
LEU CG   C  N N 188 
LEU CD1  C  N N 189 
LEU CD2  C  N N 190 
LEU OXT  O  N N 191 
LEU H    H  N N 192 
LEU H2   H  N N 193 
LEU HA   H  N N 194 
LEU HB2  H  N N 195 
LEU HB3  H  N N 196 
LEU HG   H  N N 197 
LEU HD11 H  N N 198 
LEU HD12 H  N N 199 
LEU HD13 H  N N 200 
LEU HD21 H  N N 201 
LEU HD22 H  N N 202 
LEU HD23 H  N N 203 
LEU HXT  H  N N 204 
LYS N    N  N N 205 
LYS CA   C  N S 206 
LYS C    C  N N 207 
LYS O    O  N N 208 
LYS CB   C  N N 209 
LYS CG   C  N N 210 
LYS CD   C  N N 211 
LYS CE   C  N N 212 
LYS NZ   N  N N 213 
LYS OXT  O  N N 214 
LYS H    H  N N 215 
LYS H2   H  N N 216 
LYS HA   H  N N 217 
LYS HB2  H  N N 218 
LYS HB3  H  N N 219 
LYS HG2  H  N N 220 
LYS HG3  H  N N 221 
LYS HD2  H  N N 222 
LYS HD3  H  N N 223 
LYS HE2  H  N N 224 
LYS HE3  H  N N 225 
LYS HZ1  H  N N 226 
LYS HZ2  H  N N 227 
LYS HZ3  H  N N 228 
LYS HXT  H  N N 229 
MET N    N  N N 230 
MET CA   C  N S 231 
MET C    C  N N 232 
MET O    O  N N 233 
MET CB   C  N N 234 
MET CG   C  N N 235 
MET SD   S  N N 236 
MET CE   C  N N 237 
MET OXT  O  N N 238 
MET H    H  N N 239 
MET H2   H  N N 240 
MET HA   H  N N 241 
MET HB2  H  N N 242 
MET HB3  H  N N 243 
MET HG2  H  N N 244 
MET HG3  H  N N 245 
MET HE1  H  N N 246 
MET HE2  H  N N 247 
MET HE3  H  N N 248 
MET HXT  H  N N 249 
MPD C1   C  N N 250 
MPD C2   C  N N 251 
MPD O2   O  N N 252 
MPD CM   C  N N 253 
MPD C3   C  N N 254 
MPD C4   C  N S 255 
MPD O4   O  N N 256 
MPD C5   C  N N 257 
MPD H11  H  N N 258 
MPD H12  H  N N 259 
MPD H13  H  N N 260 
MPD HO2  H  N N 261 
MPD HM1  H  N N 262 
MPD HM2  H  N N 263 
MPD HM3  H  N N 264 
MPD H31  H  N N 265 
MPD H32  H  N N 266 
MPD H4   H  N N 267 
MPD HO4  H  N N 268 
MPD H51  H  N N 269 
MPD H52  H  N N 270 
MPD H53  H  N N 271 
MSE N    N  N N 272 
MSE CA   C  N S 273 
MSE C    C  N N 274 
MSE O    O  N N 275 
MSE OXT  O  N N 276 
MSE CB   C  N N 277 
MSE CG   C  N N 278 
MSE SE   SE N N 279 
MSE CE   C  N N 280 
MSE H    H  N N 281 
MSE H2   H  N N 282 
MSE HA   H  N N 283 
MSE HXT  H  N N 284 
MSE HB2  H  N N 285 
MSE HB3  H  N N 286 
MSE HG2  H  N N 287 
MSE HG3  H  N N 288 
MSE HE1  H  N N 289 
MSE HE2  H  N N 290 
MSE HE3  H  N N 291 
PHE N    N  N N 292 
PHE CA   C  N S 293 
PHE C    C  N N 294 
PHE O    O  N N 295 
PHE CB   C  N N 296 
PHE CG   C  Y N 297 
PHE CD1  C  Y N 298 
PHE CD2  C  Y N 299 
PHE CE1  C  Y N 300 
PHE CE2  C  Y N 301 
PHE CZ   C  Y N 302 
PHE OXT  O  N N 303 
PHE H    H  N N 304 
PHE H2   H  N N 305 
PHE HA   H  N N 306 
PHE HB2  H  N N 307 
PHE HB3  H  N N 308 
PHE HD1  H  N N 309 
PHE HD2  H  N N 310 
PHE HE1  H  N N 311 
PHE HE2  H  N N 312 
PHE HZ   H  N N 313 
PHE HXT  H  N N 314 
PRO N    N  N N 315 
PRO CA   C  N S 316 
PRO C    C  N N 317 
PRO O    O  N N 318 
PRO CB   C  N N 319 
PRO CG   C  N N 320 
PRO CD   C  N N 321 
PRO OXT  O  N N 322 
PRO H    H  N N 323 
PRO HA   H  N N 324 
PRO HB2  H  N N 325 
PRO HB3  H  N N 326 
PRO HG2  H  N N 327 
PRO HG3  H  N N 328 
PRO HD2  H  N N 329 
PRO HD3  H  N N 330 
PRO HXT  H  N N 331 
SER N    N  N N 332 
SER CA   C  N S 333 
SER C    C  N N 334 
SER O    O  N N 335 
SER CB   C  N N 336 
SER OG   O  N N 337 
SER OXT  O  N N 338 
SER H    H  N N 339 
SER H2   H  N N 340 
SER HA   H  N N 341 
SER HB2  H  N N 342 
SER HB3  H  N N 343 
SER HG   H  N N 344 
SER HXT  H  N N 345 
THR N    N  N N 346 
THR CA   C  N S 347 
THR C    C  N N 348 
THR O    O  N N 349 
THR CB   C  N R 350 
THR OG1  O  N N 351 
THR CG2  C  N N 352 
THR OXT  O  N N 353 
THR H    H  N N 354 
THR H2   H  N N 355 
THR HA   H  N N 356 
THR HB   H  N N 357 
THR HG1  H  N N 358 
THR HG21 H  N N 359 
THR HG22 H  N N 360 
THR HG23 H  N N 361 
THR HXT  H  N N 362 
TYR N    N  N N 363 
TYR CA   C  N S 364 
TYR C    C  N N 365 
TYR O    O  N N 366 
TYR CB   C  N N 367 
TYR CG   C  Y N 368 
TYR CD1  C  Y N 369 
TYR CD2  C  Y N 370 
TYR CE1  C  Y N 371 
TYR CE2  C  Y N 372 
TYR CZ   C  Y N 373 
TYR OH   O  N N 374 
TYR OXT  O  N N 375 
TYR H    H  N N 376 
TYR H2   H  N N 377 
TYR HA   H  N N 378 
TYR HB2  H  N N 379 
TYR HB3  H  N N 380 
TYR HD1  H  N N 381 
TYR HD2  H  N N 382 
TYR HE1  H  N N 383 
TYR HE2  H  N N 384 
TYR HH   H  N N 385 
TYR HXT  H  N N 386 
VAL N    N  N N 387 
VAL CA   C  N S 388 
VAL C    C  N N 389 
VAL O    O  N N 390 
VAL CB   C  N N 391 
VAL CG1  C  N N 392 
VAL CG2  C  N N 393 
VAL OXT  O  N N 394 
VAL H    H  N N 395 
VAL H2   H  N N 396 
VAL HA   H  N N 397 
VAL HB   H  N N 398 
VAL HG11 H  N N 399 
VAL HG12 H  N N 400 
VAL HG13 H  N N 401 
VAL HG21 H  N N 402 
VAL HG22 H  N N 403 
VAL HG23 H  N N 404 
VAL HXT  H  N N 405 
# 
loop_
_chem_comp_bond.comp_id 
_chem_comp_bond.atom_id_1 
_chem_comp_bond.atom_id_2 
_chem_comp_bond.value_order 
_chem_comp_bond.pdbx_aromatic_flag 
_chem_comp_bond.pdbx_stereo_config 
_chem_comp_bond.pdbx_ordinal 
ALA N   CA   sing N N 1   
ALA N   H    sing N N 2   
ALA N   H2   sing N N 3   
ALA CA  C    sing N N 4   
ALA CA  CB   sing N N 5   
ALA CA  HA   sing N N 6   
ALA C   O    doub N N 7   
ALA C   OXT  sing N N 8   
ALA CB  HB1  sing N N 9   
ALA CB  HB2  sing N N 10  
ALA CB  HB3  sing N N 11  
ALA OXT HXT  sing N N 12  
ARG N   CA   sing N N 13  
ARG N   H    sing N N 14  
ARG N   H2   sing N N 15  
ARG CA  C    sing N N 16  
ARG CA  CB   sing N N 17  
ARG CA  HA   sing N N 18  
ARG C   O    doub N N 19  
ARG C   OXT  sing N N 20  
ARG CB  CG   sing N N 21  
ARG CB  HB2  sing N N 22  
ARG CB  HB3  sing N N 23  
ARG CG  CD   sing N N 24  
ARG CG  HG2  sing N N 25  
ARG CG  HG3  sing N N 26  
ARG CD  NE   sing N N 27  
ARG CD  HD2  sing N N 28  
ARG CD  HD3  sing N N 29  
ARG NE  CZ   sing N N 30  
ARG NE  HE   sing N N 31  
ARG CZ  NH1  sing N N 32  
ARG CZ  NH2  doub N N 33  
ARG NH1 HH11 sing N N 34  
ARG NH1 HH12 sing N N 35  
ARG NH2 HH21 sing N N 36  
ARG NH2 HH22 sing N N 37  
ARG OXT HXT  sing N N 38  
ASN N   CA   sing N N 39  
ASN N   H    sing N N 40  
ASN N   H2   sing N N 41  
ASN CA  C    sing N N 42  
ASN CA  CB   sing N N 43  
ASN CA  HA   sing N N 44  
ASN C   O    doub N N 45  
ASN C   OXT  sing N N 46  
ASN CB  CG   sing N N 47  
ASN CB  HB2  sing N N 48  
ASN CB  HB3  sing N N 49  
ASN CG  OD1  doub N N 50  
ASN CG  ND2  sing N N 51  
ASN ND2 HD21 sing N N 52  
ASN ND2 HD22 sing N N 53  
ASN OXT HXT  sing N N 54  
ASP N   CA   sing N N 55  
ASP N   H    sing N N 56  
ASP N   H2   sing N N 57  
ASP CA  C    sing N N 58  
ASP CA  CB   sing N N 59  
ASP CA  HA   sing N N 60  
ASP C   O    doub N N 61  
ASP C   OXT  sing N N 62  
ASP CB  CG   sing N N 63  
ASP CB  HB2  sing N N 64  
ASP CB  HB3  sing N N 65  
ASP CG  OD1  doub N N 66  
ASP CG  OD2  sing N N 67  
ASP OD2 HD2  sing N N 68  
ASP OXT HXT  sing N N 69  
CYS N   CA   sing N N 70  
CYS N   H    sing N N 71  
CYS N   H2   sing N N 72  
CYS CA  C    sing N N 73  
CYS CA  CB   sing N N 74  
CYS CA  HA   sing N N 75  
CYS C   O    doub N N 76  
CYS C   OXT  sing N N 77  
CYS CB  SG   sing N N 78  
CYS CB  HB2  sing N N 79  
CYS CB  HB3  sing N N 80  
CYS SG  HG   sing N N 81  
CYS OXT HXT  sing N N 82  
GLN N   CA   sing N N 83  
GLN N   H    sing N N 84  
GLN N   H2   sing N N 85  
GLN CA  C    sing N N 86  
GLN CA  CB   sing N N 87  
GLN CA  HA   sing N N 88  
GLN C   O    doub N N 89  
GLN C   OXT  sing N N 90  
GLN CB  CG   sing N N 91  
GLN CB  HB2  sing N N 92  
GLN CB  HB3  sing N N 93  
GLN CG  CD   sing N N 94  
GLN CG  HG2  sing N N 95  
GLN CG  HG3  sing N N 96  
GLN CD  OE1  doub N N 97  
GLN CD  NE2  sing N N 98  
GLN NE2 HE21 sing N N 99  
GLN NE2 HE22 sing N N 100 
GLN OXT HXT  sing N N 101 
GLU N   CA   sing N N 102 
GLU N   H    sing N N 103 
GLU N   H2   sing N N 104 
GLU CA  C    sing N N 105 
GLU CA  CB   sing N N 106 
GLU CA  HA   sing N N 107 
GLU C   O    doub N N 108 
GLU C   OXT  sing N N 109 
GLU CB  CG   sing N N 110 
GLU CB  HB2  sing N N 111 
GLU CB  HB3  sing N N 112 
GLU CG  CD   sing N N 113 
GLU CG  HG2  sing N N 114 
GLU CG  HG3  sing N N 115 
GLU CD  OE1  doub N N 116 
GLU CD  OE2  sing N N 117 
GLU OE2 HE2  sing N N 118 
GLU OXT HXT  sing N N 119 
GLY N   CA   sing N N 120 
GLY N   H    sing N N 121 
GLY N   H2   sing N N 122 
GLY CA  C    sing N N 123 
GLY CA  HA2  sing N N 124 
GLY CA  HA3  sing N N 125 
GLY C   O    doub N N 126 
GLY C   OXT  sing N N 127 
GLY OXT HXT  sing N N 128 
HIS N   CA   sing N N 129 
HIS N   H    sing N N 130 
HIS N   H2   sing N N 131 
HIS CA  C    sing N N 132 
HIS CA  CB   sing N N 133 
HIS CA  HA   sing N N 134 
HIS C   O    doub N N 135 
HIS C   OXT  sing N N 136 
HIS CB  CG   sing N N 137 
HIS CB  HB2  sing N N 138 
HIS CB  HB3  sing N N 139 
HIS CG  ND1  sing Y N 140 
HIS CG  CD2  doub Y N 141 
HIS ND1 CE1  doub Y N 142 
HIS ND1 HD1  sing N N 143 
HIS CD2 NE2  sing Y N 144 
HIS CD2 HD2  sing N N 145 
HIS CE1 NE2  sing Y N 146 
HIS CE1 HE1  sing N N 147 
HIS NE2 HE2  sing N N 148 
HIS OXT HXT  sing N N 149 
HOH O   H1   sing N N 150 
HOH O   H2   sing N N 151 
ILE N   CA   sing N N 152 
ILE N   H    sing N N 153 
ILE N   H2   sing N N 154 
ILE CA  C    sing N N 155 
ILE CA  CB   sing N N 156 
ILE CA  HA   sing N N 157 
ILE C   O    doub N N 158 
ILE C   OXT  sing N N 159 
ILE CB  CG1  sing N N 160 
ILE CB  CG2  sing N N 161 
ILE CB  HB   sing N N 162 
ILE CG1 CD1  sing N N 163 
ILE CG1 HG12 sing N N 164 
ILE CG1 HG13 sing N N 165 
ILE CG2 HG21 sing N N 166 
ILE CG2 HG22 sing N N 167 
ILE CG2 HG23 sing N N 168 
ILE CD1 HD11 sing N N 169 
ILE CD1 HD12 sing N N 170 
ILE CD1 HD13 sing N N 171 
ILE OXT HXT  sing N N 172 
LEU N   CA   sing N N 173 
LEU N   H    sing N N 174 
LEU N   H2   sing N N 175 
LEU CA  C    sing N N 176 
LEU CA  CB   sing N N 177 
LEU CA  HA   sing N N 178 
LEU C   O    doub N N 179 
LEU C   OXT  sing N N 180 
LEU CB  CG   sing N N 181 
LEU CB  HB2  sing N N 182 
LEU CB  HB3  sing N N 183 
LEU CG  CD1  sing N N 184 
LEU CG  CD2  sing N N 185 
LEU CG  HG   sing N N 186 
LEU CD1 HD11 sing N N 187 
LEU CD1 HD12 sing N N 188 
LEU CD1 HD13 sing N N 189 
LEU CD2 HD21 sing N N 190 
LEU CD2 HD22 sing N N 191 
LEU CD2 HD23 sing N N 192 
LEU OXT HXT  sing N N 193 
LYS N   CA   sing N N 194 
LYS N   H    sing N N 195 
LYS N   H2   sing N N 196 
LYS CA  C    sing N N 197 
LYS CA  CB   sing N N 198 
LYS CA  HA   sing N N 199 
LYS C   O    doub N N 200 
LYS C   OXT  sing N N 201 
LYS CB  CG   sing N N 202 
LYS CB  HB2  sing N N 203 
LYS CB  HB3  sing N N 204 
LYS CG  CD   sing N N 205 
LYS CG  HG2  sing N N 206 
LYS CG  HG3  sing N N 207 
LYS CD  CE   sing N N 208 
LYS CD  HD2  sing N N 209 
LYS CD  HD3  sing N N 210 
LYS CE  NZ   sing N N 211 
LYS CE  HE2  sing N N 212 
LYS CE  HE3  sing N N 213 
LYS NZ  HZ1  sing N N 214 
LYS NZ  HZ2  sing N N 215 
LYS NZ  HZ3  sing N N 216 
LYS OXT HXT  sing N N 217 
MET N   CA   sing N N 218 
MET N   H    sing N N 219 
MET N   H2   sing N N 220 
MET CA  C    sing N N 221 
MET CA  CB   sing N N 222 
MET CA  HA   sing N N 223 
MET C   O    doub N N 224 
MET C   OXT  sing N N 225 
MET CB  CG   sing N N 226 
MET CB  HB2  sing N N 227 
MET CB  HB3  sing N N 228 
MET CG  SD   sing N N 229 
MET CG  HG2  sing N N 230 
MET CG  HG3  sing N N 231 
MET SD  CE   sing N N 232 
MET CE  HE1  sing N N 233 
MET CE  HE2  sing N N 234 
MET CE  HE3  sing N N 235 
MET OXT HXT  sing N N 236 
MPD C1  C2   sing N N 237 
MPD C1  H11  sing N N 238 
MPD C1  H12  sing N N 239 
MPD C1  H13  sing N N 240 
MPD C2  O2   sing N N 241 
MPD C2  CM   sing N N 242 
MPD C2  C3   sing N N 243 
MPD O2  HO2  sing N N 244 
MPD CM  HM1  sing N N 245 
MPD CM  HM2  sing N N 246 
MPD CM  HM3  sing N N 247 
MPD C3  C4   sing N N 248 
MPD C3  H31  sing N N 249 
MPD C3  H32  sing N N 250 
MPD C4  O4   sing N N 251 
MPD C4  C5   sing N N 252 
MPD C4  H4   sing N N 253 
MPD O4  HO4  sing N N 254 
MPD C5  H51  sing N N 255 
MPD C5  H52  sing N N 256 
MPD C5  H53  sing N N 257 
MSE N   CA   sing N N 258 
MSE N   H    sing N N 259 
MSE N   H2   sing N N 260 
MSE CA  C    sing N N 261 
MSE CA  CB   sing N N 262 
MSE CA  HA   sing N N 263 
MSE C   O    doub N N 264 
MSE C   OXT  sing N N 265 
MSE OXT HXT  sing N N 266 
MSE CB  CG   sing N N 267 
MSE CB  HB2  sing N N 268 
MSE CB  HB3  sing N N 269 
MSE CG  SE   sing N N 270 
MSE CG  HG2  sing N N 271 
MSE CG  HG3  sing N N 272 
MSE SE  CE   sing N N 273 
MSE CE  HE1  sing N N 274 
MSE CE  HE2  sing N N 275 
MSE CE  HE3  sing N N 276 
PHE N   CA   sing N N 277 
PHE N   H    sing N N 278 
PHE N   H2   sing N N 279 
PHE CA  C    sing N N 280 
PHE CA  CB   sing N N 281 
PHE CA  HA   sing N N 282 
PHE C   O    doub N N 283 
PHE C   OXT  sing N N 284 
PHE CB  CG   sing N N 285 
PHE CB  HB2  sing N N 286 
PHE CB  HB3  sing N N 287 
PHE CG  CD1  doub Y N 288 
PHE CG  CD2  sing Y N 289 
PHE CD1 CE1  sing Y N 290 
PHE CD1 HD1  sing N N 291 
PHE CD2 CE2  doub Y N 292 
PHE CD2 HD2  sing N N 293 
PHE CE1 CZ   doub Y N 294 
PHE CE1 HE1  sing N N 295 
PHE CE2 CZ   sing Y N 296 
PHE CE2 HE2  sing N N 297 
PHE CZ  HZ   sing N N 298 
PHE OXT HXT  sing N N 299 
PRO N   CA   sing N N 300 
PRO N   CD   sing N N 301 
PRO N   H    sing N N 302 
PRO CA  C    sing N N 303 
PRO CA  CB   sing N N 304 
PRO CA  HA   sing N N 305 
PRO C   O    doub N N 306 
PRO C   OXT  sing N N 307 
PRO CB  CG   sing N N 308 
PRO CB  HB2  sing N N 309 
PRO CB  HB3  sing N N 310 
PRO CG  CD   sing N N 311 
PRO CG  HG2  sing N N 312 
PRO CG  HG3  sing N N 313 
PRO CD  HD2  sing N N 314 
PRO CD  HD3  sing N N 315 
PRO OXT HXT  sing N N 316 
SER N   CA   sing N N 317 
SER N   H    sing N N 318 
SER N   H2   sing N N 319 
SER CA  C    sing N N 320 
SER CA  CB   sing N N 321 
SER CA  HA   sing N N 322 
SER C   O    doub N N 323 
SER C   OXT  sing N N 324 
SER CB  OG   sing N N 325 
SER CB  HB2  sing N N 326 
SER CB  HB3  sing N N 327 
SER OG  HG   sing N N 328 
SER OXT HXT  sing N N 329 
THR N   CA   sing N N 330 
THR N   H    sing N N 331 
THR N   H2   sing N N 332 
THR CA  C    sing N N 333 
THR CA  CB   sing N N 334 
THR CA  HA   sing N N 335 
THR C   O    doub N N 336 
THR C   OXT  sing N N 337 
THR CB  OG1  sing N N 338 
THR CB  CG2  sing N N 339 
THR CB  HB   sing N N 340 
THR OG1 HG1  sing N N 341 
THR CG2 HG21 sing N N 342 
THR CG2 HG22 sing N N 343 
THR CG2 HG23 sing N N 344 
THR OXT HXT  sing N N 345 
TYR N   CA   sing N N 346 
TYR N   H    sing N N 347 
TYR N   H2   sing N N 348 
TYR CA  C    sing N N 349 
TYR CA  CB   sing N N 350 
TYR CA  HA   sing N N 351 
TYR C   O    doub N N 352 
TYR C   OXT  sing N N 353 
TYR CB  CG   sing N N 354 
TYR CB  HB2  sing N N 355 
TYR CB  HB3  sing N N 356 
TYR CG  CD1  doub Y N 357 
TYR CG  CD2  sing Y N 358 
TYR CD1 CE1  sing Y N 359 
TYR CD1 HD1  sing N N 360 
TYR CD2 CE2  doub Y N 361 
TYR CD2 HD2  sing N N 362 
TYR CE1 CZ   doub Y N 363 
TYR CE1 HE1  sing N N 364 
TYR CE2 CZ   sing Y N 365 
TYR CE2 HE2  sing N N 366 
TYR CZ  OH   sing N N 367 
TYR OH  HH   sing N N 368 
TYR OXT HXT  sing N N 369 
VAL N   CA   sing N N 370 
VAL N   H    sing N N 371 
VAL N   H2   sing N N 372 
VAL CA  C    sing N N 373 
VAL CA  CB   sing N N 374 
VAL CA  HA   sing N N 375 
VAL C   O    doub N N 376 
VAL C   OXT  sing N N 377 
VAL CB  CG1  sing N N 378 
VAL CB  CG2  sing N N 379 
VAL CB  HB   sing N N 380 
VAL CG1 HG11 sing N N 381 
VAL CG1 HG12 sing N N 382 
VAL CG1 HG13 sing N N 383 
VAL CG2 HG21 sing N N 384 
VAL CG2 HG22 sing N N 385 
VAL CG2 HG23 sing N N 386 
VAL OXT HXT  sing N N 387 
# 
_atom_sites.entry_id                    2FUP 
_atom_sites.fract_transf_matrix[1][1]   -0.00134248 
_atom_sites.fract_transf_matrix[1][2]   -0.01269287 
_atom_sites.fract_transf_matrix[1][3]   0.00963498 
_atom_sites.fract_transf_matrix[2][1]   -0.01537072 
_atom_sites.fract_transf_matrix[2][2]   0.00358290 
_atom_sites.fract_transf_matrix[2][3]   0.00257836 
_atom_sites.fract_transf_matrix[3][1]   -0.00327688 
_atom_sites.fract_transf_matrix[3][2]   -0.00704784 
_atom_sites.fract_transf_matrix[3][3]   -0.00974122 
_atom_sites.fract_transf_vector[1]      0.603771 
_atom_sites.fract_transf_vector[2]      0.833916 
_atom_sites.fract_transf_vector[3]      0.352758 
# 
loop_
_atom_type.symbol 
C  
N  
O  
S  
SE 
# 
loop_
_atom_site.group_PDB 
_atom_site.id 
_atom_site.type_symbol 
_atom_site.label_atom_id 
_atom_site.label_alt_id 
_atom_site.label_comp_id 
_atom_site.label_asym_id 
_atom_site.label_entity_id 
_atom_site.label_seq_id 
_atom_site.pdbx_PDB_ins_code 
_atom_site.Cartn_x 
_atom_site.Cartn_y 
_atom_site.Cartn_z 
_atom_site.occupancy 
_atom_site.B_iso_or_equiv 
_atom_site.pdbx_formal_charge 
_atom_site.auth_seq_id 
_atom_site.auth_comp_id 
_atom_site.auth_asym_id 
_atom_site.auth_atom_id 
_atom_site.pdbx_PDB_model_num 
HETATM 1    N  N   . MSE A 1 2   ? -28.468 -3.290  -3.208  1.00 51.14 ? 1   MSE A N   1 
HETATM 2    C  CA  . MSE A 1 2   ? -28.136 -4.517  -4.004  1.00 49.07 ? 1   MSE A CA  1 
HETATM 3    C  C   . MSE A 1 2   ? -26.624 -4.727  -4.120  1.00 44.81 ? 1   MSE A C   1 
HETATM 4    O  O   . MSE A 1 2   ? -26.137 -5.804  -3.793  1.00 45.96 ? 1   MSE A O   1 
HETATM 5    C  CB  . MSE A 1 2   ? -28.786 -4.497  -5.407  1.00 49.96 ? 1   MSE A CB  1 
HETATM 6    C  CG  . MSE A 1 2   ? -29.023 -5.882  -6.004  1.00 49.79 ? 1   MSE A CG  1 
ATOM   7    N  N   . PRO A 1 3   ? -25.873 -3.712  -4.589  1.00 40.29 ? 2   PRO A N   1 
ATOM   8    C  CA  . PRO A 1 3   ? -24.412 -3.952  -4.754  1.00 37.74 ? 2   PRO A CA  1 
ATOM   9    C  C   . PRO A 1 3   ? -23.759 -4.508  -3.496  1.00 31.55 ? 2   PRO A C   1 
ATOM   10   O  O   . PRO A 1 3   ? -23.840 -3.847  -2.450  1.00 33.49 ? 2   PRO A O   1 
ATOM   11   C  CB  . PRO A 1 3   ? -23.855 -2.560  -5.069  1.00 38.86 ? 2   PRO A CB  1 
ATOM   12   C  CG  . PRO A 1 3   ? -25.012 -1.842  -5.741  1.00 43.09 ? 2   PRO A CG  1 
ATOM   13   C  CD  . PRO A 1 3   ? -26.257 -2.345  -5.006  1.00 40.58 ? 2   PRO A CD  1 
ATOM   14   N  N   . ASP A 1 4   ? -23.207 -5.742  -3.583  1.00 25.70 ? 3   ASP A N   1 
ATOM   15   C  CA  . ASP A 1 4   ? -22.451 -6.330  -2.471  1.00 26.17 ? 3   ASP A CA  1 
ATOM   16   C  C   . ASP A 1 4   ? -21.277 -7.231  -2.899  1.00 24.18 ? 3   ASP A C   1 
ATOM   17   O  O   . ASP A 1 4   ? -20.937 -8.181  -2.208  1.00 26.49 ? 3   ASP A O   1 
ATOM   18   C  CB  . ASP A 1 4   ? -23.336 -7.091  -1.505  1.00 28.71 ? 3   ASP A CB  1 
ATOM   19   C  CG  . ASP A 1 4   ? -23.984 -8.281  -2.137  1.00 31.99 ? 3   ASP A CG  1 
ATOM   20   O  OD1 . ASP A 1 4   ? -23.828 -8.452  -3.396  1.00 34.45 ? 3   ASP A OD1 1 
ATOM   21   O  OD2 . ASP A 1 4   ? -24.663 -9.033  -1.365  1.00 34.09 ? 3   ASP A OD2 1 
ATOM   22   N  N   . SER A 1 5   ? -20.644 -6.923  -4.022  1.00 20.00 ? 4   SER A N   1 
ATOM   23   C  CA  . SER A 1 5   ? -19.449 -7.642  -4.398  1.00 20.04 ? 4   SER A CA  1 
ATOM   24   C  C   . SER A 1 5   ? -18.312 -7.413  -3.433  1.00 16.99 ? 4   SER A C   1 
ATOM   25   O  O   . SER A 1 5   ? -18.056 -6.272  -3.041  1.00 18.43 ? 4   SER A O   1 
ATOM   26   C  CB  . SER A 1 5   ? -19.003 -7.136  -5.767  1.00 22.32 ? 4   SER A CB  1 
ATOM   27   O  OG  . SER A 1 5   ? -17.777 -7.770  -6.067  1.00 24.55 ? 4   SER A OG  1 
ATOM   28   N  N   . PRO A 1 6   ? -17.619 -8.502  -3.080  1.00 16.64 ? 5   PRO A N   1 
ATOM   29   C  CA  . PRO A 1 6   ? -16.531 -8.391  -2.122  1.00 17.39 ? 5   PRO A CA  1 
ATOM   30   C  C   . PRO A 1 6   ? -15.247 -7.833  -2.698  1.00 19.26 ? 5   PRO A C   1 
ATOM   31   O  O   . PRO A 1 6   ? -14.277 -7.641  -1.924  1.00 18.00 ? 5   PRO A O   1 
ATOM   32   C  CB  . PRO A 1 6   ? -16.339 -9.834  -1.704  1.00 18.78 ? 5   PRO A CB  1 
ATOM   33   C  CG  . PRO A 1 6   ? -16.780 -10.610 -2.898  1.00 19.86 ? 5   PRO A CG  1 
ATOM   34   C  CD  . PRO A 1 6   ? -17.924 -9.902  -3.385  1.00 18.53 ? 5   PRO A CD  1 
ATOM   35   N  N   . THR A 1 7   ? -15.226 -7.533  -4.007  1.00 16.93 ? 6   THR A N   1 
ATOM   36   C  CA  . THR A 1 7   ? -13.895 -7.260  -4.609  1.00 16.46 ? 6   THR A CA  1 
ATOM   37   C  C   . THR A 1 7   ? -13.132 -6.105  -4.026  1.00 17.08 ? 6   THR A C   1 
ATOM   38   O  O   . THR A 1 7   ? -11.971 -6.203  -3.714  1.00 17.98 ? 6   THR A O   1 
ATOM   39   C  CB  . THR A 1 7   ? -14.026 -7.075  -6.095  1.00 19.08 ? 6   THR A CB  1 
ATOM   40   O  OG1 . THR A 1 7   ? -14.782 -8.159  -6.629  1.00 21.76 ? 6   THR A OG1 1 
ATOM   41   C  CG2 . THR A 1 7   ? -12.696 -7.003  -6.788  1.00 18.59 ? 6   THR A CG2 1 
ATOM   42   N  N   . LEU A 1 8   ? -13.773 -4.954  -3.866  1.00 16.62 ? 7   LEU A N   1 
ATOM   43   C  CA  . LEU A 1 8   ? -13.066 -3.792  -3.384  1.00 15.46 ? 7   LEU A CA  1 
ATOM   44   C  C   . LEU A 1 8   ? -12.551 -4.007  -1.974  1.00 17.05 ? 7   LEU A C   1 
ATOM   45   O  O   . LEU A 1 8   ? -11.376 -3.657  -1.664  1.00 17.37 ? 7   LEU A O   1 
ATOM   46   C  CB  . LEU A 1 8   ? -13.889 -2.511  -3.448  1.00 18.02 ? 7   LEU A CB  1 
ATOM   47   C  CG  . LEU A 1 8   ? -13.188 -1.202  -3.212  1.00 19.26 ? 7   LEU A CG  1 
ATOM   48   C  CD1 . LEU A 1 8   ? -12.085 -0.988  -4.221  1.00 20.54 ? 7   LEU A CD1 1 
ATOM   49   C  CD2 . LEU A 1 8   ? -14.103 -0.018  -3.306  1.00 21.53 ? 7   LEU A CD2 1 
ATOM   50   N  N   . LEU A 1 9   ? -13.397 -4.558  -1.112  1.00 17.68 ? 8   LEU A N   1 
ATOM   51   C  CA  . LEU A 1 9   ? -12.961 -4.790  0.236   1.00 17.84 ? 8   LEU A CA  1 
ATOM   52   C  C   . LEU A 1 9   ? -11.823 -5.795  0.283   1.00 18.01 ? 8   LEU A C   1 
ATOM   53   O  O   . LEU A 1 9   ? -10.889 -5.636  1.067   1.00 19.71 ? 8   LEU A O   1 
ATOM   54   C  CB  . LEU A 1 9   ? -14.141 -5.215  1.109   1.00 19.51 ? 8   LEU A CB  1 
ATOM   55   C  CG  . LEU A 1 9   ? -13.845 -5.361  2.615   1.00 19.80 ? 8   LEU A CG  1 
ATOM   56   C  CD1 . LEU A 1 9   ? -13.376 -4.076  3.261   1.00 18.95 ? 8   LEU A CD1 1 
ATOM   57   C  CD2 . LEU A 1 9   ? -15.175 -5.810  3.301   1.00 19.48 ? 8   LEU A CD2 1 
ATOM   58   N  N   . ASP A 1 10  ? -11.843 -6.793  -0.585  1.00 17.75 ? 9   ASP A N   1 
ATOM   59   C  CA  . ASP A 1 10  ? -10.758 -7.797  -0.639  1.00 17.93 ? 9   ASP A CA  1 
ATOM   60   C  C   . ASP A 1 10  ? -9.480  -7.118  -1.048  1.00 20.38 ? 9   ASP A C   1 
ATOM   61   O  O   . ASP A 1 10  ? -8.415  -7.408  -0.502  1.00 18.97 ? 9   ASP A O   1 
ATOM   62   C  CB  . ASP A 1 10  ? -11.111 -8.905  -1.610  1.00 19.95 ? 9   ASP A CB  1 
ATOM   63   C  CG  . ASP A 1 10  ? -10.139 -10.021 -1.576  1.00 26.85 ? 9   ASP A CG  1 
ATOM   64   O  OD1 . ASP A 1 10  ? -10.016 -10.686 -0.549  1.00 22.67 ? 9   ASP A OD1 1 
ATOM   65   O  OD2 . ASP A 1 10  ? -9.559  -10.317 -2.644  1.00 30.30 ? 9   ASP A OD2 1 
ATOM   66   N  N   . LEU A 1 11  ? -9.559  -6.197  -2.008  1.00 18.31 ? 10  LEU A N   1 
ATOM   67   C  CA  . LEU A 1 11  ? -8.332  -5.488  -2.429  1.00 16.90 ? 10  LEU A CA  1 
ATOM   68   C  C   . LEU A 1 11  ? -7.747  -4.660  -1.315  1.00 18.03 ? 10  LEU A C   1 
ATOM   69   O  O   . LEU A 1 11  ? -6.537  -4.594  -1.127  1.00 19.35 ? 10  LEU A O   1 
ATOM   70   C  CB  . LEU A 1 11  ? -8.648  -4.610  -3.636  1.00 17.83 ? 10  LEU A CB  1 
ATOM   71   C  CG  . LEU A 1 11  ? -8.946  -5.358  -4.926  1.00 19.67 ? 10  LEU A CG  1 
ATOM   72   C  CD1 . LEU A 1 11  ? -9.609  -4.475  -5.949  1.00 19.20 ? 10  LEU A CD1 1 
ATOM   73   C  CD2 . LEU A 1 11  ? -7.735  -5.963  -5.518  1.00 19.36 ? 10  LEU A CD2 1 
ATOM   74   N  N   . PHE A 1 12  ? -8.591  -3.991  -0.560  1.00 17.42 ? 11  PHE A N   1 
ATOM   75   C  CA  . PHE A 1 12  ? -8.092  -3.253  0.579   1.00 17.67 ? 11  PHE A CA  1 
ATOM   76   C  C   . PHE A 1 12  ? -7.473  -4.196  1.593   1.00 20.46 ? 11  PHE A C   1 
ATOM   77   O  O   . PHE A 1 12  ? -6.419  -3.871  2.141   1.00 19.37 ? 11  PHE A O   1 
ATOM   78   C  CB  . PHE A 1 12  ? -9.202  -2.453  1.268   1.00 19.61 ? 11  PHE A CB  1 
ATOM   79   C  CG  . PHE A 1 12  ? -9.488  -1.137  0.625   1.00 19.59 ? 11  PHE A CG  1 
ATOM   80   C  CD1 . PHE A 1 12  ? -8.541  -0.135  0.536   1.00 18.49 ? 11  PHE A CD1 1 
ATOM   81   C  CD2 . PHE A 1 12  ? -10.740 -0.851  0.106   1.00 20.88 ? 11  PHE A CD2 1 
ATOM   82   C  CE1 . PHE A 1 12  ? -8.807  1.068   -0.062  1.00 19.91 ? 11  PHE A CE1 1 
ATOM   83   C  CE2 . PHE A 1 12  ? -11.009 0.400   -0.523  1.00 24.92 ? 11  PHE A CE2 1 
ATOM   84   C  CZ  . PHE A 1 12  ? -10.026 1.371   -0.593  1.00 22.87 ? 11  PHE A CZ  1 
ATOM   85   N  N   . ALA A 1 13  ? -8.136  -5.306  1.901   1.00 19.39 ? 12  ALA A N   1 
ATOM   86   C  CA  . ALA A 1 13  ? -7.597  -6.263  2.896   1.00 20.57 ? 12  ALA A CA  1 
ATOM   87   C  C   . ALA A 1 13  ? -6.237  -6.778  2.436   1.00 19.72 ? 12  ALA A C   1 
ATOM   88   O  O   . ALA A 1 13  ? -5.295  -6.843  3.209   1.00 20.37 ? 12  ALA A O   1 
ATOM   89   C  CB  . ALA A 1 13  ? -8.575  -7.445  3.103   1.00 24.62 ? 12  ALA A CB  1 
ATOM   90   N  N   . GLU A 1 14  ? -6.134  -7.168  1.187   1.00 18.62 ? 13  GLU A N   1 
ATOM   91   C  CA  . GLU A 1 14  ? -4.861  -7.645  0.668   1.00 19.42 ? 13  GLU A CA  1 
ATOM   92   C  C   . GLU A 1 14  ? -3.780  -6.580  0.761   1.00 20.16 ? 13  GLU A C   1 
ATOM   93   O  O   . GLU A 1 14  ? -2.659  -6.842  1.197   1.00 19.12 ? 13  GLU A O   1 
ATOM   94   C  CB  . GLU A 1 14  ? -4.997  -8.036  -0.804  1.00 22.86 ? 13  GLU A CB  1 
ATOM   95   C  CG  . GLU A 1 14  ? -5.821  -9.272  -1.046  1.00 25.04 ? 13  GLU A CG  1 
ATOM   96   C  CD  . GLU A 1 14  ? -5.952  -9.688  -2.520  1.00 34.34 ? 13  GLU A CD  1 
ATOM   97   O  OE1 . GLU A 1 14  ? -5.245  -9.072  -3.387  1.00 38.81 ? 13  GLU A OE1 1 
ATOM   98   O  OE2 . GLU A 1 14  ? -6.754  -10.650 -2.783  1.00 42.13 ? 13  GLU A OE2 1 
ATOM   99   N  N   . ASP A 1 15  ? -4.131  -5.347  0.427   1.00 18.07 ? 14  ASP A N   1 
ATOM   100  C  CA  A ASP A 1 15  ? -3.123  -4.291  0.421   0.50 17.27 ? 14  ASP A CA  1 
ATOM   101  C  CA  B ASP A 1 15  ? -3.157  -4.244  0.430   0.50 19.12 ? 14  ASP A CA  1 
ATOM   102  C  C   . ASP A 1 15  ? -2.693  -3.880  1.813   1.00 18.28 ? 14  ASP A C   1 
ATOM   103  O  O   . ASP A 1 15  ? -1.525  -3.529  2.014   1.00 19.40 ? 14  ASP A O   1 
ATOM   104  C  CB  A ASP A 1 15  ? -3.559  -3.099  -0.451  0.50 17.40 ? 14  ASP A CB  1 
ATOM   105  C  CB  B ASP A 1 15  ? -3.751  -2.982  -0.191  0.50 19.36 ? 14  ASP A CB  1 
ATOM   106  C  CG  A ASP A 1 15  ? -3.332  -3.364  -1.913  0.50 20.71 ? 14  ASP A CG  1 
ATOM   107  C  CG  B ASP A 1 15  ? -3.445  -2.845  -1.668  0.50 34.02 ? 14  ASP A CG  1 
ATOM   108  O  OD1 A ASP A 1 15  ? -3.426  -2.447  -2.750  0.50 24.18 ? 14  ASP A OD1 1 
ATOM   109  O  OD1 B ASP A 1 15  ? -4.403  -2.472  -2.372  0.50 29.52 ? 14  ASP A OD1 1 
ATOM   110  O  OD2 A ASP A 1 15  ? -2.877  -4.447  -2.169  0.50 16.81 ? 14  ASP A OD2 1 
ATOM   111  O  OD2 B ASP A 1 15  ? -2.275  -3.044  -2.122  0.50 29.81 ? 14  ASP A OD2 1 
ATOM   112  N  N   . ILE A 1 16  ? -3.588  -3.915  2.796   1.00 17.64 ? 15  ILE A N   1 
ATOM   113  C  CA  . ILE A 1 16  ? -3.194  -3.672  4.216   1.00 19.48 ? 15  ILE A CA  1 
ATOM   114  C  C   . ILE A 1 16  ? -2.128  -4.724  4.639   1.00 18.56 ? 15  ILE A C   1 
ATOM   115  O  O   . ILE A 1 16  ? -1.119  -4.408  5.255   1.00 19.78 ? 15  ILE A O   1 
ATOM   116  C  CB  . ILE A 1 16  ? -4.403  -3.609  5.136   1.00 19.85 ? 15  ILE A CB  1 
ATOM   117  C  CG1 . ILE A 1 16  ? -5.133  -2.272  4.933   1.00 20.98 ? 15  ILE A CG1 1 
ATOM   118  C  CG2 . ILE A 1 16  ? -3.965  -3.740  6.573   1.00 22.16 ? 15  ILE A CG2 1 
ATOM   119  C  CD1 . ILE A 1 16  ? -6.554  -2.304  5.354   1.00 22.09 ? 15  ILE A CD1 1 
ATOM   120  N  N   . GLY A 1 17  ? -2.359  -5.973  4.259   1.00 18.84 ? 16  GLY A N   1 
ATOM   121  C  CA  . GLY A 1 17  ? -1.381  -7.041  4.586   1.00 19.94 ? 16  GLY A CA  1 
ATOM   122  C  C   . GLY A 1 17  ? -0.078  -6.723  3.901   1.00 18.93 ? 16  GLY A C   1 
ATOM   123  O  O   . GLY A 1 17  ? 0.978   -6.863  4.516   1.00 20.67 ? 16  GLY A O   1 
ATOM   124  N  N   . HIS A 1 18  ? -0.127  -6.398  2.609   1.00 18.25 ? 17  HIS A N   1 
ATOM   125  C  CA  A HIS A 1 18  ? 1.136   -6.151  1.902   0.50 15.49 ? 17  HIS A CA  1 
ATOM   126  C  CA  B HIS A 1 18  ? 1.091   -6.063  1.826   0.50 18.77 ? 17  HIS A CA  1 
ATOM   127  C  C   . HIS A 1 18  ? 1.847   -4.890  2.419   1.00 17.06 ? 17  HIS A C   1 
ATOM   128  O  O   . HIS A 1 18  ? 3.075   -4.881  2.482   1.00 18.67 ? 17  HIS A O   1 
ATOM   129  C  CB  A HIS A 1 18  ? 0.933   -6.093  0.397   0.50 14.43 ? 17  HIS A CB  1 
ATOM   130  C  CB  B HIS A 1 18  ? 0.737   -5.687  0.375   0.50 23.69 ? 17  HIS A CB  1 
ATOM   131  C  CG  A HIS A 1 18  ? 0.322   -7.321  -0.170  0.50 18.80 ? 17  HIS A CG  1 
ATOM   132  C  CG  B HIS A 1 18  ? 0.271   -6.837  -0.442  0.50 20.97 ? 17  HIS A CG  1 
ATOM   133  N  ND1 A HIS A 1 18  ? 0.645   -8.584  0.265   0.50 19.94 ? 17  HIS A ND1 1 
ATOM   134  N  ND1 B HIS A 1 18  ? -0.654  -6.732  -1.461  0.50 31.12 ? 17  HIS A ND1 1 
ATOM   135  C  CD2 A HIS A 1 18  ? -0.587  -7.472  -1.158  0.50 17.87 ? 17  HIS A CD2 1 
ATOM   136  C  CD2 B HIS A 1 18  ? 0.592   -8.147  -0.357  0.50 21.77 ? 17  HIS A CD2 1 
ATOM   137  C  CE1 A HIS A 1 18  ? -0.032  -9.472  -0.462  0.50 20.56 ? 17  HIS A CE1 1 
ATOM   138  C  CE1 B HIS A 1 18  ? -0.878  -7.933  -1.974  0.50 24.19 ? 17  HIS A CE1 1 
ATOM   139  N  NE2 A HIS A 1 18  ? -0.821  -8.818  -1.297  0.50 23.00 ? 17  HIS A NE2 1 
ATOM   140  N  NE2 B HIS A 1 18  ? -0.140  -8.810  -1.313  0.50 23.28 ? 17  HIS A NE2 1 
ATOM   141  N  N   . ALA A 1 19  ? 1.109   -3.837  2.756   1.00 17.20 ? 18  ALA A N   1 
ATOM   142  C  CA  . ALA A 1 19  ? 1.710   -2.630  3.284   1.00 16.91 ? 18  ALA A CA  1 
ATOM   143  C  C   . ALA A 1 19  ? 2.323   -2.878  4.650   1.00 18.66 ? 18  ALA A C   1 
ATOM   144  O  O   . ALA A 1 19  ? 3.378   -2.375  4.950   1.00 18.75 ? 18  ALA A O   1 
ATOM   145  C  CB  . ALA A 1 19  ? 0.701   -1.514  3.342   1.00 20.22 ? 18  ALA A CB  1 
ATOM   146  N  N   . ASN A 1 20  ? 1.655   -3.653  5.494   1.00 17.35 ? 19  ASN A N   1 
ATOM   147  C  CA  . ASN A 1 20  ? 2.287   -4.035  6.765   1.00 18.65 ? 19  ASN A CA  1 
ATOM   148  C  C   . ASN A 1 20  ? 3.599   -4.813  6.521   1.00 18.52 ? 19  ASN A C   1 
ATOM   149  O  O   . ASN A 1 20  ? 4.596   -4.540  7.191   1.00 20.23 ? 19  ASN A O   1 
ATOM   150  C  CB  . ASN A 1 20  ? 1.335   -4.887  7.578   1.00 20.77 ? 19  ASN A CB  1 
ATOM   151  C  CG  . ASN A 1 20  ? 0.417   -4.068  8.439   1.00 27.40 ? 19  ASN A CG  1 
ATOM   152  O  OD1 . ASN A 1 20  ? 0.864   -3.204  9.191   1.00 31.22 ? 19  ASN A OD1 1 
ATOM   153  N  ND2 . ASN A 1 20  ? -0.887  -4.384  8.387   1.00 29.23 ? 19  ASN A ND2 1 
ATOM   154  N  N   . GLN A 1 21  ? 3.575   -5.757  5.587   1.00 18.70 ? 20  GLN A N   1 
ATOM   155  C  CA  . GLN A 1 21  ? 4.771   -6.523  5.334   1.00 17.78 ? 20  GLN A CA  1 
ATOM   156  C  C   . GLN A 1 21  ? 5.868   -5.593  4.800   1.00 17.82 ? 20  GLN A C   1 
ATOM   157  O  O   . GLN A 1 21  ? 7.047   -5.733  5.150   1.00 18.68 ? 20  GLN A O   1 
ATOM   158  C  CB  A GLN A 1 21  ? 4.498   -7.734  4.467   0.50 19.40 ? 20  GLN A CB  1 
ATOM   159  C  CB  B GLN A 1 21  ? 4.493   -7.626  4.278   0.50 19.50 ? 20  GLN A CB  1 
ATOM   160  C  CG  A GLN A 1 21  ? 3.743   -8.783  5.287   0.50 16.59 ? 20  GLN A CG  1 
ATOM   161  C  CG  B GLN A 1 21  ? 5.705   -8.498  3.992   0.50 23.77 ? 20  GLN A CG  1 
ATOM   162  C  CD  A GLN A 1 21  ? 3.852   -10.160 4.696   0.50 32.54 ? 20  GLN A CD  1 
ATOM   163  C  CD  B GLN A 1 21  ? 5.511   -9.634  3.014   0.50 26.72 ? 20  GLN A CD  1 
ATOM   164  O  OE1 A GLN A 1 21  ? 3.857   -10.304 3.487   0.50 24.58 ? 20  GLN A OE1 1 
ATOM   165  O  OE1 B GLN A 1 21  ? 4.413   -9.876  2.498   0.50 26.53 ? 20  GLN A OE1 1 
ATOM   166  N  NE2 A GLN A 1 21  ? 3.968   -11.188 5.549   0.50 39.37 ? 20  GLN A NE2 1 
ATOM   167  N  NE2 B GLN A 1 21  ? 6.602   -10.322 2.723   0.50 19.30 ? 20  GLN A NE2 1 
ATOM   168  N  N   . LEU A 1 22  ? 5.503   -4.675  3.907   1.00 16.11 ? 21  LEU A N   1 
ATOM   169  C  CA  . LEU A 1 22  ? 6.491   -3.722  3.350   1.00 16.76 ? 21  LEU A CA  1 
ATOM   170  C  C   . LEU A 1 22  ? 7.129   -2.879  4.466   1.00 15.88 ? 21  LEU A C   1 
ATOM   171  O  O   . LEU A 1 22  ? 8.335   -2.738  4.555   1.00 17.64 ? 21  LEU A O   1 
ATOM   172  C  CB  . LEU A 1 22  ? 5.820   -2.844  2.272   1.00 18.08 ? 21  LEU A CB  1 
ATOM   173  C  CG  . LEU A 1 22  ? 6.760   -1.892  1.565   1.00 18.43 ? 21  LEU A CG  1 
ATOM   174  C  CD1 . LEU A 1 22  ? 7.889   -2.584  0.877   1.00 17.78 ? 21  LEU A CD1 1 
ATOM   175  C  CD2 . LEU A 1 22  ? 5.979   -1.030  0.558   1.00 19.41 ? 21  LEU A CD2 1 
ATOM   176  N  N   . LEU A 1 23  ? 6.273   -2.364  5.358   1.00 16.70 ? 22  LEU A N   1 
ATOM   177  C  CA  . LEU A 1 23  ? 6.776   -1.533  6.450   1.00 15.93 ? 22  LEU A CA  1 
ATOM   178  C  C   . LEU A 1 23  ? 7.782   -2.335  7.291   1.00 16.59 ? 22  LEU A C   1 
ATOM   179  O  O   . LEU A 1 23  ? 8.803   -1.813  7.721   1.00 16.96 ? 22  LEU A O   1 
ATOM   180  C  CB  . LEU A 1 23  ? 5.585   -1.034  7.265   1.00 20.63 ? 22  LEU A CB  1 
ATOM   181  C  CG  . LEU A 1 23  ? 5.892   -0.074  8.369   1.00 20.87 ? 22  LEU A CG  1 
ATOM   182  C  CD1 . LEU A 1 23  ? 6.595   1.182   7.874   1.00 20.99 ? 22  LEU A CD1 1 
ATOM   183  C  CD2 . LEU A 1 23  ? 4.587   0.244   9.159   1.00 22.42 ? 22  LEU A CD2 1 
ATOM   184  N  N   . GLN A 1 24  ? 7.442   -3.585  7.605   1.00 16.38 ? 23  GLN A N   1 
ATOM   185  C  CA  . GLN A 1 24  ? 8.339   -4.431  8.369   1.00 15.36 ? 23  GLN A CA  1 
ATOM   186  C  C   . GLN A 1 24  ? 9.702   -4.672  7.651   1.00 15.24 ? 23  GLN A C   1 
ATOM   187  O  O   . GLN A 1 24  ? 10.775  -4.623  8.243   1.00 16.29 ? 23  GLN A O   1 
ATOM   188  C  CB  . GLN A 1 24  ? 7.664   -5.745  8.641   1.00 17.75 ? 23  GLN A CB  1 
ATOM   189  C  CG  . GLN A 1 24  ? 6.535   -5.584  9.666   1.00 21.31 ? 23  GLN A CG  1 
ATOM   190  C  CD  . GLN A 1 24  ? 5.582   -6.746  9.764   1.00 33.13 ? 23  GLN A CD  1 
ATOM   191  O  OE1 . GLN A 1 24  ? 5.982   -7.884  9.610   1.00 38.70 ? 23  GLN A OE1 1 
ATOM   192  N  NE2 . GLN A 1 24  ? 4.308   -6.459  10.104  1.00 32.04 ? 23  GLN A NE2 1 
ATOM   193  N  N   . LEU A 1 25  ? 9.622   -4.921  6.327   1.00 15.78 ? 24  LEU A N   1 
ATOM   194  C  CA  . LEU A 1 25  ? 10.860  -5.060  5.561   1.00 16.72 ? 24  LEU A CA  1 
ATOM   195  C  C   . LEU A 1 25  ? 11.692  -3.775  5.519   1.00 15.00 ? 24  LEU A C   1 
ATOM   196  O  O   . LEU A 1 25  ? 12.924  -3.813  5.527   1.00 16.56 ? 24  LEU A O   1 
ATOM   197  C  CB  . LEU A 1 25  ? 10.589  -5.570  4.140   1.00 15.31 ? 24  LEU A CB  1 
ATOM   198  C  CG  . LEU A 1 25  ? 10.029  -6.980  3.971   1.00 18.48 ? 24  LEU A CG  1 
ATOM   199  C  CD1 . LEU A 1 25  ? 9.629   -7.224  2.535   1.00 18.38 ? 24  LEU A CD1 1 
ATOM   200  C  CD2 . LEU A 1 25  ? 11.033  -8.003  4.483   1.00 17.74 ? 24  LEU A CD2 1 
ATOM   201  N  N   . VAL A 1 26  ? 11.009  -2.631  5.424   1.00 15.80 ? 25  VAL A N   1 
ATOM   202  C  CA  . VAL A 1 26  ? 11.751  -1.361  5.488   1.00 15.09 ? 25  VAL A CA  1 
ATOM   203  C  C   . VAL A 1 26  ? 12.419  -1.123  6.859   1.00 15.37 ? 25  VAL A C   1 
ATOM   204  O  O   . VAL A 1 26  ? 13.565  -0.645  6.972   1.00 15.62 ? 25  VAL A O   1 
ATOM   205  C  CB  . VAL A 1 26  ? 10.843  -0.156  5.120   1.00 16.26 ? 25  VAL A CB  1 
ATOM   206  C  CG1 . VAL A 1 26  ? 11.614  1.164   5.289   1.00 19.01 ? 25  VAL A CG1 1 
ATOM   207  C  CG2 . VAL A 1 26  ? 10.399  -0.299  3.733   1.00 17.52 ? 25  VAL A CG2 1 
ATOM   208  N  N   . ASP A 1 27  ? 11.753  -1.526  7.924   1.00 16.26 ? 26  ASP A N   1 
ATOM   209  C  CA  . ASP A 1 27  ? 12.341  -1.439  9.252   1.00 16.25 ? 26  ASP A CA  1 
ATOM   210  C  C   . ASP A 1 27  ? 13.506  -2.445  9.369   1.00 16.81 ? 26  ASP A C   1 
ATOM   211  O  O   . ASP A 1 27  ? 14.561  -2.176  9.998   1.00 15.86 ? 26  ASP A O   1 
ATOM   212  C  CB  . ASP A 1 27  ? 11.313  -1.825  10.302  1.00 17.75 ? 26  ASP A CB  1 
ATOM   213  C  CG  . ASP A 1 27  ? 11.873  -1.751  11.719  1.00 23.76 ? 26  ASP A CG  1 
ATOM   214  O  OD1 . ASP A 1 27  ? 12.295  -0.637  12.074  1.00 27.35 ? 26  ASP A OD1 1 
ATOM   215  O  OD2 . ASP A 1 27  ? 11.834  -2.775  12.470  1.00 26.38 ? 26  ASP A OD2 1 
ATOM   216  N  N   . GLU A 1 28  ? 13.340  -3.640  8.779   1.00 16.03 ? 27  GLU A N   1 
ATOM   217  C  CA  . GLU A 1 28  ? 14.381  -4.646  8.824   1.00 15.13 ? 27  GLU A CA  1 
ATOM   218  C  C   . GLU A 1 28  ? 15.639  -4.075  8.091   1.00 14.63 ? 27  GLU A C   1 
ATOM   219  O  O   . GLU A 1 28  ? 16.793  -4.275  8.484   1.00 13.79 ? 27  GLU A O   1 
ATOM   220  C  CB  . GLU A 1 28  ? 13.870  -5.947  8.205   1.00 14.87 ? 27  GLU A CB  1 
ATOM   221  C  CG  . GLU A 1 28  ? 14.861  -7.053  8.284   1.00 14.21 ? 27  GLU A CG  1 
ATOM   222  C  CD  . GLU A 1 28  ? 14.267  -8.440  8.014   1.00 14.88 ? 27  GLU A CD  1 
ATOM   223  O  OE1 . GLU A 1 28  ? 13.012  -8.500  7.935   1.00 17.41 ? 27  GLU A OE1 1 
ATOM   224  O  OE2 . GLU A 1 28  ? 15.028  -9.429  7.816   1.00 14.78 ? 27  GLU A OE2 1 
ATOM   225  N  N   . GLU A 1 29  ? 15.378  -3.426  6.953   1.00 14.66 ? 28  GLU A N   1 
ATOM   226  C  CA  . GLU A 1 29  ? 16.454  -2.783  6.222   1.00 16.50 ? 28  GLU A CA  1 
ATOM   227  C  C   . GLU A 1 29  ? 17.171  -1.648  7.013   1.00 14.38 ? 28  GLU A C   1 
ATOM   228  O  O   . GLU A 1 29  ? 18.372  -1.546  6.994   1.00 15.19 ? 28  GLU A O   1 
ATOM   229  C  CB  . GLU A 1 29  ? 15.893  -2.283  4.883   1.00 17.04 ? 28  GLU A CB  1 
ATOM   230  C  CG  . GLU A 1 29  ? 16.871  -1.565  4.000   1.00 21.73 ? 28  GLU A CG  1 
ATOM   231  C  CD  . GLU A 1 29  ? 16.154  -1.028  2.770   1.00 34.32 ? 28  GLU A CD  1 
ATOM   232  O  OE1 . GLU A 1 29  ? 15.871  -1.817  1.835   1.00 34.31 ? 28  GLU A OE1 1 
ATOM   233  O  OE2 . GLU A 1 29  ? 15.805  0.166   2.771   1.00 41.01 ? 28  GLU A OE2 1 
ATOM   234  N  N   . PHE A 1 30  ? 16.407  -0.843  7.714   1.00 14.86 ? 29  PHE A N   1 
ATOM   235  C  CA  . PHE A 1 30  ? 16.958  0.163   8.633   1.00 15.56 ? 29  PHE A CA  1 
ATOM   236  C  C   . PHE A 1 30  ? 17.904  -0.497  9.623   1.00 15.27 ? 29  PHE A C   1 
ATOM   237  O  O   . PHE A 1 30  ? 19.053  -0.037  9.850   1.00 16.18 ? 29  PHE A O   1 
ATOM   238  C  CB  . PHE A 1 30  ? 15.807  0.883   9.344   1.00 16.30 ? 29  PHE A CB  1 
ATOM   239  C  CG  . PHE A 1 30  ? 16.235  1.840   10.343  1.00 20.90 ? 29  PHE A CG  1 
ATOM   240  C  CD1 . PHE A 1 30  ? 16.962  2.935   9.981   1.00 26.30 ? 29  PHE A CD1 1 
ATOM   241  C  CD2 . PHE A 1 30  ? 15.858  1.651   11.665  1.00 22.85 ? 29  PHE A CD2 1 
ATOM   242  C  CE1 . PHE A 1 30  ? 17.366  3.864   10.953  1.00 26.03 ? 29  PHE A CE1 1 
ATOM   243  C  CE2 . PHE A 1 30  ? 16.272  2.548   12.650  1.00 35.60 ? 29  PHE A CE2 1 
ATOM   244  C  CZ  . PHE A 1 30  ? 17.017  3.638   12.298  1.00 22.20 ? 29  PHE A CZ  1 
ATOM   245  N  N   . GLN A 1 31  ? 17.462  -1.616  10.202  1.00 14.36 ? 30  GLN A N   1 
ATOM   246  C  CA  . GLN A 1 31  ? 18.330  -2.303  11.170  1.00 15.11 ? 30  GLN A CA  1 
ATOM   247  C  C   . GLN A 1 31  ? 19.625  -2.794  10.537  1.00 15.90 ? 30  GLN A C   1 
ATOM   248  O  O   . GLN A 1 31  ? 20.733  -2.729  11.072  1.00 18.07 ? 30  GLN A O   1 
ATOM   249  C  CB  . GLN A 1 31  ? 17.596  -3.477  11.796  1.00 16.42 ? 30  GLN A CB  1 
ATOM   250  C  CG  . GLN A 1 31  ? 16.442  -3.022  12.643  1.00 16.59 ? 30  GLN A CG  1 
ATOM   251  C  CD  . GLN A 1 31  ? 15.643  -4.172  13.210  1.00 18.12 ? 30  GLN A CD  1 
ATOM   252  O  OE1 . GLN A 1 31  ? 16.189  -5.164  13.736  1.00 19.52 ? 30  GLN A OE1 1 
ATOM   253  N  NE2 . GLN A 1 31  ? 14.340  -4.073  13.084  1.00 23.70 ? 30  GLN A NE2 1 
ATOM   254  N  N   . ALA A 1 32  ? 19.469  -3.381  9.353   1.00 14.73 ? 31  ALA A N   1 
ATOM   255  C  CA  . ALA A 1 32  ? 20.629  -3.819  8.613   1.00 15.32 ? 31  ALA A CA  1 
ATOM   256  C  C   . ALA A 1 32  ? 21.588  -2.687  8.317   1.00 17.26 ? 31  ALA A C   1 
ATOM   257  O  O   . ALA A 1 32  ? 22.793  -2.880  8.408   1.00 16.61 ? 31  ALA A O   1 
ATOM   258  C  CB  . ALA A 1 32  ? 20.202  -4.441  7.289   1.00 14.34 ? 31  ALA A CB  1 
ATOM   259  N  N   . LEU A 1 33  ? 21.061  -1.555  7.854   1.00 16.46 ? 32  LEU A N   1 
ATOM   260  C  CA  . LEU A 1 33  ? 21.913  -0.385  7.589   1.00 19.92 ? 32  LEU A CA  1 
ATOM   261  C  C   . LEU A 1 33  ? 22.653  0.078   8.831   1.00 19.50 ? 32  LEU A C   1 
ATOM   262  O  O   . LEU A 1 33  ? 23.864  0.384   8.771   1.00 20.57 ? 32  LEU A O   1 
ATOM   263  C  CB  . LEU A 1 33  ? 21.082  0.765   7.084   1.00 18.48 ? 32  LEU A CB  1 
ATOM   264  C  CG  . LEU A 1 33  ? 20.552  0.621   5.688   1.00 18.91 ? 32  LEU A CG  1 
ATOM   265  C  CD1 . LEU A 1 33  ? 19.513  1.684   5.419   1.00 23.96 ? 32  LEU A CD1 1 
ATOM   266  C  CD2 . LEU A 1 33  ? 21.579  0.588   4.597   1.00 21.24 ? 32  LEU A CD2 1 
ATOM   267  N  N   . GLU A 1 34  ? 21.929  0.171   9.953   1.00 20.05 ? 33  GLU A N   1 
ATOM   268  C  CA  . GLU A 1 34  ? 22.560  0.573   11.240  1.00 21.60 ? 33  GLU A CA  1 
ATOM   269  C  C   . GLU A 1 34  ? 23.672  -0.369  11.612  1.00 19.01 ? 33  GLU A C   1 
ATOM   270  O  O   . GLU A 1 34  ? 24.710  0.032   12.186  1.00 22.47 ? 33  GLU A O   1 
ATOM   271  C  CB  . GLU A 1 34  ? 21.519  0.541   12.364  1.00 23.26 ? 33  GLU A CB  1 
ATOM   272  C  CG  . GLU A 1 34  ? 20.494  1.670   12.266  1.00 32.04 ? 33  GLU A CG  1 
ATOM   273  C  CD  . GLU A 1 34  ? 21.121  3.052   12.347  1.00 50.99 ? 33  GLU A CD  1 
ATOM   274  O  OE1 . GLU A 1 34  ? 22.184  3.201   13.003  1.00 59.36 ? 33  GLU A OE1 1 
ATOM   275  O  OE2 . GLU A 1 34  ? 20.560  3.990   11.750  1.00 54.58 ? 33  GLU A OE2 1 
ATOM   276  N  N   . ARG A 1 35  ? 23.483  -1.647  11.313  1.00 15.95 ? 34  ARG A N   1 
ATOM   277  C  CA  . ARG A 1 35  ? 24.410  -2.643  11.752  1.00 15.04 ? 34  ARG A CA  1 
ATOM   278  C  C   . ARG A 1 35  ? 25.434  -2.979  10.711  1.00 18.36 ? 34  ARG A C   1 
ATOM   279  O  O   . ARG A 1 35  ? 26.245  -3.888  10.922  1.00 20.80 ? 34  ARG A O   1 
ATOM   280  C  CB  . ARG A 1 35  ? 23.709  -3.922  12.167  1.00 18.69 ? 34  ARG A CB  1 
ATOM   281  C  CG  . ARG A 1 35  ? 22.662  -3.742  13.191  1.00 20.87 ? 34  ARG A CG  1 
ATOM   282  C  CD  . ARG A 1 35  ? 21.974  -5.076  13.376  1.00 23.82 ? 34  ARG A CD  1 
ATOM   283  N  NE  . ARG A 1 35  ? 20.745  -4.955  14.129  1.00 33.38 ? 34  ARG A NE  1 
ATOM   284  C  CZ  . ARG A 1 35  ? 19.987  -5.990  14.497  1.00 34.27 ? 34  ARG A CZ  1 
ATOM   285  N  NH1 . ARG A 1 35  ? 20.352  -7.192  14.182  1.00 27.59 ? 34  ARG A NH1 1 
ATOM   286  N  NH2 . ARG A 1 35  ? 18.870  -5.807  15.183  1.00 36.03 ? 34  ARG A NH2 1 
ATOM   287  N  N   . ARG A 1 36  ? 25.386  -2.270  9.590   1.00 18.29 ? 35  ARG A N   1 
ATOM   288  C  CA  . ARG A 1 36  ? 26.375  -2.484  8.522   1.00 22.33 ? 35  ARG A CA  1 
ATOM   289  C  C   . ARG A 1 36  ? 26.415  -3.909  7.969   1.00 23.57 ? 35  ARG A C   1 
ATOM   290  O  O   . ARG A 1 36  ? 27.465  -4.435  7.648   1.00 21.62 ? 35  ARG A O   1 
ATOM   291  C  CB  . ARG A 1 36  ? 27.761  -2.024  8.998   1.00 24.08 ? 35  ARG A CB  1 
ATOM   292  C  CG  . ARG A 1 36  ? 27.669  -0.581  9.567   1.00 23.57 ? 35  ARG A CG  1 
ATOM   293  N  N   . GLU A 1 37  ? 25.220  -4.510  7.841   1.00 20.31 ? 36  GLU A N   1 
ATOM   294  C  CA  . GLU A 1 37  ? 25.046  -5.849  7.257   1.00 21.03 ? 36  GLU A CA  1 
ATOM   295  C  C   . GLU A 1 37  ? 24.754  -5.688  5.781   1.00 19.51 ? 36  GLU A C   1 
ATOM   296  O  O   . GLU A 1 37  ? 23.581  -5.535  5.380   1.00 23.26 ? 36  GLU A O   1 
ATOM   297  C  CB  . GLU A 1 37  ? 23.901  -6.585  7.948   1.00 20.64 ? 36  GLU A CB  1 
ATOM   298  C  CG  . GLU A 1 37  ? 24.206  -7.039  9.368   1.00 23.22 ? 36  GLU A CG  1 
ATOM   299  C  CD  . GLU A 1 37  ? 23.059  -7.767  10.087  1.00 25.77 ? 36  GLU A CD  1 
ATOM   300  O  OE1 . GLU A 1 37  ? 21.993  -8.033  9.478   1.00 27.62 ? 36  GLU A OE1 1 
ATOM   301  O  OE2 . GLU A 1 37  ? 23.247  -8.114  11.274  1.00 31.06 ? 36  GLU A OE2 1 
ATOM   302  N  N   . LEU A 1 38  ? 25.769  -5.783  4.945   1.00 22.39 ? 37  LEU A N   1 
ATOM   303  C  CA  . LEU A 1 38  ? 25.599  -5.532  3.511   1.00 24.87 ? 37  LEU A CA  1 
ATOM   304  C  C   . LEU A 1 38  ? 24.884  -6.653  2.768   1.00 21.53 ? 37  LEU A C   1 
ATOM   305  O  O   . LEU A 1 38  ? 23.986  -6.391  1.981   1.00 22.41 ? 37  LEU A O   1 
ATOM   306  C  CB  . LEU A 1 38  ? 26.943  -5.275  2.855   1.00 27.12 ? 37  LEU A CB  1 
ATOM   307  C  CG  . LEU A 1 38  ? 26.914  -4.888  1.370   1.00 37.53 ? 37  LEU A CG  1 
ATOM   308  N  N   . PRO A 1 39  ? 25.270  -7.917  3.022   1.00 19.82 ? 38  PRO A N   1 
ATOM   309  C  CA  . PRO A 1 39  ? 24.653  -8.970  2.169   1.00 20.83 ? 38  PRO A CA  1 
ATOM   310  C  C   . PRO A 1 39  ? 23.148  -9.075  2.210   1.00 18.59 ? 38  PRO A C   1 
ATOM   311  O  O   . PRO A 1 39  ? 22.513  -9.394  1.199   1.00 21.09 ? 38  PRO A O   1 
ATOM   312  C  CB  . PRO A 1 39  ? 25.294  -10.262 2.668   1.00 20.94 ? 38  PRO A CB  1 
ATOM   313  C  CG  . PRO A 1 39  ? 26.590  -9.832  3.245   1.00 18.79 ? 38  PRO A CG  1 
ATOM   314  C  CD  . PRO A 1 39  ? 26.300  -8.493  3.914   1.00 21.72 ? 38  PRO A CD  1 
ATOM   315  N  N   . VAL A 1 40  ? 22.541  -8.738  3.352   1.00 17.57 ? 39  VAL A N   1 
ATOM   316  C  CA  . VAL A 1 40  ? 21.112  -8.863  3.498   1.00 16.04 ? 39  VAL A CA  1 
ATOM   317  C  C   . VAL A 1 40  ? 20.351  -7.821  2.733   1.00 15.44 ? 39  VAL A C   1 
ATOM   318  O  O   . VAL A 1 40  ? 19.195  -7.985  2.437   1.00 16.86 ? 39  VAL A O   1 
ATOM   319  C  CB  . VAL A 1 40  ? 20.705  -8.846  4.991   1.00 13.88 ? 39  VAL A CB  1 
ATOM   320  C  CG1 . VAL A 1 40  ? 20.847  -7.480  5.638   1.00 16.10 ? 39  VAL A CG1 1 
ATOM   321  C  CG2 . VAL A 1 40  ? 19.367  -9.454  5.176   1.00 17.54 ? 39  VAL A CG2 1 
ATOM   322  N  N   . LEU A 1 41  ? 21.039  -6.718  2.438   1.00 17.40 ? 40  LEU A N   1 
ATOM   323  C  CA  . LEU A 1 41  ? 20.304  -5.620  1.776   1.00 16.79 ? 40  LEU A CA  1 
ATOM   324  C  C   . LEU A 1 41  ? 19.752  -6.047  0.418   1.00 16.74 ? 40  LEU A C   1 
ATOM   325  O  O   . LEU A 1 41  ? 18.596  -5.700  0.094   1.00 17.41 ? 40  LEU A O   1 
ATOM   326  C  CB  . LEU A 1 41  ? 21.175  -4.415  1.624   1.00 21.67 ? 40  LEU A CB  1 
ATOM   327  C  CG  . LEU A 1 41  ? 21.624  -3.810  2.947   1.00 16.53 ? 40  LEU A CG  1 
ATOM   328  C  CD1 . LEU A 1 41  ? 22.648  -2.731  2.563   1.00 26.64 ? 40  LEU A CD1 1 
ATOM   329  C  CD2 . LEU A 1 41  ? 20.564  -3.271  3.841   1.00 22.87 ? 40  LEU A CD2 1 
ATOM   330  N  N   . GLN A 1 42  ? 20.542  -6.803  -0.355  1.00 17.02 ? 41  GLN A N   1 
ATOM   331  C  CA  . GLN A 1 42  ? 20.028  -7.322  -1.633  1.00 19.53 ? 41  GLN A CA  1 
ATOM   332  C  C   . GLN A 1 42  ? 18.823  -8.228  -1.469  1.00 18.74 ? 41  GLN A C   1 
ATOM   333  O  O   . GLN A 1 42  ? 17.880  -8.200  -2.264  1.00 18.50 ? 41  GLN A O   1 
ATOM   334  C  CB  . GLN A 1 42  ? 21.120  -8.072  -2.404  1.00 21.07 ? 41  GLN A CB  1 
ATOM   335  C  CG  . GLN A 1 42  ? 20.660  -8.703  -3.731  1.00 26.09 ? 41  GLN A CG  1 
ATOM   336  C  CD  . GLN A 1 42  ? 21.828  -9.339  -4.473  1.00 30.94 ? 41  GLN A CD  1 
ATOM   337  O  OE1 . GLN A 1 42  ? 22.876  -9.656  -3.884  1.00 44.36 ? 41  GLN A OE1 1 
ATOM   338  N  NE2 . GLN A 1 42  ? 21.654  -9.536  -5.778  1.00 47.38 ? 41  GLN A NE2 1 
ATOM   339  N  N   . GLN A 1 43  ? 18.850  -9.050  -0.417  1.00 17.23 ? 42  GLN A N   1 
ATOM   340  C  CA  . GLN A 1 43  ? 17.769  -9.994  -0.171  1.00 17.12 ? 42  GLN A CA  1 
ATOM   341  C  C   . GLN A 1 43  ? 16.481  -9.298  0.255   1.00 18.11 ? 42  GLN A C   1 
ATOM   342  O  O   . GLN A 1 43  ? 15.371  -9.687  -0.096  1.00 18.32 ? 42  GLN A O   1 
ATOM   343  C  CB  . GLN A 1 43  ? 18.208  -11.046 0.862   1.00 20.28 ? 42  GLN A CB  1 
ATOM   344  C  CG  . GLN A 1 43  ? 19.368  -11.881 0.435   1.00 25.66 ? 42  GLN A CG  1 
ATOM   345  C  CD  . GLN A 1 43  ? 19.340  -12.315 -1.016  1.00 33.22 ? 42  GLN A CD  1 
ATOM   346  O  OE1 . GLN A 1 43  ? 18.331  -12.841 -1.506  1.00 30.84 ? 42  GLN A OE1 1 
ATOM   347  N  NE2 . GLN A 1 43  ? 20.432  -12.071 -1.727  1.00 37.38 ? 42  GLN A NE2 1 
ATOM   348  N  N   . LEU A 1 44  ? 16.632  -8.232  1.045   1.00 16.36 ? 43  LEU A N   1 
ATOM   349  C  CA  . LEU A 1 44  ? 15.486  -7.425  1.441   1.00 15.25 ? 43  LEU A CA  1 
ATOM   350  C  C   . LEU A 1 44  ? 14.865  -6.700  0.253   1.00 18.90 ? 43  LEU A C   1 
ATOM   351  O  O   . LEU A 1 44  ? 13.638  -6.604  0.147   1.00 20.29 ? 43  LEU A O   1 
ATOM   352  C  CB  . LEU A 1 44  ? 15.877  -6.417  2.541   1.00 15.59 ? 43  LEU A CB  1 
ATOM   353  C  CG  . LEU A 1 44  ? 16.239  -7.111  3.880   1.00 14.19 ? 43  LEU A CG  1 
ATOM   354  C  CD1 . LEU A 1 44  ? 16.789  -6.119  4.827   1.00 16.20 ? 43  LEU A CD1 1 
ATOM   355  C  CD2 . LEU A 1 44  ? 15.046  -7.795  4.462   1.00 17.10 ? 43  LEU A CD2 1 
ATOM   356  N  N   . LEU A 1 45  ? 15.715  -6.216  -0.632  1.00 19.20 ? 44  LEU A N   1 
ATOM   357  C  CA  . LEU A 1 45  ? 15.179  -5.654  -1.937  1.00 21.32 ? 44  LEU A CA  1 
ATOM   358  C  C   . LEU A 1 45  ? 14.357  -6.713  -2.675  1.00 23.12 ? 44  LEU A C   1 
ATOM   359  O  O   . LEU A 1 45  ? 13.309  -6.412  -3.228  1.00 23.21 ? 44  LEU A O   1 
ATOM   360  C  CB  . LEU A 1 45  ? 16.299  -5.132  -2.836  1.00 23.03 ? 44  LEU A CB  1 
ATOM   361  C  CG  . LEU A 1 45  ? 15.856  -4.535  -4.184  1.00 26.58 ? 44  LEU A CG  1 
ATOM   362  C  CD1 . LEU A 1 45  ? 14.892  -3.350  -3.955  1.00 34.80 ? 44  LEU A CD1 1 
ATOM   363  C  CD2 . LEU A 1 45  ? 17.056  -4.100  -5.019  1.00 28.22 ? 44  LEU A CD2 1 
ATOM   364  N  N   . GLY A 1 46  ? 14.848  -7.945  -2.711  1.00 21.52 ? 45  GLY A N   1 
ATOM   365  C  CA  . GLY A 1 46  ? 14.165  -9.040  -3.420  1.00 22.18 ? 45  GLY A CA  1 
ATOM   366  C  C   . GLY A 1 46  ? 12.850  -9.355  -2.738  1.00 25.33 ? 45  GLY A C   1 
ATOM   367  O  O   . GLY A 1 46  ? 11.879  -9.676  -3.383  1.00 27.42 ? 45  GLY A O   1 
ATOM   368  N  N   . ALA A 1 47  ? 12.811  -9.247  -1.426  1.00 24.16 ? 46  ALA A N   1 
ATOM   369  C  CA  . ALA A 1 47  ? 11.587  -9.488  -0.703  1.00 23.81 ? 46  ALA A CA  1 
ATOM   370  C  C   . ALA A 1 47  ? 10.543  -8.387  -0.928  1.00 27.27 ? 46  ALA A C   1 
ATOM   371  O  O   . ALA A 1 47  ? 9.325   -8.644  -0.868  1.00 29.18 ? 46  ALA A O   1 
ATOM   372  C  CB  . ALA A 1 47  ? 11.892  -9.637  0.800   1.00 26.39 ? 46  ALA A CB  1 
ATOM   373  N  N   . LYS A 1 48  ? 10.999  -7.142  -1.117  1.00 24.50 ? 47  LYS A N   1 
ATOM   374  C  CA  . LYS A 1 48  ? 10.092  -5.984  -1.310  1.00 25.45 ? 47  LYS A CA  1 
ATOM   375  C  C   . LYS A 1 48  ? 9.462   -6.013  -2.686  1.00 33.34 ? 47  LYS A C   1 
ATOM   376  O  O   . LYS A 1 48  ? 8.374   -5.443  -2.823  1.00 31.98 ? 47  LYS A O   1 
ATOM   377  C  CB  . LYS A 1 48  ? 10.831  -4.664  -1.141  1.00 24.87 ? 47  LYS A CB  1 
ATOM   378  C  CG  . LYS A 1 48  ? 11.264  -4.393  0.230   1.00 25.24 ? 47  LYS A CG  1 
ATOM   379  C  CD  . LYS A 1 48  ? 11.722  -2.956  0.438   1.00 23.45 ? 47  LYS A CD  1 
ATOM   380  C  CE  . LYS A 1 48  ? 12.979  -2.634  -0.290  1.00 32.97 ? 47  LYS A CE  1 
ATOM   381  N  NZ  . LYS A 1 48  ? 13.343  -1.196  0.019   1.00 32.54 ? 47  LYS A NZ  1 
ATOM   382  N  N   . GLN A 1 49  ? 10.142  -6.644  -3.672  1.00 32.47 ? 48  GLN A N   1 
ATOM   383  C  CA  . GLN A 1 49  ? 9.678   -6.631  -5.087  1.00 35.11 ? 48  GLN A CA  1 
ATOM   384  C  C   . GLN A 1 49  ? 8.260   -7.152  -5.268  1.00 32.15 ? 48  GLN A C   1 
ATOM   385  O  O   . GLN A 1 49  ? 7.397   -6.422  -5.767  1.00 35.20 ? 48  GLN A O   1 
ATOM   386  C  CB  . GLN A 1 49  ? 10.643  -7.396  -6.022  1.00 38.11 ? 48  GLN A CB  1 
ATOM   387  C  CG  . GLN A 1 49  ? 12.042  -6.820  -6.170  1.00 46.10 ? 48  GLN A CG  1 
ATOM   388  C  CD  . GLN A 1 49  ? 12.057  -5.324  -6.196  1.00 53.97 ? 48  GLN A CD  1 
ATOM   389  O  OE1 . GLN A 1 49  ? 12.562  -4.673  -5.280  1.00 61.12 ? 48  GLN A OE1 1 
ATOM   390  N  NE2 . GLN A 1 49  ? 11.469  -4.756  -7.233  1.00 63.94 ? 48  GLN A NE2 1 
ATOM   391  N  N   . PRO A 1 50  ? 7.993   -8.392  -4.872  1.00 31.52 ? 49  PRO A N   1 
ATOM   392  C  CA  . PRO A 1 50  ? 6.612   -8.844  -5.106  1.00 32.74 ? 49  PRO A CA  1 
ATOM   393  C  C   . PRO A 1 50  ? 5.558   -7.993  -4.392  1.00 33.86 ? 49  PRO A C   1 
ATOM   394  O  O   . PRO A 1 50  ? 4.415   -7.927  -4.840  1.00 32.38 ? 49  PRO A O   1 
ATOM   395  C  CB  . PRO A 1 50  ? 6.598   -10.263 -4.570  1.00 33.02 ? 49  PRO A CB  1 
ATOM   396  C  CG  . PRO A 1 50  ? 7.879   -10.374 -3.710  1.00 29.28 ? 49  PRO A CG  1 
ATOM   397  C  CD  . PRO A 1 50  ? 8.845   -9.450  -4.303  1.00 29.62 ? 49  PRO A CD  1 
ATOM   398  N  N   . LEU A 1 51  ? 5.917   -7.357  -3.286  1.00 29.12 ? 50  LEU A N   1 
ATOM   399  C  CA  . LEU A 1 51  ? 4.938   -6.572  -2.551  1.00 25.86 ? 50  LEU A CA  1 
ATOM   400  C  C   . LEU A 1 51  ? 4.612   -5.298  -3.294  1.00 27.85 ? 50  LEU A C   1 
ATOM   401  O  O   . LEU A 1 51  ? 3.476   -4.831  -3.312  1.00 25.06 ? 50  LEU A O   1 
ATOM   402  C  CB  . LEU A 1 51  ? 5.453   -6.209  -1.117  1.00 21.87 ? 50  LEU A CB  1 
ATOM   403  C  CG  . LEU A 1 51  ? 5.568   -7.427  -0.237  1.00 23.10 ? 50  LEU A CG  1 
ATOM   404  C  CD1 . LEU A 1 51  ? 6.246   -6.998  1.066   1.00 23.18 ? 50  LEU A CD1 1 
ATOM   405  C  CD2 . LEU A 1 51  ? 4.239   -8.083  0.022   1.00 27.20 ? 50  LEU A CD2 1 
HETATM 406  N  N   . MSE A 1 52  ? 5.626   -4.688  -3.872  1.00 28.04 ? 51  MSE A N   1 
HETATM 407  C  CA  . MSE A 1 52  ? 5.444   -3.398  -4.512  1.00 33.66 ? 51  MSE A CA  1 
HETATM 408  C  C   . MSE A 1 52  ? 4.643   -3.604  -5.815  1.00 31.06 ? 51  MSE A C   1 
HETATM 409  O  O   . MSE A 1 52  ? 3.780   -2.783  -6.178  1.00 28.76 ? 51  MSE A O   1 
HETATM 410  C  CB  . MSE A 1 52  ? 6.808   -2.799  -4.783  1.00 35.96 ? 51  MSE A CB  1 
HETATM 411  C  CG  . MSE A 1 52  ? 7.542   -2.500  -3.512  1.00 42.64 ? 51  MSE A CG  1 
HETATM 412  SE SE  . MSE A 1 52  ? 9.327   -1.916  -3.902  0.75 52.19 ? 51  MSE A SE  1 
HETATM 413  C  CE  . MSE A 1 52  ? 10.000  -3.381  -4.858  1.00 49.61 ? 51  MSE A CE  1 
ATOM   414  N  N   . GLN A 1 53  ? 4.918   -4.725  -6.458  1.00 28.64 ? 52  GLN A N   1 
ATOM   415  C  CA  . GLN A 1 53  ? 4.139   -5.113  -7.660  1.00 25.52 ? 52  GLN A CA  1 
ATOM   416  C  C   . GLN A 1 53  ? 2.673   -5.324  -7.309  1.00 25.58 ? 52  GLN A C   1 
ATOM   417  O  O   . GLN A 1 53  ? 1.744   -4.845  -8.036  1.00 22.66 ? 52  GLN A O   1 
ATOM   418  C  CB  . GLN A 1 53  ? 4.647   -6.427  -8.235  1.00 29.67 ? 52  GLN A CB  1 
ATOM   419  N  N   . GLN A 1 54  ? 2.432   -6.054  -6.227  1.00 23.06 ? 53  GLN A N   1 
ATOM   420  C  CA  . GLN A 1 54  ? 1.084   -6.318  -5.794  1.00 22.94 ? 53  GLN A CA  1 
ATOM   421  C  C   . GLN A 1 54  ? 0.424   -5.021  -5.390  1.00 21.73 ? 53  GLN A C   1 
ATOM   422  O  O   . GLN A 1 54  ? -0.755  -4.781  -5.709  1.00 22.33 ? 53  GLN A O   1 
ATOM   423  C  CB  . GLN A 1 54  ? 0.967   -7.358  -4.648  1.00 24.15 ? 53  GLN A CB  1 
ATOM   424  C  CG  . GLN A 1 54  ? 1.367   -8.781  -5.071  1.00 25.48 ? 53  GLN A CG  1 
ATOM   425  C  CD  . GLN A 1 54  ? 1.725   -9.687  -3.921  1.00 28.64 ? 53  GLN A CD  1 
ATOM   426  O  OE1 . GLN A 1 54  ? 2.621   -9.364  -3.103  1.00 35.93 ? 53  GLN A OE1 1 
ATOM   427  N  NE2 . GLN A 1 54  ? 0.983   -10.774 -3.781  1.00 41.88 ? 53  GLN A NE2 1 
ATOM   428  N  N   . LEU A 1 55  ? 1.100   -4.160  -4.635  1.00 20.81 ? 54  LEU A N   1 
ATOM   429  C  CA  . LEU A 1 55  ? 0.483   -2.874  -4.269  1.00 19.73 ? 54  LEU A CA  1 
ATOM   430  C  C   . LEU A 1 55  ? 0.112   -1.979  -5.500  1.00 17.94 ? 54  LEU A C   1 
ATOM   431  O  O   . LEU A 1 55  ? -0.925  -1.309  -5.532  1.00 21.48 ? 54  LEU A O   1 
ATOM   432  C  CB  . LEU A 1 55  ? 1.385   -2.095  -3.272  1.00 24.28 ? 54  LEU A CB  1 
ATOM   433  C  CG  . LEU A 1 55  ? 1.405   -2.673  -1.820  1.00 24.81 ? 54  LEU A CG  1 
ATOM   434  C  CD1 . LEU A 1 55  ? 2.635   -2.230  -1.049  1.00 29.60 ? 54  LEU A CD1 1 
ATOM   435  C  CD2 . LEU A 1 55  ? 0.137   -2.413  -1.033  1.00 21.04 ? 54  LEU A CD2 1 
ATOM   436  N  N   . GLU A 1 56  ? 1.018   -1.979  -6.475  1.00 21.39 ? 55  GLU A N   1 
ATOM   437  C  CA  . GLU A 1 56  ? 0.803   -1.221  -7.722  1.00 22.97 ? 55  GLU A CA  1 
ATOM   438  C  C   . GLU A 1 56  ? -0.444  -1.759  -8.466  1.00 17.47 ? 55  GLU A C   1 
ATOM   439  O  O   . GLU A 1 56  ? -1.329  -0.988  -8.857  1.00 19.71 ? 55  GLU A O   1 
ATOM   440  C  CB  . GLU A 1 56  ? 2.050   -1.332  -8.609  1.00 22.23 ? 55  GLU A CB  1 
ATOM   441  C  CG  . GLU A 1 56  ? 1.927   -0.913  -10.078 1.00 36.15 ? 55  GLU A CG  1 
ATOM   442  C  CD  . GLU A 1 56  ? 2.904   -1.700  -11.077 1.00 39.59 ? 55  GLU A CD  1 
ATOM   443  O  OE1 . GLU A 1 56  ? 3.088   -2.955  -10.965 1.00 49.77 ? 55  GLU A OE1 1 
ATOM   444  O  OE2 . GLU A 1 56  ? 3.441   -1.053  -12.017 1.00 55.29 ? 55  GLU A OE2 1 
ATOM   445  N  N   . ARG A 1 57  ? -0.438  -3.054  -8.662  1.00 18.97 ? 56  ARG A N   1 
ATOM   446  C  CA  . ARG A 1 57  ? -1.569  -3.720  -9.362  1.00 15.67 ? 56  ARG A CA  1 
ATOM   447  C  C   . ARG A 1 57  ? -2.865  -3.512  -8.589  1.00 17.69 ? 56  ARG A C   1 
ATOM   448  O  O   . ARG A 1 57  ? -3.940  -3.148  -9.142  1.00 18.82 ? 56  ARG A O   1 
ATOM   449  C  CB  . ARG A 1 57  ? -1.294  -5.202  -9.610  1.00 17.90 ? 56  ARG A CB  1 
ATOM   450  C  CG  . ARG A 1 57  ? -0.391  -5.448  -10.781 1.00 21.48 ? 56  ARG A CG  1 
ATOM   451  C  CD  . ARG A 1 57  ? -0.322  -6.915  -11.180 1.00 26.31 ? 56  ARG A CD  1 
ATOM   452  N  NE  . ARG A 1 57  ? 0.528   -7.021  -12.356 1.00 27.26 ? 56  ARG A NE  1 
ATOM   453  C  CZ  . ARG A 1 57  ? 0.630   -8.094  -13.122 1.00 35.10 ? 56  ARG A CZ  1 
ATOM   454  N  NH1 . ARG A 1 57  ? -0.034  -9.207  -12.818 1.00 37.59 ? 56  ARG A NH1 1 
ATOM   455  N  NH2 . ARG A 1 57  ? 1.433   -8.045  -14.174 1.00 33.80 ? 56  ARG A NH2 1 
ATOM   456  N  N   . ASN A 1 58  ? -2.831  -3.665  -7.280  1.00 17.23 ? 57  ASN A N   1 
ATOM   457  C  CA  . ASN A 1 58  ? -4.046  -3.579  -6.535  1.00 16.93 ? 57  ASN A CA  1 
ATOM   458  C  C   . ASN A 1 58  ? -4.501  -2.113  -6.493  1.00 18.91 ? 57  ASN A C   1 
ATOM   459  O  O   . ASN A 1 58  ? -5.722  -1.860  -6.504  1.00 19.71 ? 57  ASN A O   1 
ATOM   460  C  CB  . ASN A 1 58  ? -3.878  -4.223  -5.155  1.00 22.29 ? 57  ASN A CB  1 
ATOM   461  C  CG  . ASN A 1 58  ? -3.931  -5.803  -5.190  1.00 24.25 ? 57  ASN A CG  1 
ATOM   462  O  OD1 . ASN A 1 58  ? -4.229  -6.434  -6.196  1.00 25.33 ? 57  ASN A OD1 1 
ATOM   463  N  ND2 . ASN A 1 58  ? -3.565  -6.421  -4.083  1.00 30.29 ? 57  ASN A ND2 1 
ATOM   464  N  N   . GLY A 1 59  ? -3.578  -1.125  -6.471  1.00 17.80 ? 58  GLY A N   1 
ATOM   465  C  CA  . GLY A 1 59  ? -4.028  0.227   -6.593  1.00 20.81 ? 58  GLY A CA  1 
ATOM   466  C  C   . GLY A 1 59  ? -4.768  0.518   -7.865  1.00 17.20 ? 58  GLY A C   1 
ATOM   467  O  O   . GLY A 1 59  ? -5.728  1.294   -7.882  1.00 18.70 ? 58  GLY A O   1 
ATOM   468  N  N   . ARG A 1 60  ? -4.221  -0.035  -8.939  1.00 17.10 ? 59  ARG A N   1 
ATOM   469  C  CA  . ARG A 1 60  ? -4.860  0.133   -10.258 1.00 16.51 ? 59  ARG A CA  1 
ATOM   470  C  C   . ARG A 1 60  ? -6.218  -0.528  -10.278 1.00 16.54 ? 59  ARG A C   1 
ATOM   471  O  O   . ARG A 1 60  ? -7.130  -0.034  -10.972 1.00 16.75 ? 59  ARG A O   1 
ATOM   472  C  CB  . ARG A 1 60  ? -4.019  -0.321  -11.427 1.00 16.68 ? 59  ARG A CB  1 
ATOM   473  C  CG  . ARG A 1 60  ? -2.828  0.636   -11.680 1.00 17.21 ? 59  ARG A CG  1 
ATOM   474  C  CD  . ARG A 1 60  ? -2.143  0.261   -12.944 1.00 24.98 ? 59  ARG A CD  1 
ATOM   475  N  NE  . ARG A 1 60  ? -1.358  1.348   -13.504 1.00 31.67 ? 59  ARG A NE  1 
ATOM   476  C  CZ  . ARG A 1 60  ? -0.321  1.169   -14.328 1.00 40.80 ? 59  ARG A CZ  1 
ATOM   477  N  NH1 . ARG A 1 60  ? 0.140   -0.055  -14.567 1.00 37.05 ? 59  ARG A NH1 1 
ATOM   478  N  NH2 . ARG A 1 60  ? 0.324   2.218   -14.843 1.00 39.50 ? 59  ARG A NH2 1 
ATOM   479  N  N   . ALA A 1 61  ? -6.365  -1.642  -9.572  1.00 17.22 ? 60  ALA A N   1 
ATOM   480  C  CA  . ALA A 1 61  ? -7.660  -2.360  -9.505  1.00 15.64 ? 60  ALA A CA  1 
ATOM   481  C  C   . ALA A 1 61  ? -8.664  -1.509  -8.759  1.00 16.82 ? 60  ALA A C   1 
ATOM   482  O  O   . ALA A 1 61  ? -9.804  -1.331  -9.203  1.00 18.43 ? 60  ALA A O   1 
ATOM   483  C  CB  . ALA A 1 61  ? -7.468  -3.683  -8.869  1.00 16.30 ? 60  ALA A CB  1 
ATOM   484  N  N   . ARG A 1 62  ? -8.260  -0.996  -7.576  1.00 17.34 ? 61  ARG A N   1 
ATOM   485  C  CA  . ARG A 1 62  ? -9.190  -0.161  -6.807  1.00 19.28 ? 61  ARG A CA  1 
ATOM   486  C  C   . ARG A 1 62  ? -9.606  1.082   -7.601  1.00 16.90 ? 61  ARG A C   1 
ATOM   487  O  O   . ARG A 1 62  ? -10.787 1.506   -7.610  1.00 18.51 ? 61  ARG A O   1 
ATOM   488  C  CB  . ARG A 1 62  ? -8.587  0.289   -5.466  1.00 17.93 ? 61  ARG A CB  1 
ATOM   489  C  CG  A ARG A 1 62  ? -8.419  -0.936  -4.584  0.50 18.34 ? 61  ARG A CG  1 
ATOM   490  C  CG  B ARG A 1 62  ? -8.102  -0.860  -4.491  0.50 21.87 ? 61  ARG A CG  1 
ATOM   491  C  CD  A ARG A 1 62  ? -8.327  -0.497  -3.137  0.50 17.33 ? 61  ARG A CD  1 
ATOM   492  C  CD  B ARG A 1 62  ? -7.464  -0.396  -3.073  0.50 20.00 ? 61  ARG A CD  1 
ATOM   493  N  NE  A ARG A 1 62  ? -7.170  0.374   -3.083  0.50 20.08 ? 61  ARG A NE  1 
ATOM   494  N  NE  B ARG A 1 62  ? -6.058  0.040   -3.124  0.50 24.84 ? 61  ARG A NE  1 
ATOM   495  C  CZ  A ARG A 1 62  ? -5.933  -0.087  -3.018  0.50 14.38 ? 61  ARG A CZ  1 
ATOM   496  C  CZ  B ARG A 1 62  ? -5.647  1.304   -3.171  0.50 21.22 ? 61  ARG A CZ  1 
ATOM   497  N  NH1 A ARG A 1 62  ? -5.720  -1.368  -2.831  0.50 24.60 ? 61  ARG A NH1 1 
ATOM   498  N  NH1 B ARG A 1 62  ? -6.508  2.298   -3.214  0.50 26.22 ? 61  ARG A NH1 1 
ATOM   499  N  NH2 A ARG A 1 62  ? -4.919  0.722   -3.090  0.50 19.16 ? 61  ARG A NH2 1 
ATOM   500  N  NH2 B ARG A 1 62  ? -4.349  1.580   -3.250  0.50 26.39 ? 61  ARG A NH2 1 
ATOM   501  N  N   . ALA A 1 63  ? -8.629  1.700   -8.283  1.00 18.20 ? 62  ALA A N   1 
ATOM   502  C  CA  . ALA A 1 63  ? -8.920  2.908   -9.075  1.00 17.62 ? 62  ALA A CA  1 
ATOM   503  C  C   . ALA A 1 63  ? -9.934  2.574   -10.183 1.00 17.34 ? 62  ALA A C   1 
ATOM   504  O  O   . ALA A 1 63  ? -10.856 3.373   -10.463 1.00 19.31 ? 62  ALA A O   1 
ATOM   505  C  CB  . ALA A 1 63  ? -7.616  3.488   -9.729  1.00 17.81 ? 62  ALA A CB  1 
ATOM   506  N  N   . GLU A 1 64  ? -9.760  1.394   -10.839 1.00 16.69 ? 63  GLU A N   1 
ATOM   507  C  CA  . GLU A 1 64  ? -10.659 1.009   -11.913 1.00 16.34 ? 63  GLU A CA  1 
ATOM   508  C  C   . GLU A 1 64  ? -12.084 0.760   -11.417 1.00 16.34 ? 63  GLU A C   1 
ATOM   509  O  O   . GLU A 1 64  ? -13.060 1.153   -12.061 1.00 17.76 ? 63  GLU A O   1 
ATOM   510  C  CB  . GLU A 1 64  ? -10.113 -0.200  -12.676 1.00 15.91 ? 63  GLU A CB  1 
ATOM   511  C  CG  . GLU A 1 64  ? -10.931 -0.660  -13.907 1.00 18.36 ? 63  GLU A CG  1 
ATOM   512  C  CD  . GLU A 1 64  ? -11.105 0.371   -15.019 1.00 21.22 ? 63  GLU A CD  1 
ATOM   513  O  OE1 . GLU A 1 64  ? -10.216 1.247   -15.119 1.00 18.33 ? 63  GLU A OE1 1 
ATOM   514  O  OE2 . GLU A 1 64  ? -12.112 0.271   -15.826 1.00 18.46 ? 63  GLU A OE2 1 
ATOM   515  N  N   . ILE A 1 65  ? -12.218 0.157   -10.237 1.00 16.87 ? 64  ILE A N   1 
ATOM   516  C  CA  . ILE A 1 65  ? -13.520 -0.074  -9.682  1.00 17.41 ? 64  ILE A CA  1 
ATOM   517  C  C   . ILE A 1 65  ? -14.191 1.281   -9.445  1.00 16.69 ? 64  ILE A C   1 
ATOM   518  O  O   . ILE A 1 65  ? -15.391 1.468   -9.751  1.00 18.87 ? 64  ILE A O   1 
ATOM   519  C  CB  . ILE A 1 65  ? -13.402 -0.943  -8.404  1.00 17.67 ? 64  ILE A CB  1 
ATOM   520  C  CG1 . ILE A 1 65  ? -12.989 -2.349  -8.804  1.00 19.19 ? 64  ILE A CG1 1 
ATOM   521  C  CG2 . ILE A 1 65  ? -14.674 -0.897  -7.624  1.00 19.74 ? 64  ILE A CG2 1 
ATOM   522  C  CD1 . ILE A 1 65  ? -12.632 -3.240  -7.653  1.00 20.69 ? 64  ILE A CD1 1 
ATOM   523  N  N   . LEU A 1 66  ? -13.494 2.214   -8.802  1.00 18.50 ? 65  LEU A N   1 
ATOM   524  C  CA  . LEU A 1 66  ? -14.118 3.499   -8.524  1.00 17.61 ? 65  LEU A CA  1 
ATOM   525  C  C   . LEU A 1 66  ? -14.428 4.281   -9.803  1.00 17.71 ? 65  LEU A C   1 
ATOM   526  O  O   . LEU A 1 66  ? -15.513 4.885   -9.920  1.00 18.80 ? 65  LEU A O   1 
ATOM   527  C  CB  . LEU A 1 66  ? -13.262 4.343   -7.557  1.00 20.06 ? 65  LEU A CB  1 
ATOM   528  C  CG  . LEU A 1 66  ? -12.987 3.730   -6.177  1.00 23.12 ? 65  LEU A CG  1 
ATOM   529  C  CD1 . LEU A 1 66  ? -12.027 4.615   -5.375  1.00 25.90 ? 65  LEU A CD1 1 
ATOM   530  C  CD2 . LEU A 1 66  ? -14.281 3.530   -5.471  1.00 22.23 ? 65  LEU A CD2 1 
ATOM   531  N  N   . ARG A 1 67  ? -13.513 4.246   -10.770 1.00 18.30 ? 66  ARG A N   1 
ATOM   532  C  CA  . ARG A 1 67  ? -13.754 4.947   -12.009 1.00 17.86 ? 66  ARG A CA  1 
ATOM   533  C  C   . ARG A 1 67  ? -14.995 4.432   -12.755 1.00 17.74 ? 66  ARG A C   1 
ATOM   534  O  O   . ARG A 1 67  ? -15.804 5.226   -13.244 1.00 19.98 ? 66  ARG A O   1 
ATOM   535  C  CB  . ARG A 1 67  ? -12.512 4.777   -12.881 1.00 22.53 ? 66  ARG A CB  1 
ATOM   536  C  CG  . ARG A 1 67  ? -12.395 5.337   -14.267 1.00 30.82 ? 66  ARG A CG  1 
ATOM   537  C  CD  . ARG A 1 67  ? -11.025 4.827   -14.832 1.00 20.29 ? 66  ARG A CD  1 
ATOM   538  N  NE  . ARG A 1 67  ? -9.864  5.428   -14.166 1.00 22.45 ? 66  ARG A NE  1 
ATOM   539  C  CZ  . ARG A 1 67  ? -8.796  4.781   -13.787 1.00 22.12 ? 66  ARG A CZ  1 
ATOM   540  N  NH1 . ARG A 1 67  ? -8.689  3.470   -13.950 1.00 19.85 ? 66  ARG A NH1 1 
ATOM   541  N  NH2 . ARG A 1 67  ? -7.776  5.416   -13.217 1.00 24.11 ? 66  ARG A NH2 1 
ATOM   542  N  N   . GLU A 1 68  ? -15.150 3.109   -12.793 1.00 17.50 ? 67  GLU A N   1 
ATOM   543  C  CA  . GLU A 1 68  ? -16.281 2.507   -13.466 1.00 18.70 ? 67  GLU A CA  1 
ATOM   544  C  C   . GLU A 1 68  ? -17.555 2.823   -12.734 1.00 20.63 ? 67  GLU A C   1 
ATOM   545  O  O   . GLU A 1 68  ? -18.618 2.912   -13.365 1.00 21.03 ? 67  GLU A O   1 
ATOM   546  C  CB  . GLU A 1 68  ? -16.100 1.005   -13.612 1.00 18.93 ? 67  GLU A CB  1 
ATOM   547  C  CG  . GLU A 1 68  ? -14.970 0.660   -14.552 1.00 17.38 ? 67  GLU A CG  1 
ATOM   548  C  CD  . GLU A 1 68  ? -14.838 -0.873  -14.810 1.00 22.01 ? 67  GLU A CD  1 
ATOM   549  O  OE1 . GLU A 1 68  ? -15.761 -1.639  -14.359 1.00 21.11 ? 67  GLU A OE1 1 
ATOM   550  O  OE2 . GLU A 1 68  ? -13.804 -1.298  -15.387 1.00 19.51 ? 67  GLU A OE2 1 
ATOM   551  N  N   . ALA A 1 69  ? -17.502 3.051   -11.419 1.00 19.14 ? 68  ALA A N   1 
ATOM   552  C  CA  . ALA A 1 69  ? -18.700 3.410   -10.631 1.00 19.73 ? 68  ALA A CA  1 
ATOM   553  C  C   . ALA A 1 69  ? -19.000 4.898   -10.821 1.00 20.69 ? 68  ALA A C   1 
ATOM   554  O  O   . ALA A 1 69  ? -19.998 5.369   -10.302 1.00 25.74 ? 68  ALA A O   1 
ATOM   555  C  CB  . ALA A 1 69  ? -18.449 3.101   -9.154  1.00 21.93 ? 68  ALA A CB  1 
ATOM   556  N  N   . GLY A 1 70  ? -18.145 5.641   -11.476 1.00 20.44 ? 69  GLY A N   1 
ATOM   557  C  CA  . GLY A 1 70  ? -18.385 7.048   -11.736 1.00 20.11 ? 69  GLY A CA  1 
ATOM   558  C  C   . GLY A 1 70  ? -18.118 7.958   -10.575 1.00 25.29 ? 69  GLY A C   1 
ATOM   559  O  O   . GLY A 1 70  ? -18.694 9.049   -10.521 1.00 24.62 ? 69  GLY A O   1 
ATOM   560  N  N   . VAL A 1 71  ? -17.276 7.505   -9.635  1.00 21.92 ? 70  VAL A N   1 
ATOM   561  C  CA  . VAL A 1 71  ? -16.899 8.331   -8.503  1.00 19.82 ? 70  VAL A CA  1 
ATOM   562  C  C   . VAL A 1 71  ? -15.427 8.793   -8.557  1.00 21.29 ? 70  VAL A C   1 
ATOM   563  O  O   . VAL A 1 71  ? -14.601 8.218   -9.256  1.00 22.25 ? 70  VAL A O   1 
ATOM   564  C  CB  . VAL A 1 71  ? -17.169 7.646   -7.139  1.00 19.98 ? 70  VAL A CB  1 
ATOM   565  C  CG1 . VAL A 1 71  ? -18.631 7.199   -7.014  1.00 22.19 ? 70  VAL A CG1 1 
ATOM   566  C  CG2 . VAL A 1 71  ? -16.152 6.530   -6.836  1.00 21.28 ? 70  VAL A CG2 1 
ATOM   567  N  N   . SER A 1 72  ? -15.071 9.853   -7.805  1.00 20.59 ? 71  SER A N   1 
ATOM   568  C  CA  . SER A 1 72  ? -13.725 10.374  -7.796  1.00 21.91 ? 71  SER A CA  1 
ATOM   569  C  C   . SER A 1 72  ? -12.766 9.439   -7.088  1.00 18.38 ? 71  SER A C   1 
ATOM   570  O  O   . SER A 1 72  ? -13.159 8.650   -6.245  1.00 18.27 ? 71  SER A O   1 
ATOM   571  C  CB  . SER A 1 72  ? -13.692 11.763  -7.111  1.00 21.73 ? 71  SER A CB  1 
ATOM   572  O  OG  . SER A 1 72  ? -14.351 11.734  -5.828  1.00 25.11 ? 71  SER A OG  1 
ATOM   573  N  N   . LEU A 1 73  ? -11.471 9.517   -7.439  1.00 20.02 ? 72  LEU A N   1 
ATOM   574  C  CA  . LEU A 1 73  ? -10.467 8.565   -6.958  1.00 21.47 ? 72  LEU A CA  1 
ATOM   575  C  C   . LEU A 1 73  ? -9.836  9.157   -5.715  1.00 21.94 ? 72  LEU A C   1 
ATOM   576  O  O   . LEU A 1 73  ? -8.695  9.603   -5.717  1.00 23.53 ? 72  LEU A O   1 
ATOM   577  C  CB  . LEU A 1 73  ? -9.386  8.300   -8.038  1.00 23.35 ? 72  LEU A CB  1 
ATOM   578  C  CG  . LEU A 1 73  ? -9.918  7.660   -9.327  1.00 31.98 ? 72  LEU A CG  1 
ATOM   579  C  CD1 . LEU A 1 73  ? -8.801  7.115   -10.241 1.00 29.47 ? 72  LEU A CD1 1 
ATOM   580  C  CD2 . LEU A 1 73  ? -10.881 6.584   -9.058  1.00 27.42 ? 72  LEU A CD2 1 
ATOM   581  N  N   . ASP A 1 74  ? -10.671 9.262   -4.691  1.00 19.76 ? 73  ASP A N   1 
ATOM   582  C  CA  . ASP A 1 74  ? -10.268 9.900   -3.444  1.00 18.77 ? 73  ASP A CA  1 
ATOM   583  C  C   . ASP A 1 74  ? -11.288 9.462   -2.374  1.00 19.14 ? 73  ASP A C   1 
ATOM   584  O  O   . ASP A 1 74  ? -12.191 8.683   -2.645  1.00 18.46 ? 73  ASP A O   1 
ATOM   585  C  CB  . ASP A 1 74  ? -10.205 11.434  -3.605  1.00 19.85 ? 73  ASP A CB  1 
ATOM   586  C  CG  . ASP A 1 74  ? -11.484 12.053  -4.063  1.00 23.54 ? 73  ASP A CG  1 
ATOM   587  O  OD1 . ASP A 1 74  ? -12.555 11.472  -3.941  1.00 20.11 ? 73  ASP A OD1 1 
ATOM   588  O  OD2 . ASP A 1 74  ? -11.420 13.194  -4.652  1.00 24.81 ? 73  ASP A OD2 1 
ATOM   589  N  N   . ARG A 1 75  ? -11.122 9.960   -1.145  1.00 19.09 ? 74  ARG A N   1 
ATOM   590  C  CA  . ARG A 1 75  ? -11.948 9.487   -0.049  1.00 18.68 ? 74  ARG A CA  1 
ATOM   591  C  C   . ARG A 1 75  ? -13.428 9.887   -0.237  1.00 18.61 ? 74  ARG A C   1 
ATOM   592  O  O   . ARG A 1 75  ? -14.321 9.131   0.112   1.00 20.32 ? 74  ARG A O   1 
ATOM   593  C  CB  . ARG A 1 75  ? -11.396 9.970   1.292   1.00 18.45 ? 74  ARG A CB  1 
ATOM   594  C  CG  . ARG A 1 75  ? -11.948 9.150   2.397   1.00 18.81 ? 74  ARG A CG  1 
ATOM   595  C  CD  . ARG A 1 75  ? -11.615 9.711   3.799   1.00 18.56 ? 74  ARG A CD  1 
ATOM   596  N  NE  . ARG A 1 75  ? -12.098 8.829   4.889   1.00 18.15 ? 74  ARG A NE  1 
ATOM   597  C  CZ  . ARG A 1 75  ? -13.329 8.781   5.363   1.00 18.90 ? 74  ARG A CZ  1 
ATOM   598  N  NH1 . ARG A 1 75  ? -14.255 9.646   4.970   1.00 19.24 ? 74  ARG A NH1 1 
ATOM   599  N  NH2 . ARG A 1 75  ? -13.620 7.848   6.294   1.00 19.10 ? 74  ARG A NH2 1 
ATOM   600  N  N   . GLU A 1 76  ? -13.686 11.035  -0.814  1.00 18.81 ? 75  GLU A N   1 
ATOM   601  C  CA  . GLU A 1 76  ? -15.045 11.389  -1.064  1.00 18.85 ? 75  GLU A CA  1 
ATOM   602  C  C   . GLU A 1 76  ? -15.723 10.436  -2.076  1.00 17.18 ? 75  GLU A C   1 
ATOM   603  O  O   . GLU A 1 76  ? -16.897 10.130  -1.920  1.00 20.31 ? 75  GLU A O   1 
ATOM   604  C  CB  . GLU A 1 76  ? -15.163 12.811  -1.627  1.00 20.75 ? 75  GLU A CB  1 
ATOM   605  C  CG  . GLU A 1 76  ? -14.899 13.869  -0.594  1.00 25.49 ? 75  GLU A CG  1 
ATOM   606  C  CD  . GLU A 1 76  ? -15.989 14.012  0.432   1.00 36.61 ? 75  GLU A CD  1 
ATOM   607  O  OE1 . GLU A 1 76  ? -17.147 14.226  0.068   1.00 36.99 ? 75  GLU A OE1 1 
ATOM   608  O  OE2 . GLU A 1 76  ? -15.693 13.898  1.629   1.00 40.17 ? 75  GLU A OE2 1 
ATOM   609  N  N   . GLY A 1 77  ? -14.991 10.022  -3.118  1.00 17.03 ? 76  GLY A N   1 
ATOM   610  C  CA  . GLY A 1 77  ? -15.495 9.045   -4.071  1.00 18.86 ? 76  GLY A CA  1 
ATOM   611  C  C   . GLY A 1 77  ? -15.736 7.701   -3.426  1.00 19.83 ? 76  GLY A C   1 
ATOM   612  O  O   . GLY A 1 77  ? -16.801 7.057   -3.626  1.00 20.13 ? 76  GLY A O   1 
ATOM   613  N  N   . LEU A 1 78  ? -14.760 7.250   -2.632  1.00 18.13 ? 77  LEU A N   1 
ATOM   614  C  CA  . LEU A 1 78  ? -14.961 5.986   -1.891  1.00 17.65 ? 77  LEU A CA  1 
ATOM   615  C  C   . LEU A 1 78  ? -16.196 6.100   -1.023  1.00 19.31 ? 77  LEU A C   1 
ATOM   616  O  O   . LEU A 1 78  ? -16.951 5.123   -0.922  1.00 20.34 ? 77  LEU A O   1 
ATOM   617  C  CB  . LEU A 1 78  ? -13.734 5.671   -1.033  1.00 18.80 ? 77  LEU A CB  1 
ATOM   618  C  CG  . LEU A 1 78  ? -13.730 4.382   -0.265  1.00 18.67 ? 77  LEU A CG  1 
ATOM   619  C  CD1 . LEU A 1 78  ? -13.919 3.150   -1.218  1.00 19.05 ? 77  LEU A CD1 1 
ATOM   620  C  CD2 . LEU A 1 78  ? -12.475 4.223   0.542   1.00 20.44 ? 77  LEU A CD2 1 
ATOM   621  N  N   . ALA A 1 79  ? -16.340 7.216   -0.317  1.00 18.88 ? 78  ALA A N   1 
ATOM   622  C  CA  . ALA A 1 79  ? -17.530 7.375   0.534   1.00 18.43 ? 78  ALA A CA  1 
ATOM   623  C  C   . ALA A 1 79  ? -18.824 7.334   -0.214  1.00 19.56 ? 78  ALA A C   1 
ATOM   624  O  O   . ALA A 1 79  ? -19.852 6.769   0.246   1.00 20.47 ? 78  ALA A O   1 
ATOM   625  C  CB  . ALA A 1 79  ? -17.417 8.643   1.335   1.00 18.40 ? 78  ALA A CB  1 
ATOM   626  N  N   . ARG A 1 80  ? -18.845 7.901   -1.408  1.00 18.59 ? 79  ARG A N   1 
ATOM   627  C  CA  . ARG A 1 80  ? -20.025 7.795   -2.263  1.00 19.70 ? 79  ARG A CA  1 
ATOM   628  C  C   . ARG A 1 80  ? -20.315 6.358   -2.696  1.00 20.48 ? 79  ARG A C   1 
ATOM   629  O  O   . ARG A 1 80  ? -21.434 5.885   -2.682  1.00 22.30 ? 79  ARG A O   1 
ATOM   630  C  CB  . ARG A 1 80  ? -19.888 8.688   -3.495  1.00 22.46 ? 79  ARG A CB  1 
ATOM   631  C  CG  . ARG A 1 80  ? -21.079 8.584   -4.468  1.00 29.49 ? 79  ARG A CG  1 
ATOM   632  C  CD  . ARG A 1 80  ? -22.365 9.113   -3.855  1.00 44.48 ? 79  ARG A CD  1 
ATOM   633  N  NE  . ARG A 1 80  ? -23.545 8.539   -4.502  1.00 53.90 ? 79  ARG A NE  1 
ATOM   634  C  CZ  . ARG A 1 80  ? -24.207 7.462   -4.077  1.00 56.87 ? 79  ARG A CZ  1 
ATOM   635  N  NH1 . ARG A 1 80  ? -23.844 6.809   -2.980  1.00 54.04 ? 79  ARG A NH1 1 
ATOM   636  N  NH2 . ARG A 1 80  ? -25.266 7.039   -4.757  1.00 64.17 ? 79  ARG A NH2 1 
ATOM   637  N  N   . TYR A 1 81  ? -19.252 5.674   -3.087  1.00 19.69 ? 80  TYR A N   1 
ATOM   638  C  CA  . TYR A 1 81  ? -19.377 4.260   -3.418  1.00 20.45 ? 80  TYR A CA  1 
ATOM   639  C  C   . TYR A 1 81  ? -19.942 3.455   -2.240  1.00 20.43 ? 80  TYR A C   1 
ATOM   640  O  O   . TYR A 1 81  ? -20.758 2.551   -2.437  1.00 21.69 ? 80  TYR A O   1 
ATOM   641  C  CB  . TYR A 1 81  ? -17.999 3.727   -3.793  1.00 21.29 ? 80  TYR A CB  1 
ATOM   642  C  CG  . TYR A 1 81  ? -17.945 2.299   -4.252  1.00 20.67 ? 80  TYR A CG  1 
ATOM   643  C  CD1 . TYR A 1 81  ? -18.113 1.979   -5.564  1.00 19.99 ? 80  TYR A CD1 1 
ATOM   644  C  CD2 . TYR A 1 81  ? -17.685 1.283   -3.350  1.00 17.85 ? 80  TYR A CD2 1 
ATOM   645  C  CE1 . TYR A 1 81  ? -18.043 0.659   -5.982  1.00 20.65 ? 80  TYR A CE1 1 
ATOM   646  C  CE2 . TYR A 1 81  ? -17.622 -0.030  -3.730  1.00 19.51 ? 80  TYR A CE2 1 
ATOM   647  C  CZ  . TYR A 1 81  ? -17.792 -0.343  -5.057  1.00 18.84 ? 80  TYR A CZ  1 
ATOM   648  O  OH  . TYR A 1 81  ? -17.706 -1.664  -5.504  1.00 20.44 ? 80  TYR A OH  1 
ATOM   649  N  N   . ALA A 1 82  ? -19.446 3.748   -1.060  1.00 19.31 ? 81  ALA A N   1 
ATOM   650  C  CA  . ALA A 1 82  ? -19.763 3.019   0.154   1.00 18.32 ? 81  ALA A CA  1 
ATOM   651  C  C   . ALA A 1 82  ? -21.153 3.286   0.734   1.00 21.62 ? 81  ALA A C   1 
ATOM   652  O  O   . ALA A 1 82  ? -21.640 2.502   1.569   1.00 22.14 ? 81  ALA A O   1 
ATOM   653  C  CB  . ALA A 1 82  ? -18.727 3.393   1.192   1.00 20.23 ? 81  ALA A CB  1 
ATOM   654  N  N   . ARG A 1 83  ? -21.710 4.431   0.374   1.00 22.48 ? 82  ARG A N   1 
ATOM   655  C  CA  . ARG A 1 83  ? -22.836 5.011   1.103   1.00 26.29 ? 82  ARG A CA  1 
ATOM   656  C  C   . ARG A 1 83  ? -23.966 4.028   1.355   1.00 22.36 ? 82  ARG A C   1 
ATOM   657  O  O   . ARG A 1 83  ? -24.483 3.991   2.483   1.00 26.08 ? 82  ARG A O   1 
ATOM   658  C  CB  . ARG A 1 83  ? -23.326 6.262   0.331   1.00 28.60 ? 82  ARG A CB  1 
ATOM   659  C  CG  . ARG A 1 83  ? -24.551 6.994   0.888   1.00 32.79 ? 82  ARG A CG  1 
ATOM   660  C  CD  . ARG A 1 83  ? -25.152 7.937   -0.203  1.00 38.18 ? 82  ARG A CD  1 
ATOM   661  N  NE  . ARG A 1 83  ? -24.183 8.941   -0.650  1.00 50.44 ? 82  ARG A NE  1 
ATOM   662  N  N   . GLU A 1 84  ? -24.393 3.316   0.335   1.00 23.01 ? 83  GLU A N   1 
ATOM   663  C  CA  . GLU A 1 84  ? -25.527 2.388   0.492   1.00 24.09 ? 83  GLU A CA  1 
ATOM   664  C  C   . GLU A 1 84  ? -25.096 0.916   0.627   1.00 26.05 ? 83  GLU A C   1 
ATOM   665  O  O   . GLU A 1 84  ? -25.934 -0.002  0.476   1.00 28.59 ? 83  GLU A O   1 
ATOM   666  C  CB  . GLU A 1 84  ? -26.471 2.549   -0.673  1.00 28.36 ? 83  GLU A CB  1 
ATOM   667  C  CG  . GLU A 1 84  ? -27.015 3.968   -0.815  1.00 36.57 ? 83  GLU A CG  1 
ATOM   668  C  CD  . GLU A 1 84  ? -28.033 4.314   0.268   1.00 48.81 ? 83  GLU A CD  1 
ATOM   669  N  N   . ARG A 1 85  ? -23.811 0.661   0.871   1.00 20.52 ? 84  ARG A N   1 
ATOM   670  C  CA  . ARG A 1 85  ? -23.329 -0.717  0.942   1.00 18.60 ? 84  ARG A CA  1 
ATOM   671  C  C   . ARG A 1 85  ? -23.210 -1.162  2.390   1.00 18.03 ? 84  ARG A C   1 
ATOM   672  O  O   . ARG A 1 85  ? -22.751 -0.409  3.260   1.00 18.74 ? 84  ARG A O   1 
ATOM   673  C  CB  . ARG A 1 85  ? -21.925 -0.826  0.336   1.00 19.95 ? 84  ARG A CB  1 
ATOM   674  C  CG  . ARG A 1 85  ? -21.819 -0.447  -1.126  1.00 22.28 ? 84  ARG A CG  1 
ATOM   675  C  CD  . ARG A 1 85  ? -20.387 -0.559  -1.612  1.00 23.36 ? 84  ARG A CD  1 
ATOM   676  N  NE  . ARG A 1 85  ? -19.915 -1.940  -1.482  1.00 18.47 ? 84  ARG A NE  1 
ATOM   677  C  CZ  . ARG A 1 85  ? -20.004 -2.897  -2.388  1.00 19.01 ? 84  ARG A CZ  1 
ATOM   678  N  NH1 . ARG A 1 85  ? -20.480 -2.664  -3.608  1.00 21.37 ? 84  ARG A NH1 1 
ATOM   679  N  NH2 . ARG A 1 85  ? -19.623 -4.107  -2.042  1.00 19.89 ? 84  ARG A NH2 1 
ATOM   680  N  N   . ALA A 1 86  ? -23.611 -2.416  2.632   1.00 18.11 ? 85  ALA A N   1 
ATOM   681  C  CA  . ALA A 1 86  ? -23.470 -3.004  3.945   1.00 19.10 ? 85  ALA A CA  1 
ATOM   682  C  C   . ALA A 1 86  ? -22.018 -3.036  4.379   1.00 20.07 ? 85  ALA A C   1 
ATOM   683  O  O   . ALA A 1 86  ? -21.771 -2.902  5.573   1.00 20.57 ? 85  ALA A O   1 
ATOM   684  C  CB  . ALA A 1 86  ? -24.064 -4.425  3.953   1.00 20.08 ? 85  ALA A CB  1 
ATOM   685  N  N   . ASP A 1 87  ? -21.082 -3.148  3.434   1.00 17.40 ? 86  ASP A N   1 
ATOM   686  C  CA  . ASP A 1 87  ? -19.688 -3.233  3.756   1.00 18.17 ? 86  ASP A CA  1 
ATOM   687  C  C   . ASP A 1 87  ? -19.050 -1.832  3.763   1.00 19.99 ? 86  ASP A C   1 
ATOM   688  O  O   . ASP A 1 87  ? -17.841 -1.699  3.881   1.00 18.13 ? 86  ASP A O   1 
ATOM   689  C  CB  . ASP A 1 87  ? -18.884 -4.176  2.851   1.00 16.98 ? 86  ASP A CB  1 
ATOM   690  C  CG  . ASP A 1 87  ? -18.711 -3.666  1.423   1.00 18.39 ? 86  ASP A CG  1 
ATOM   691  O  OD1 . ASP A 1 87  ? -19.134 -2.532  1.155   1.00 18.17 ? 86  ASP A OD1 1 
ATOM   692  O  OD2 . ASP A 1 87  ? -18.151 -4.465  0.567   1.00 18.33 ? 86  ASP A OD2 1 
ATOM   693  N  N   . GLY A 1 88  ? -19.854 -0.777  3.666   1.00 17.99 ? 87  GLY A N   1 
ATOM   694  C  CA  . GLY A 1 88  ? -19.330 0.569   3.433   1.00 17.26 ? 87  GLY A CA  1 
ATOM   695  C  C   . GLY A 1 88  ? -18.452 1.099   4.564   1.00 18.34 ? 87  GLY A C   1 
ATOM   696  O  O   . GLY A 1 88  ? -17.414 1.744   4.303   1.00 18.16 ? 87  GLY A O   1 
ATOM   697  N  N   . ALA A 1 89  ? -18.885 0.867   5.792   1.00 19.59 ? 88  ALA A N   1 
ATOM   698  C  CA  . ALA A 1 89  ? -18.082 1.393   6.908   1.00 17.95 ? 88  ALA A CA  1 
ATOM   699  C  C   . ALA A 1 89  ? -16.726 0.698   6.948   1.00 19.94 ? 88  ALA A C   1 
ATOM   700  O  O   . ALA A 1 89  ? -15.685 1.326   7.218   1.00 20.53 ? 88  ALA A O   1 
ATOM   701  C  CB  . ALA A 1 89  ? -18.807 1.216   8.220   1.00 20.53 ? 88  ALA A CB  1 
ATOM   702  N  N   . GLU A 1 90  ? -16.704 -0.606  6.646   1.00 18.78 ? 89  GLU A N   1 
ATOM   703  C  CA  . GLU A 1 90  ? -15.461 -1.309  6.587   1.00 18.66 ? 89  GLU A CA  1 
ATOM   704  C  C   . GLU A 1 90  ? -14.627 -0.801  5.429   1.00 18.66 ? 89  GLU A C   1 
ATOM   705  O  O   . GLU A 1 90  ? -13.391 -0.708  5.574   1.00 20.33 ? 89  GLU A O   1 
ATOM   706  C  CB  . GLU A 1 90  ? -15.686 -2.821  6.373   1.00 21.71 ? 89  GLU A CB  1 
ATOM   707  C  CG  . GLU A 1 90  ? -15.918 -3.539  7.602   1.00 32.01 ? 89  GLU A CG  1 
ATOM   708  C  CD  . GLU A 1 90  ? -14.667 -3.604  8.408   1.00 36.49 ? 89  GLU A CD  1 
ATOM   709  O  OE1 . GLU A 1 90  ? -13.548 -3.804  7.874   1.00 44.34 ? 89  GLU A OE1 1 
ATOM   710  O  OE2 . GLU A 1 90  ? -14.808 -3.421  9.563   1.00 34.16 ? 89  GLU A OE2 1 
ATOM   711  N  N   . LEU A 1 91  ? -15.201 -0.562  4.231   1.00 18.01 ? 90  LEU A N   1 
ATOM   712  C  CA  . LEU A 1 91  ? -14.428 0.031   3.141   1.00 17.68 ? 90  LEU A CA  1 
ATOM   713  C  C   . LEU A 1 91  ? -13.685 1.293   3.581   1.00 17.32 ? 90  LEU A C   1 
ATOM   714  O  O   . LEU A 1 91  ? -12.507 1.488   3.268   1.00 19.00 ? 90  LEU A O   1 
ATOM   715  C  CB  . LEU A 1 91  ? -15.292 0.328   1.902   1.00 18.13 ? 90  LEU A CB  1 
ATOM   716  C  CG  . LEU A 1 91  ? -15.862 -0.819  1.077   1.00 18.20 ? 90  LEU A CG  1 
ATOM   717  C  CD1 . LEU A 1 91  ? -16.846 -0.386  0.078   1.00 18.41 ? 90  LEU A CD1 1 
ATOM   718  C  CD2 . LEU A 1 91  ? -14.716 -1.537  0.399   1.00 19.69 ? 90  LEU A CD2 1 
ATOM   719  N  N   . LEU A 1 92  ? -14.449 2.186   4.188   1.00 18.11 ? 91  LEU A N   1 
ATOM   720  C  CA  . LEU A 1 92  ? -13.874 3.480   4.604   1.00 18.19 ? 91  LEU A CA  1 
ATOM   721  C  C   . LEU A 1 92  ? -12.763 3.268   5.660   1.00 18.94 ? 91  LEU A C   1 
ATOM   722  O  O   . LEU A 1 92  ? -11.686 3.881   5.555   1.00 20.18 ? 91  LEU A O   1 
ATOM   723  C  CB  . LEU A 1 92  ? -14.962 4.460   5.073   1.00 17.21 ? 91  LEU A CB  1 
ATOM   724  C  CG  . LEU A 1 92  ? -15.732 5.058   3.907   1.00 18.05 ? 91  LEU A CG  1 
ATOM   725  C  CD1 . LEU A 1 92  ? -16.930 5.688   4.596   1.00 24.52 ? 91  LEU A CD1 1 
ATOM   726  C  CD2 . LEU A 1 92  ? -14.945 6.051   3.122   1.00 19.32 ? 91  LEU A CD2 1 
ATOM   727  N  N   . ALA A 1 93  ? -12.993 2.441   6.671   1.00 18.59 ? 92  ALA A N   1 
ATOM   728  C  CA  . ALA A 1 93  ? -12.040 2.194   7.715   1.00 18.15 ? 92  ALA A CA  1 
ATOM   729  C  C   . ALA A 1 93  ? -10.755 1.602   7.115   1.00 17.68 ? 92  ALA A C   1 
ATOM   730  O  O   . ALA A 1 93  ? -9.616  1.960   7.472   1.00 18.60 ? 92  ALA A O   1 
ATOM   731  C  CB  . ALA A 1 93  ? -12.608 1.251   8.718   1.00 18.93 ? 92  ALA A CB  1 
ATOM   732  N  N   . ARG A 1 94  ? -10.914 0.612   6.227   1.00 17.43 ? 93  ARG A N   1 
ATOM   733  C  CA  . ARG A 1 94  ? -9.734  -0.008  5.600   1.00 18.35 ? 93  ARG A CA  1 
ATOM   734  C  C   . ARG A 1 94  ? -9.017  0.966   4.663   1.00 17.49 ? 93  ARG A C   1 
ATOM   735  O  O   . ARG A 1 94  ? -7.800  0.977   4.617   1.00 19.75 ? 93  ARG A O   1 
ATOM   736  C  CB  . ARG A 1 94  ? -10.140 -1.321  4.879   1.00 20.78 ? 93  ARG A CB  1 
ATOM   737  C  CG  . ARG A 1 94  ? -10.747 -2.352  5.784   1.00 21.39 ? 93  ARG A CG  1 
ATOM   738  C  CD  . ARG A 1 94  ? -9.812  -2.999  6.804   1.00 24.34 ? 93  ARG A CD  1 
ATOM   739  N  NE  . ARG A 1 94  ? -9.420  -2.140  7.871   1.00 25.72 ? 93  ARG A NE  1 
ATOM   740  C  CZ  . ARG A 1 94  ? -10.071 -1.869  9.009   1.00 37.47 ? 93  ARG A CZ  1 
ATOM   741  N  NH1 . ARG A 1 94  ? -11.279 -2.302  9.272   1.00 34.02 ? 93  ARG A NH1 1 
ATOM   742  N  NH2 . ARG A 1 94  ? -9.489  -1.066  9.872   1.00 34.00 ? 93  ARG A NH2 1 
ATOM   743  N  N   . GLY A 1 95  ? -9.756  1.756   3.891   1.00 17.64 ? 94  GLY A N   1 
ATOM   744  C  CA  . GLY A 1 95  ? -9.115  2.728   3.047   1.00 17.96 ? 94  GLY A CA  1 
ATOM   745  C  C   . GLY A 1 95  ? -8.267  3.665   3.880   1.00 17.29 ? 94  GLY A C   1 
ATOM   746  O  O   . GLY A 1 95  ? -7.169  4.058   3.503   1.00 18.60 ? 94  GLY A O   1 
ATOM   747  N  N   . ASP A 1 96  ? -8.772  4.124   5.035   1.00 16.82 ? 95  ASP A N   1 
ATOM   748  C  CA  . ASP A 1 96  ? -8.043  5.079   5.865   1.00 17.11 ? 95  ASP A CA  1 
ATOM   749  C  C   . ASP A 1 96  ? -6.805  4.424   6.512   1.00 18.58 ? 95  ASP A C   1 
ATOM   750  O  O   . ASP A 1 96  ? -5.773  5.052   6.671   1.00 21.07 ? 95  ASP A O   1 
ATOM   751  C  CB  . ASP A 1 96  ? -8.962  5.626   6.975   1.00 17.77 ? 95  ASP A CB  1 
ATOM   752  C  CG  . ASP A 1 96  ? -10.097 6.470   6.451   1.00 20.07 ? 95  ASP A CG  1 
ATOM   753  O  OD1 . ASP A 1 96  ? -9.971  7.047   5.319   1.00 19.79 ? 95  ASP A OD1 1 
ATOM   754  O  OD2 . ASP A 1 96  ? -11.112 6.634   7.183   1.00 18.93 ? 95  ASP A OD2 1 
ATOM   755  N  N   . GLU A 1 97  ? -6.955  3.169   6.918   1.00 16.44 ? 96  GLU A N   1 
ATOM   756  C  CA  . GLU A 1 97  ? -5.812  2.440   7.448   1.00 17.52 ? 96  GLU A CA  1 
ATOM   757  C  C   . GLU A 1 97  ? -4.726  2.253   6.401   1.00 17.61 ? 96  GLU A C   1 
ATOM   758  O  O   . GLU A 1 97  ? -3.541  2.363   6.678   1.00 18.60 ? 96  GLU A O   1 
ATOM   759  C  CB  . GLU A 1 97  ? -6.221  1.085   7.984   1.00 19.31 ? 96  GLU A CB  1 
ATOM   760  C  CG  . GLU A 1 97  ? -5.117  0.266   8.626   1.00 27.04 ? 96  GLU A CG  1 
ATOM   761  C  CD  . GLU A 1 97  ? -5.598  -1.064  9.194   1.00 28.53 ? 96  GLU A CD  1 
ATOM   762  O  OE1 . GLU A 1 97  ? -6.792  -1.484  8.932   1.00 25.70 ? 96  GLU A OE1 1 
ATOM   763  O  OE2 . GLU A 1 97  ? -4.721  -1.660  9.894   1.00 33.42 ? 96  GLU A OE2 1 
ATOM   764  N  N   . LEU A 1 98  ? -5.123  1.859   5.198   1.00 17.01 ? 97  LEU A N   1 
ATOM   765  C  CA  . LEU A 1 98  ? -4.156  1.764   4.110   1.00 17.15 ? 97  LEU A CA  1 
ATOM   766  C  C   . LEU A 1 98  ? -3.470  3.060   3.842   1.00 17.24 ? 97  LEU A C   1 
ATOM   767  O  O   . LEU A 1 98  ? -2.256  3.099   3.664   1.00 18.23 ? 97  LEU A O   1 
ATOM   768  C  CB  . LEU A 1 98  ? -4.835  1.229   2.845   1.00 18.64 ? 97  LEU A CB  1 
ATOM   769  C  CG  . LEU A 1 98  ? -3.898  0.991   1.657   1.00 19.25 ? 97  LEU A CG  1 
ATOM   770  C  CD1 . LEU A 1 98  ? -2.802  -0.050  1.962   1.00 18.09 ? 97  LEU A CD1 1 
ATOM   771  C  CD2 . LEU A 1 98  ? -4.649  0.624   0.386   1.00 19.80 ? 97  LEU A CD2 1 
ATOM   772  N  N   . GLY A 1 99  ? -4.207  4.186   3.815   1.00 17.28 ? 98  GLY A N   1 
ATOM   773  C  CA  . GLY A 1 99  ? -3.544  5.450   3.586   1.00 18.21 ? 98  GLY A CA  1 
ATOM   774  C  C   . GLY A 1 99  ? -2.503  5.747   4.645   1.00 17.86 ? 98  GLY A C   1 
ATOM   775  O  O   . GLY A 1 99  ? -1.390  6.205   4.346   1.00 18.01 ? 98  GLY A O   1 
ATOM   776  N  N   . GLU A 1 100 ? -2.782  5.431   5.932   1.00 18.55 ? 99  GLU A N   1 
ATOM   777  C  CA  . GLU A 1 100 ? -1.798  5.659   6.970   1.00 17.96 ? 99  GLU A CA  1 
ATOM   778  C  C   . GLU A 1 100 ? -0.576  4.756   6.748   1.00 20.50 ? 99  GLU A C   1 
ATOM   779  O  O   . GLU A 1 100 ? 0.547   5.228   6.860   1.00 18.47 ? 99  GLU A O   1 
ATOM   780  C  CB  . GLU A 1 100 ? -2.411  5.299   8.310   1.00 19.42 ? 99  GLU A CB  1 
ATOM   781  C  CG  . GLU A 1 100 ? -1.512  5.501   9.472   1.00 21.41 ? 99  GLU A CG  1 
ATOM   782  C  CD  . GLU A 1 100 ? -2.180  5.061   10.759  1.00 26.79 ? 99  GLU A CD  1 
ATOM   783  O  OE1 . GLU A 1 100 ? -3.107  5.711   11.224  1.00 26.54 ? 99  GLU A OE1 1 
ATOM   784  O  OE2 . GLU A 1 100 ? -1.730  4.061   11.346  1.00 39.20 ? 99  GLU A OE2 1 
ATOM   785  N  N   . LEU A 1 101 ? -0.825  3.492   6.432   1.00 18.89 ? 100 LEU A N   1 
ATOM   786  C  CA  . LEU A 1 101 ? 0.307   2.552   6.271   1.00 17.12 ? 100 LEU A CA  1 
ATOM   787  C  C   . LEU A 1 101 ? 1.174   2.948   5.093   1.00 19.60 ? 100 LEU A C   1 
ATOM   788  O  O   . LEU A 1 101 ? 2.391   2.833   5.177   1.00 19.25 ? 100 LEU A O   1 
ATOM   789  C  CB  . LEU A 1 101 ? -0.216  1.144   6.065   1.00 18.78 ? 100 LEU A CB  1 
ATOM   790  C  CG  . LEU A 1 101 ? -0.761  0.408   7.296   1.00 21.86 ? 100 LEU A CG  1 
ATOM   791  C  CD1 . LEU A 1 101 ? -1.512  -0.855  6.953   1.00 24.13 ? 100 LEU A CD1 1 
ATOM   792  C  CD2 . LEU A 1 101 ? 0.415   0.032   8.257   1.00 27.56 ? 100 LEU A CD2 1 
ATOM   793  N  N   . LEU A 1 102 ? 0.574   3.383   3.995   1.00 18.24 ? 101 LEU A N   1 
ATOM   794  C  CA  . LEU A 1 102 ? 1.391   3.778   2.824   1.00 18.27 ? 101 LEU A CA  1 
ATOM   795  C  C   . LEU A 1 102 ? 2.241   4.986   3.155   1.00 21.00 ? 101 LEU A C   1 
ATOM   796  O  O   . LEU A 1 102 ? 3.414   5.120   2.750   1.00 20.33 ? 101 LEU A O   1 
ATOM   797  C  CB  . LEU A 1 102 ? 0.539   4.010   1.587   1.00 21.88 ? 101 LEU A CB  1 
ATOM   798  C  CG  . LEU A 1 102 ? -0.173  2.803   1.037   1.00 23.91 ? 101 LEU A CG  1 
ATOM   799  C  CD1 . LEU A 1 102 ? -1.132  3.151   -0.142  1.00 25.99 ? 101 LEU A CD1 1 
ATOM   800  C  CD2 . LEU A 1 102 ? 0.837   1.710   0.632   1.00 26.81 ? 101 LEU A CD2 1 
ATOM   801  N  N   . GLU A 1 103 ? 1.691   5.914   3.941   1.00 20.27 ? 102 GLU A N   1 
ATOM   802  C  CA  . GLU A 1 103 ? 2.446   7.068   4.317   1.00 21.63 ? 102 GLU A CA  1 
ATOM   803  C  C   . GLU A 1 103 ? 3.603   6.646   5.258   1.00 19.54 ? 102 GLU A C   1 
ATOM   804  O  O   . GLU A 1 103 ? 4.754   7.149   5.146   1.00 21.85 ? 102 GLU A O   1 
ATOM   805  C  CB  . GLU A 1 103 ? 1.507   8.106   4.995   1.00 21.12 ? 102 GLU A CB  1 
ATOM   806  C  CG  . GLU A 1 103 ? 2.235   9.284   5.661   1.00 28.57 ? 102 GLU A CG  1 
ATOM   807  C  CD  . GLU A 1 103 ? 1.227   10.299  6.291   1.00 27.91 ? 102 GLU A CD  1 
ATOM   808  O  OE1 . GLU A 1 103 ? 0.756   11.166  5.544   1.00 33.60 ? 102 GLU A OE1 1 
ATOM   809  O  OE2 . GLU A 1 103 ? 0.962   10.238  7.519   1.00 37.71 ? 102 GLU A OE2 1 
ATOM   810  N  N   . ARG A 1 104 ? 3.341   5.744   6.206   1.00 19.69 ? 103 ARG A N   1 
ATOM   811  C  CA  . ARG A 1 104 ? 4.384   5.244   7.071   1.00 18.95 ? 103 ARG A CA  1 
ATOM   812  C  C   . ARG A 1 104 ? 5.498   4.579   6.254   1.00 21.42 ? 103 ARG A C   1 
ATOM   813  O  O   . ARG A 1 104 ? 6.689   4.785   6.549   1.00 20.60 ? 103 ARG A O   1 
ATOM   814  C  CB  . ARG A 1 104 ? 3.791   4.236   8.061   1.00 21.14 ? 103 ARG A CB  1 
ATOM   815  C  CG  . ARG A 1 104 ? 2.923   4.868   9.137   1.00 24.49 ? 103 ARG A CG  1 
ATOM   816  C  CD  . ARG A 1 104 ? 2.202   3.834   9.989   1.00 28.71 ? 103 ARG A CD  1 
ATOM   817  N  NE  . ARG A 1 104 ? 3.100   3.200   10.958  1.00 35.41 ? 103 ARG A NE  1 
ATOM   818  C  CZ  . ARG A 1 104 ? 2.835   2.071   11.640  1.00 46.98 ? 103 ARG A CZ  1 
ATOM   819  N  NH1 . ARG A 1 104 ? 1.699   1.394   11.445  1.00 48.91 ? 103 ARG A NH1 1 
ATOM   820  N  NH2 . ARG A 1 104 ? 3.734   1.605   12.521  1.00 45.80 ? 103 ARG A NH2 1 
ATOM   821  N  N   . CYS A 1 105 ? 5.121   3.760   5.284   1.00 21.61 ? 104 CYS A N   1 
ATOM   822  C  CA  . CYS A 1 105 ? 6.136   3.133   4.408   1.00 19.26 ? 104 CYS A CA  1 
ATOM   823  C  C   . CYS A 1 105 ? 6.963   4.212   3.707   1.00 21.92 ? 104 CYS A C   1 
ATOM   824  O  O   . CYS A 1 105 ? 8.193   4.109   3.628   1.00 22.06 ? 104 CYS A O   1 
ATOM   825  C  CB  . CYS A 1 105 ? 5.499   2.257   3.372   1.00 20.11 ? 104 CYS A CB  1 
ATOM   826  S  SG  . CYS A 1 105 ? 4.746   0.701   3.934   1.00 20.90 ? 104 CYS A SG  1 
ATOM   827  N  N   . GLN A 1 106 ? 6.297   5.210   3.162   1.00 22.12 ? 105 GLN A N   1 
ATOM   828  C  CA  . GLN A 1 106 ? 7.020   6.250   2.418   1.00 24.64 ? 105 GLN A CA  1 
ATOM   829  C  C   . GLN A 1 106 ? 8.002   6.955   3.277   1.00 23.62 ? 105 GLN A C   1 
ATOM   830  O  O   . GLN A 1 106 ? 9.175   7.157   2.861   1.00 23.71 ? 105 GLN A O   1 
ATOM   831  C  CB  . GLN A 1 106 ? 6.030   7.263   1.861   1.00 24.83 ? 105 GLN A CB  1 
ATOM   832  C  CG  . GLN A 1 106 ? 6.687   8.368   1.062   1.00 34.53 ? 105 GLN A CG  1 
ATOM   833  C  CD  . GLN A 1 106 ? 5.593   9.279   0.482   1.00 47.96 ? 105 GLN A CD  1 
ATOM   834  O  OE1 . GLN A 1 106 ? 4.897   9.984   1.247   1.00 47.66 ? 105 GLN A OE1 1 
ATOM   835  N  NE2 . GLN A 1 106 ? 5.403   9.232   -0.859  1.00 41.48 ? 105 GLN A NE2 1 
ATOM   836  N  N   . GLN A 1 107 ? 7.607   7.328   4.495   1.00 21.27 ? 106 GLN A N   1 
ATOM   837  C  CA  . GLN A 1 107 ? 8.490   8.022   5.397   1.00 26.52 ? 106 GLN A CA  1 
ATOM   838  C  C   . GLN A 1 107 ? 9.700   7.156   5.811   1.00 21.41 ? 106 GLN A C   1 
ATOM   839  O  O   . GLN A 1 107 ? 10.814  7.626   5.914   1.00 23.49 ? 106 GLN A O   1 
ATOM   840  C  CB  A GLN A 1 107 ? 7.726   8.393   6.689   0.50 27.11 ? 106 GLN A CB  1 
ATOM   841  C  CB  B GLN A 1 107 ? 7.698   8.577   6.580   0.50 28.01 ? 106 GLN A CB  1 
ATOM   842  C  CG  A GLN A 1 107 ? 6.561   9.373   6.478   0.50 32.42 ? 106 GLN A CG  1 
ATOM   843  C  CG  B GLN A 1 107 ? 6.625   9.608   6.122   0.50 31.32 ? 106 GLN A CG  1 
ATOM   844  C  CD  A GLN A 1 107 ? 5.611   9.486   7.677   0.50 32.22 ? 106 GLN A CD  1 
ATOM   845  C  CD  B GLN A 1 107 ? 7.185   10.742  5.248   0.50 28.27 ? 106 GLN A CD  1 
ATOM   846  O  OE1 A GLN A 1 107 ? 5.563   8.611   8.550   0.50 34.42 ? 106 GLN A OE1 1 
ATOM   847  O  OE1 B GLN A 1 107 ? 8.160   11.382  5.612   0.50 30.46 ? 106 GLN A OE1 1 
ATOM   848  N  NE2 A GLN A 1 107 ? 4.829   10.577  7.703   0.50 36.36 ? 106 GLN A NE2 1 
ATOM   849  N  NE2 B GLN A 1 107 ? 6.568   10.974  4.086   0.50 39.90 ? 106 GLN A NE2 1 
ATOM   850  N  N   . ALA A 1 108 ? 9.416   5.890   6.107   1.00 18.81 ? 107 ALA A N   1 
ATOM   851  C  CA  . ALA A 1 108 ? 10.453  5.011   6.609   1.00 20.60 ? 107 ALA A CA  1 
ATOM   852  C  C   . ALA A 1 108 ? 11.451  4.762   5.496   1.00 20.20 ? 107 ALA A C   1 
ATOM   853  O  O   . ALA A 1 108 ? 12.665  4.635   5.745   1.00 20.54 ? 107 ALA A O   1 
ATOM   854  C  CB  . ALA A 1 108 ? 9.837   3.690   7.074   1.00 23.16 ? 107 ALA A CB  1 
ATOM   855  N  N   . ASN A 1 109 ? 10.971  4.668   4.288   1.00 22.17 ? 108 ASN A N   1 
ATOM   856  C  CA  . ASN A 1 109 ? 11.880  4.472   3.182   1.00 25.37 ? 108 ASN A CA  1 
ATOM   857  C  C   . ASN A 1 109 ? 12.729  5.698   2.925   1.00 29.12 ? 108 ASN A C   1 
ATOM   858  O  O   . ASN A 1 109 ? 13.955  5.600   2.703   1.00 25.12 ? 108 ASN A O   1 
ATOM   859  C  CB  . ASN A 1 109 ? 11.114  4.076   1.966   1.00 24.04 ? 108 ASN A CB  1 
ATOM   860  C  CG  . ASN A 1 109 ? 12.002  3.813   0.779   1.00 35.31 ? 108 ASN A CG  1 
ATOM   861  O  OD1 . ASN A 1 109 ? 12.751  2.829   0.756   1.00 36.07 ? 108 ASN A OD1 1 
ATOM   862  N  ND2 . ASN A 1 109 ? 11.935  4.704   -0.226  1.00 31.64 ? 108 ASN A ND2 1 
ATOM   863  N  N   . LEU A 1 110 ? 12.122  6.871   3.035   1.00 27.14 ? 109 LEU A N   1 
ATOM   864  C  CA  . LEU A 1 110 ? 12.923  8.088   2.925   1.00 27.58 ? 109 LEU A CA  1 
ATOM   865  C  C   . LEU A 1 110 ? 13.995  8.155   3.999   1.00 26.27 ? 109 LEU A C   1 
ATOM   866  O  O   . LEU A 1 110 ? 15.154  8.572   3.742   1.00 25.76 ? 109 LEU A O   1 
ATOM   867  C  CB  . LEU A 1 110 ? 12.017  9.337   2.954   1.00 26.50 ? 109 LEU A CB  1 
ATOM   868  C  CG  . LEU A 1 110 ? 11.196  9.516   1.683   1.00 37.61 ? 109 LEU A CG  1 
ATOM   869  C  CD1 . LEU A 1 110 ? 10.119  10.591  1.891   1.00 45.77 ? 109 LEU A CD1 1 
ATOM   870  C  CD2 . LEU A 1 110 ? 12.064  9.851   0.469   1.00 43.71 ? 109 LEU A CD2 1 
ATOM   871  N  N   . ARG A 1 111 ? 13.671  7.787   5.221   1.00 23.73 ? 110 ARG A N   1 
ATOM   872  C  CA  . ARG A 1 111 ? 14.681  7.741   6.267   1.00 25.78 ? 110 ARG A CA  1 
ATOM   873  C  C   . ARG A 1 111 ? 15.846  6.796   5.885   1.00 27.10 ? 110 ARG A C   1 
ATOM   874  O  O   . ARG A 1 111 ? 17.016  7.140   6.073   1.00 26.45 ? 110 ARG A O   1 
ATOM   875  C  CB  . ARG A 1 111 ? 14.072  7.360   7.625   1.00 26.13 ? 110 ARG A CB  1 
ATOM   876  C  CG  . ARG A 1 111 ? 15.090  7.106   8.735   1.00 32.87 ? 110 ARG A CG  1 
ATOM   877  C  CD  . ARG A 1 111 ? 14.591  6.155   9.756   1.00 37.34 ? 110 ARG A CD  1 
ATOM   878  N  NE  . ARG A 1 111 ? 14.199  4.934   9.078   1.00 38.62 ? 110 ARG A NE  1 
ATOM   879  C  CZ  . ARG A 1 111 ? 13.417  4.000   9.594   1.00 42.33 ? 110 ARG A CZ  1 
ATOM   880  N  NH1 . ARG A 1 111 ? 12.975  4.109   10.847  1.00 51.12 ? 110 ARG A NH1 1 
ATOM   881  N  NH2 . ARG A 1 111 ? 13.102  2.955   8.860   1.00 40.32 ? 110 ARG A NH2 1 
ATOM   882  N  N   . ASN A 1 112 ? 15.545  5.623   5.355   1.00 24.18 ? 111 ASN A N   1 
ATOM   883  C  CA  . ASN A 1 112 ? 16.594  4.689   4.906   1.00 24.82 ? 111 ASN A CA  1 
ATOM   884  C  C   . ASN A 1 112 ? 17.439  5.262   3.766   1.00 27.21 ? 111 ASN A C   1 
ATOM   885  O  O   . ASN A 1 112 ? 18.677  5.161   3.807   1.00 26.13 ? 111 ASN A O   1 
ATOM   886  C  CB  . ASN A 1 112 ? 15.986  3.381   4.419   1.00 21.91 ? 111 ASN A CB  1 
ATOM   887  C  CG  . ASN A 1 112 ? 15.388  2.547   5.552   1.00 22.13 ? 111 ASN A CG  1 
ATOM   888  O  OD1 . ASN A 1 112 ? 15.389  2.948   6.707   1.00 22.53 ? 111 ASN A OD1 1 
ATOM   889  N  ND2 . ASN A 1 112 ? 14.941  1.358   5.223   1.00 17.21 ? 111 ASN A ND2 1 
ATOM   890  N  N   . GLY A 1 113 ? 16.761  5.807   2.747   1.00 31.00 ? 112 GLY A N   1 
ATOM   891  C  CA  . GLY A 1 113 ? 17.406  6.435   1.578   1.00 34.75 ? 112 GLY A CA  1 
ATOM   892  C  C   . GLY A 1 113 ? 18.396  7.513   1.958   1.00 37.18 ? 112 GLY A C   1 
ATOM   893  O  O   . GLY A 1 113 ? 19.505  7.607   1.401   1.00 37.16 ? 112 GLY A O   1 
ATOM   894  N  N   . ARG A 1 114 ? 18.026  8.318   2.946   1.00 39.35 ? 113 ARG A N   1 
ATOM   895  C  CA  . ARG A 1 114 ? 18.911  9.369   3.402   1.00 40.34 ? 113 ARG A CA  1 
ATOM   896  C  C   . ARG A 1 114 ? 20.179  8.756   3.975   1.00 39.08 ? 113 ARG A C   1 
ATOM   897  O  O   . ARG A 1 114 ? 21.235  9.375   3.917   1.00 40.38 ? 113 ARG A O   1 
ATOM   898  C  CB  . ARG A 1 114 ? 18.206  10.286  4.419   1.00 40.92 ? 113 ARG A CB  1 
ATOM   899  C  CG  . ARG A 1 114 ? 17.047  11.106  3.808   1.00 42.96 ? 113 ARG A CG  1 
ATOM   900  N  N   . ILE A 1 115 ? 20.095  7.548   4.531   1.00 40.54 ? 114 ILE A N   1 
ATOM   901  C  CA  . ILE A 1 115 ? 21.316  6.859   5.039   1.00 40.53 ? 114 ILE A CA  1 
ATOM   902  C  C   . ILE A 1 115 ? 22.116  6.253   3.858   1.00 40.74 ? 114 ILE A C   1 
ATOM   903  O  O   . ILE A 1 115 ? 21.521  5.742   2.889   1.00 38.30 ? 114 ILE A O   1 
ATOM   904  C  CB  . ILE A 1 115 ? 20.977  5.752   6.084   1.00 40.66 ? 114 ILE A CB  1 
ATOM   905  C  CG1 . ILE A 1 115 ? 20.323  6.342   7.336   1.00 38.61 ? 114 ILE A CG1 1 
ATOM   906  C  CG2 . ILE A 1 115 ? 22.235  5.004   6.503   1.00 43.63 ? 114 ILE A CG2 1 
ATOM   907  C  CD1 . ILE A 1 115 ? 19.625  5.258   8.200   1.00 39.93 ? 114 ILE A CD1 1 
ATOM   908  N  N   . ALA A 1 118 ? 19.909  3.199   -4.403  1.00 33.04 ? 117 ALA A N   1 
ATOM   909  C  CA  . ALA A 1 118 ? 19.263  2.337   -5.405  1.00 36.30 ? 117 ALA A CA  1 
ATOM   910  C  C   . ALA A 1 118 ? 18.211  1.449   -4.770  1.00 37.93 ? 117 ALA A C   1 
ATOM   911  O  O   . ALA A 1 118 ? 17.131  1.281   -5.343  1.00 40.71 ? 117 ALA A O   1 
ATOM   912  C  CB  . ALA A 1 118 ? 20.291  1.473   -6.149  1.00 37.79 ? 117 ALA A CB  1 
ATOM   913  N  N   . ASN A 1 119 ? 18.523  0.887   -3.596  1.00 37.61 ? 118 ASN A N   1 
ATOM   914  C  CA  . ASN A 1 119 ? 17.605  -0.026  -2.902  1.00 40.21 ? 118 ASN A CA  1 
ATOM   915  C  C   . ASN A 1 119 ? 16.410  0.645   -2.238  1.00 40.07 ? 118 ASN A C   1 
ATOM   916  O  O   . ASN A 1 119 ? 15.526  -0.059  -1.733  1.00 41.20 ? 118 ASN A O   1 
ATOM   917  C  CB  . ASN A 1 119 ? 18.342  -0.871  -1.854  1.00 40.28 ? 118 ASN A CB  1 
ATOM   918  C  CG  . ASN A 1 119 ? 19.404  -1.745  -2.460  1.00 46.95 ? 118 ASN A CG  1 
ATOM   919  O  OD1 . ASN A 1 119 ? 19.554  -1.808  -3.686  1.00 60.04 ? 118 ASN A OD1 1 
ATOM   920  N  ND2 . ASN A 1 119 ? 20.179  -2.404  -1.606  1.00 50.99 ? 118 ASN A ND2 1 
ATOM   921  N  N   . GLN A 1 120 ? 16.373  1.981   -2.204  1.00 38.00 ? 119 GLN A N   1 
ATOM   922  C  CA  . GLN A 1 120 ? 15.182  2.721   -1.753  1.00 39.21 ? 119 GLN A CA  1 
ATOM   923  C  C   . GLN A 1 120 ? 14.391  3.319   -2.921  1.00 38.53 ? 119 GLN A C   1 
ATOM   924  O  O   . GLN A 1 120 ? 13.255  3.796   -2.745  1.00 36.85 ? 119 GLN A O   1 
ATOM   925  C  CB  . GLN A 1 120 ? 15.570  3.806   -0.758  1.00 38.32 ? 119 GLN A CB  1 
ATOM   926  C  CG  . GLN A 1 120 ? 16.002  3.231   0.580   1.00 42.87 ? 119 GLN A CG  1 
ATOM   927  C  CD  . GLN A 1 120 ? 17.379  2.570   0.539   1.00 49.38 ? 119 GLN A CD  1 
ATOM   928  O  OE1 . GLN A 1 120 ? 18.378  3.196   0.144   1.00 41.11 ? 119 GLN A OE1 1 
ATOM   929  N  NE2 . GLN A 1 120 ? 17.440  1.295   0.952   1.00 48.89 ? 119 GLN A NE2 1 
ATOM   930  N  N   . ALA A 1 121 ? 14.978  3.235   -4.117  1.00 38.76 ? 120 ALA A N   1 
ATOM   931  C  CA  . ALA A 1 121 ? 14.398  3.831   -5.330  1.00 40.63 ? 120 ALA A CA  1 
ATOM   932  C  C   . ALA A 1 121 ? 13.015  3.276   -5.697  1.00 42.05 ? 120 ALA A C   1 
ATOM   933  O  O   . ALA A 1 121 ? 12.023  4.027   -5.688  1.00 41.27 ? 120 ALA A O   1 
ATOM   934  C  CB  . ALA A 1 121 ? 15.366  3.680   -6.511  1.00 42.44 ? 120 ALA A CB  1 
ATOM   935  N  N   . SER A 1 122 ? 12.936  1.980   -6.027  1.00 41.75 ? 121 SER A N   1 
ATOM   936  C  CA  . SER A 1 122 ? 11.669  1.401   -6.490  1.00 40.85 ? 121 SER A CA  1 
ATOM   937  C  C   . SER A 1 122 ? 10.603  1.526   -5.416  1.00 41.34 ? 121 SER A C   1 
ATOM   938  O  O   . SER A 1 122 ? 9.432   1.746   -5.731  1.00 41.74 ? 121 SER A O   1 
ATOM   939  C  CB  . SER A 1 122 ? 11.818  -0.054  -6.960  1.00 42.49 ? 121 SER A CB  1 
ATOM   940  O  OG  . SER A 1 122 ? 12.234  -0.934  -5.919  1.00 39.88 ? 121 SER A OG  1 
ATOM   941  N  N   . THR A 1 123 ? 11.004  1.409   -4.144  1.00 40.90 ? 122 THR A N   1 
ATOM   942  C  CA  . THR A 1 123 ? 10.073  1.649   -3.033  1.00 38.79 ? 122 THR A CA  1 
ATOM   943  C  C   . THR A 1 123 ? 9.508   3.084   -3.101  1.00 34.71 ? 122 THR A C   1 
ATOM   944  O  O   . THR A 1 123 ? 8.274   3.303   -2.986  1.00 31.21 ? 122 THR A O   1 
ATOM   945  N  N   . GLY A 1 124 ? 10.412  4.042   -3.297  1.00 31.26 ? 123 GLY A N   1 
ATOM   946  C  CA  . GLY A 1 124 ? 10.064  5.448   -3.263  1.00 30.54 ? 123 GLY A CA  1 
ATOM   947  C  C   . GLY A 1 124 ? 9.119   5.766   -4.395  1.00 32.01 ? 123 GLY A C   1 
ATOM   948  O  O   . GLY A 1 124 ? 8.080   6.403   -4.185  1.00 29.97 ? 123 GLY A O   1 
ATOM   949  N  N   . SER A 1 125 ? 9.486   5.312   -5.587  1.00 34.73 ? 124 SER A N   1 
ATOM   950  C  CA  . SER A 1 125 ? 8.630   5.464   -6.767  1.00 37.46 ? 124 SER A CA  1 
ATOM   951  C  C   . SER A 1 125 ? 7.221   4.901   -6.607  1.00 39.37 ? 124 SER A C   1 
ATOM   952  O  O   . SER A 1 125 ? 6.232   5.599   -6.887  1.00 40.37 ? 124 SER A O   1 
ATOM   953  C  CB  . SER A 1 125 ? 9.250   4.744   -7.954  1.00 37.20 ? 124 SER A CB  1 
ATOM   954  O  OG  . SER A 1 125 ? 10.303  5.504   -8.451  1.00 42.11 ? 124 SER A OG  1 
ATOM   955  N  N   . LEU A 1 126 ? 7.136   3.627   -6.207  1.00 37.76 ? 125 LEU A N   1 
ATOM   956  C  CA  . LEU A 1 126 ? 5.849   2.961   -6.082  1.00 39.16 ? 125 LEU A CA  1 
ATOM   957  C  C   . LEU A 1 126 ? 4.958   3.707   -5.117  1.00 38.33 ? 125 LEU A C   1 
ATOM   958  O  O   . LEU A 1 126 ? 3.759   3.816   -5.353  1.00 34.37 ? 125 LEU A O   1 
ATOM   959  C  CB  . LEU A 1 126 ? 6.031   1.538   -5.568  1.00 41.01 ? 125 LEU A CB  1 
ATOM   960  C  CG  . LEU A 1 126 ? 4.792   0.933   -4.881  1.00 48.03 ? 125 LEU A CG  1 
ATOM   961  C  CD1 . LEU A 1 126 ? 3.857   0.284   -5.896  1.00 45.42 ? 125 LEU A CD1 1 
ATOM   962  C  CD2 . LEU A 1 126 ? 5.241   -0.030  -3.788  1.00 54.34 ? 125 LEU A CD2 1 
ATOM   963  N  N   . LEU A 1 127 ? 5.539   4.171   -4.009  1.00 37.78 ? 126 LEU A N   1 
ATOM   964  C  CA  . LEU A 1 127 ? 4.776   4.879   -2.971  1.00 37.03 ? 126 LEU A CA  1 
ATOM   965  C  C   . LEU A 1 127 ? 4.342   6.261   -3.486  1.00 37.90 ? 126 LEU A C   1 
ATOM   966  O  O   . LEU A 1 127 ? 3.225   6.728   -3.172  1.00 37.04 ? 126 LEU A O   1 
ATOM   967  C  CB  . LEU A 1 127 ? 5.586   4.963   -1.662  1.00 35.93 ? 126 LEU A CB  1 
ATOM   968  C  CG  . LEU A 1 127 ? 5.736   3.571   -1.036  1.00 29.71 ? 126 LEU A CG  1 
ATOM   969  C  CD1 . LEU A 1 127 ? 6.831   3.548   0.010   1.00 34.31 ? 126 LEU A CD1 1 
ATOM   970  C  CD2 . LEU A 1 127 ? 4.433   3.154   -0.420  1.00 30.20 ? 126 LEU A CD2 1 
ATOM   971  N  N   . ASN A 1 128 ? 5.192   6.897   -4.298  1.00 37.49 ? 127 ASN A N   1 
ATOM   972  C  CA  . ASN A 1 128 ? 4.792   8.166   -4.955  1.00 40.76 ? 127 ASN A CA  1 
ATOM   973  C  C   . ASN A 1 128 ? 3.535   7.920   -5.759  1.00 41.62 ? 127 ASN A C   1 
ATOM   974  O  O   . ASN A 1 128 ? 2.525   8.599   -5.578  1.00 40.42 ? 127 ASN A O   1 
ATOM   975  C  CB  . ASN A 1 128 ? 5.885   8.711   -5.887  1.00 39.82 ? 127 ASN A CB  1 
ATOM   976  C  CG  . ASN A 1 128 ? 7.043   9.319   -5.135  1.00 45.26 ? 127 ASN A CG  1 
ATOM   977  O  OD1 . ASN A 1 128 ? 6.921   9.680   -3.963  1.00 50.06 ? 127 ASN A OD1 1 
ATOM   978  N  ND2 . ASN A 1 128 ? 8.177   9.447   -5.804  1.00 42.56 ? 127 ASN A ND2 1 
ATOM   979  N  N   . ILE A 1 129 ? 3.611   6.914   -6.623  1.00 44.65 ? 128 ILE A N   1 
ATOM   980  C  CA  . ILE A 1 129 ? 2.498   6.531   -7.496  1.00 47.91 ? 128 ILE A CA  1 
ATOM   981  C  C   . ILE A 1 129 ? 1.218   6.217   -6.695  1.00 48.93 ? 128 ILE A C   1 
ATOM   982  O  O   . ILE A 1 129 ? 0.149   6.772   -6.992  1.00 49.03 ? 128 ILE A O   1 
ATOM   983  C  CB  . ILE A 1 129 ? 2.899   5.314   -8.361  1.00 48.06 ? 128 ILE A CB  1 
ATOM   984  C  CG1 . ILE A 1 129 ? 4.015   5.716   -9.323  1.00 47.53 ? 128 ILE A CG1 1 
ATOM   985  C  CG2 . ILE A 1 129 ? 1.687   4.721   -9.110  1.00 50.87 ? 128 ILE A CG2 1 
ATOM   986  C  CD1 . ILE A 1 129 ? 4.851   4.554   -9.756  1.00 49.28 ? 128 ILE A CD1 1 
ATOM   987  N  N   . LEU A 1 130 ? 1.344   5.352   -5.688  1.00 48.82 ? 129 LEU A N   1 
ATOM   988  C  CA  . LEU A 1 130 ? 0.209   4.910   -4.850  1.00 49.76 ? 129 LEU A CA  1 
ATOM   989  C  C   . LEU A 1 130 ? -0.478  5.994   -4.012  1.00 50.96 ? 129 LEU A C   1 
ATOM   990  O  O   . LEU A 1 130 ? -1.657  5.865   -3.669  1.00 49.69 ? 129 LEU A O   1 
ATOM   991  C  CB  . LEU A 1 130 ? 0.657   3.796   -3.883  1.00 49.46 ? 129 LEU A CB  1 
ATOM   992  C  CG  . LEU A 1 130 ? 1.126   2.460   -4.459  1.00 50.98 ? 129 LEU A CG  1 
ATOM   993  C  CD1 . LEU A 1 130 ? 1.347   1.493   -3.329  1.00 47.64 ? 129 LEU A CD1 1 
ATOM   994  C  CD2 . LEU A 1 130 ? 0.122   1.902   -5.456  1.00 54.71 ? 129 LEU A CD2 1 
ATOM   995  N  N   . ARG A 1 131 ? 0.277   7.024   -3.635  1.00 53.07 ? 130 ARG A N   1 
ATOM   996  C  CA  . ARG A 1 131 ? -0.255  8.139   -2.847  1.00 53.91 ? 130 ARG A CA  1 
ATOM   997  C  C   . ARG A 1 131 ? -0.713  9.215   -3.812  1.00 54.90 ? 130 ARG A C   1 
ATOM   998  O  O   . ARG A 1 131 ? -1.162  10.272  -3.382  1.00 58.23 ? 130 ARG A O   1 
ATOM   999  C  CB  . ARG A 1 131 ? 0.815   8.681   -1.873  1.00 53.08 ? 130 ARG A CB  1 
ATOM   1000 C  CG  . ARG A 1 131 ? 0.354   9.847   -0.975  1.00 53.91 ? 130 ARG A CG  1 
ATOM   1001 C  CD  . ARG A 1 131 ? 1.234   10.037  0.283   1.00 54.01 ? 130 ARG A CD  1 
ATOM   1002 N  NE  . ARG A 1 131 ? 1.127   8.912   1.213   1.00 35.07 ? 130 ARG A NE  1 
HETATM 1003 C  C1  . MPD B 2 .   ? -9.284  6.472   0.606   1.00 24.75 ? 157 MPD A C1  1 
HETATM 1004 C  C2  . MPD B 2 .   ? -8.637  5.843   -0.633  1.00 29.20 ? 157 MPD A C2  1 
HETATM 1005 O  O2  . MPD B 2 .   ? -8.980  4.441   -0.746  1.00 25.42 ? 157 MPD A O2  1 
HETATM 1006 C  CM  . MPD B 2 .   ? -9.241  6.515   -1.853  1.00 31.85 ? 157 MPD A CM  1 
HETATM 1007 C  C3  . MPD B 2 .   ? -7.106  5.962   -0.631  1.00 29.31 ? 157 MPD A C3  1 
HETATM 1008 C  C4  . MPD B 2 .   ? -6.276  5.175   0.434   1.00 25.74 ? 157 MPD A C4  1 
HETATM 1009 O  O4  . MPD B 2 .   ? -6.867  3.926   0.784   1.00 20.94 ? 157 MPD A O4  1 
HETATM 1010 C  C5  . MPD B 2 .   ? -4.823  4.944   -0.015  1.00 24.88 ? 157 MPD A C5  1 
HETATM 1011 O  O   . HOH C 3 .   ? -9.734  13.937  -6.601  1.00 50.40 ? 158 HOH A O   1 
HETATM 1012 O  O   . HOH C 3 .   ? -21.798 9.326   2.485   1.00 36.71 ? 159 HOH A O   1 
HETATM 1013 O  O   . HOH C 3 .   ? 10.814  -10.015 8.730   1.00 13.64 ? 160 HOH A O   1 
HETATM 1014 O  O   . HOH C 3 .   ? -19.394 -2.117  6.941   1.00 14.91 ? 161 HOH A O   1 
HETATM 1015 O  O   . HOH C 3 .   ? -6.647  1.674   -13.092 1.00 12.72 ? 162 HOH A O   1 
HETATM 1016 O  O   . HOH C 3 .   ? -16.576 -4.329  -4.787  1.00 16.25 ? 163 HOH A O   1 
HETATM 1017 O  O   . HOH C 3 .   ? -17.347 -0.465  -10.134 1.00 16.80 ? 164 HOH A O   1 
HETATM 1018 O  O   . HOH C 3 .   ? -16.066 3.589   8.789   1.00 17.75 ? 165 HOH A O   1 
HETATM 1019 O  O   . HOH C 3 .   ? -14.763 11.214  2.699   1.00 23.68 ? 166 HOH A O   1 
HETATM 1020 O  O   . HOH C 3 .   ? -20.272 6.472   2.955   1.00 20.90 ? 167 HOH A O   1 
HETATM 1021 O  O   . HOH C 3 .   ? -2.348  -9.653  2.033   1.00 21.80 ? 168 HOH A O   1 
HETATM 1022 O  O   . HOH C 3 .   ? -3.724  8.037   10.065  1.00 20.15 ? 169 HOH A O   1 
HETATM 1023 O  O   . HOH C 3 .   ? -12.713 2.536   -17.341 1.00 22.92 ? 170 HOH A O   1 
HETATM 1024 O  O   . HOH C 3 .   ? 8.365   -9.210  10.139  1.00 22.65 ? 171 HOH A O   1 
HETATM 1025 O  O   . HOH C 3 .   ? -2.128  -0.292  -3.255  1.00 22.90 ? 172 HOH A O   1 
HETATM 1026 O  O   . HOH C 3 .   ? -23.544 3.134   -2.281  1.00 23.42 ? 173 HOH A O   1 
HETATM 1027 O  O   . HOH C 3 .   ? -17.648 11.196  -6.716  1.00 24.18 ? 174 HOH A O   1 
HETATM 1028 O  O   . HOH C 3 .   ? -21.583 0.344   -4.502  1.00 29.53 ? 175 HOH A O   1 
HETATM 1029 O  O   . HOH C 3 .   ? 1.760   -9.478  2.024   1.00 26.68 ? 176 HOH A O   1 
HETATM 1030 O  O   . HOH C 3 .   ? -2.685  -9.061  -3.436  1.00 23.88 ? 177 HOH A O   1 
HETATM 1031 O  O   . HOH C 3 .   ? -15.348 7.867   -13.813 1.00 27.92 ? 178 HOH A O   1 
HETATM 1032 O  O   . HOH C 3 .   ? -21.728 0.174   6.330   1.00 24.97 ? 179 HOH A O   1 
HETATM 1033 O  O   . HOH C 3 .   ? 15.114  -6.373  15.838  1.00 24.43 ? 180 HOH A O   1 
HETATM 1034 O  O   . HOH C 3 .   ? -18.394 -2.069  -8.048  1.00 24.74 ? 181 HOH A O   1 
HETATM 1035 O  O   . HOH C 3 .   ? -18.752 11.595  -0.539  1.00 23.70 ? 182 HOH A O   1 
HETATM 1036 O  O   . HOH C 3 .   ? 3.547   -3.695  10.205  1.00 27.63 ? 183 HOH A O   1 
HETATM 1037 O  O   . HOH C 3 .   ? -10.970 5.684   3.157   1.00 22.92 ? 184 HOH A O   1 
HETATM 1038 O  O   . HOH C 3 .   ? -11.899 13.570  -0.957  1.00 28.08 ? 185 HOH A O   1 
HETATM 1039 O  O   . HOH C 3 .   ? -3.188  -3.583  10.058  1.00 28.69 ? 186 HOH A O   1 
HETATM 1040 O  O   . HOH C 3 .   ? -5.558  -7.546  5.913   1.00 26.12 ? 187 HOH A O   1 
HETATM 1041 O  O   . HOH C 3 .   ? -22.599 2.182   4.389   1.00 26.65 ? 188 HOH A O   1 
HETATM 1042 O  O   . HOH C 3 .   ? 23.003  -11.021 -0.913  1.00 27.23 ? 189 HOH A O   1 
HETATM 1043 O  O   . HOH C 3 .   ? 7.297   5.247   9.326   1.00 35.38 ? 190 HOH A O   1 
HETATM 1044 O  O   . HOH C 3 .   ? -13.819 8.850   -11.825 1.00 27.44 ? 191 HOH A O   1 
HETATM 1045 O  O   . HOH C 3 .   ? 4.539   -10.138 9.155   1.00 38.38 ? 192 HOH A O   1 
HETATM 1046 O  O   . HOH C 3 .   ? -5.454  -8.951  -6.003  1.00 34.13 ? 193 HOH A O   1 
HETATM 1047 O  O   . HOH C 3 .   ? -1.524  -9.919  -10.444 1.00 31.98 ? 194 HOH A O   1 
HETATM 1048 O  O   . HOH C 3 .   ? -6.890  -4.295  9.129   1.00 30.27 ? 195 HOH A O   1 
HETATM 1049 O  O   . HOH C 3 .   ? -10.942 11.218  -9.699  1.00 31.02 ? 196 HOH A O   1 
HETATM 1050 O  O   . HOH C 3 .   ? -17.579 15.676  -1.986  1.00 30.35 ? 197 HOH A O   1 
HETATM 1051 O  O   . HOH C 3 .   ? 11.162  10.184  6.489   1.00 45.07 ? 198 HOH A O   1 
HETATM 1052 O  O   . HOH C 3 .   ? -17.265 11.849  2.329   1.00 30.45 ? 199 HOH A O   1 
HETATM 1053 O  O   . HOH C 3 .   ? 23.364  -6.606  -0.568  1.00 30.22 ? 200 HOH A O   1 
HETATM 1054 O  O   . HOH C 3 .   ? -2.434  -0.248  11.158  1.00 34.63 ? 201 HOH A O   1 
HETATM 1055 O  O   . HOH C 3 .   ? 11.367  1.471   10.653  1.00 40.57 ? 202 HOH A O   1 
HETATM 1056 O  O   . HOH C 3 .   ? -1.950  -8.095  -6.868  1.00 47.63 ? 203 HOH A O   1 
HETATM 1057 O  O   . HOH C 3 .   ? -0.678  1.959   10.381  1.00 31.70 ? 204 HOH A O   1 
HETATM 1058 O  O   . HOH C 3 .   ? 13.648  -0.054  14.698  1.00 46.10 ? 205 HOH A O   1 
HETATM 1059 O  O   . HOH C 3 .   ? 7.508   -10.392 -0.209  1.00 34.41 ? 206 HOH A O   1 
HETATM 1060 O  O   . HOH C 3 .   ? -5.182  -6.868  -10.806 1.00 21.01 ? 207 HOH A O   1 
HETATM 1061 O  O   . HOH C 3 .   ? 8.960   -12.382 -0.048  1.00 24.97 ? 208 HOH A O   1 
HETATM 1062 O  O   . HOH C 3 .   ? -0.155  -10.471 3.563   1.00 33.81 ? 209 HOH A O   1 
HETATM 1063 O  O   . HOH C 3 .   ? -14.573 4.196   -16.437 1.00 32.66 ? 210 HOH A O   1 
HETATM 1064 O  O   . HOH C 3 .   ? -20.865 4.478   4.665   1.00 38.57 ? 211 HOH A O   1 
HETATM 1065 O  O   . HOH C 3 .   ? -22.595 0.516   8.624   1.00 33.70 ? 212 HOH A O   1 
HETATM 1066 O  O   . HOH C 3 .   ? -21.330 -0.459  -6.997  1.00 40.79 ? 213 HOH A O   1 
HETATM 1067 O  O   . HOH C 3 .   ? -4.787  -5.877  9.784   1.00 38.08 ? 214 HOH A O   1 
HETATM 1068 O  O   . HOH C 3 .   ? -1.426  -7.267  8.224   1.00 37.98 ? 215 HOH A O   1 
HETATM 1069 O  O   . HOH C 3 .   ? -4.259  -10.588 3.812   1.00 45.95 ? 216 HOH A O   1 
HETATM 1070 O  O   . HOH C 3 .   ? 18.244  -3.195  0.828   1.00 33.99 ? 217 HOH A O   1 
HETATM 1071 O  O   . HOH C 3 .   ? -8.697  3.241   -3.132  1.00 28.08 ? 218 HOH A O   1 
HETATM 1072 O  O   . HOH C 3 .   ? 24.493  -9.006  -2.115  1.00 41.64 ? 219 HOH A O   1 
HETATM 1073 O  O   . HOH C 3 .   ? 9.721   6.710   0.188   1.00 33.23 ? 220 HOH A O   1 
HETATM 1074 O  O   . HOH C 3 .   ? 0.870   -8.412  6.925   1.00 39.56 ? 221 HOH A O   1 
HETATM 1075 O  O   . HOH C 3 .   ? -25.181 -1.406  -2.154  1.00 31.10 ? 222 HOH A O   1 
HETATM 1076 O  O   . HOH C 3 .   ? -14.329 -10.320 -6.258  1.00 44.08 ? 223 HOH A O   1 
HETATM 1077 O  O   . HOH C 3 .   ? -1.237  7.473   1.859   1.00 17.90 ? 224 HOH A O   1 
HETATM 1078 O  O   . HOH C 3 .   ? -12.952 13.319  2.067   1.00 39.76 ? 225 HOH A O   1 
HETATM 1079 O  O   . HOH C 3 .   ? -10.708 -0.745  12.947  1.00 45.87 ? 226 HOH A O   1 
HETATM 1080 O  O   . HOH C 3 .   ? -14.044 15.575  2.560   1.00 26.37 ? 227 HOH A O   1 
HETATM 1081 O  O   . HOH C 3 .   ? -7.164  10.854  -7.365  1.00 38.26 ? 228 HOH A O   1 
HETATM 1082 O  O   . HOH C 3 .   ? 9.373   0.764   9.032   1.00 35.06 ? 229 HOH A O   1 
HETATM 1083 O  O   . HOH C 3 .   ? 13.076  -0.333  -3.360  1.00 37.04 ? 230 HOH A O   1 
HETATM 1084 O  O   . HOH C 3 .   ? 13.164  -2.729  -7.103  1.00 53.54 ? 231 HOH A O   1 
HETATM 1085 O  O   . HOH C 3 .   ? -21.534 10.231  -0.042  1.00 34.37 ? 232 HOH A O   1 
HETATM 1086 O  O   . HOH C 3 .   ? -5.695  -7.002  -8.310  1.00 30.86 ? 233 HOH A O   1 
HETATM 1087 O  O   . HOH C 3 .   ? -0.014  -2.536  -13.177 1.00 27.68 ? 234 HOH A O   1 
HETATM 1088 O  O   . HOH C 3 .   ? -0.880  1.812   -8.729  1.00 39.10 ? 235 HOH A O   1 
HETATM 1089 O  O   . HOH C 3 .   ? -11.388 5.319   9.411   1.00 10.73 ? 236 HOH A O   1 
HETATM 1090 O  O   . HOH C 3 .   ? -16.266 -4.586  -1.492  1.00 11.42 ? 237 HOH A O   1 
HETATM 1091 O  O   . HOH C 3 .   ? -9.600  3.281   9.968   1.00 11.34 ? 238 HOH A O   1 
HETATM 1092 O  O   . HOH C 3 .   ? -6.404  3.891   -6.090  1.00 44.12 ? 239 HOH A O   1 
HETATM 1093 O  O   . HOH C 3 .   ? -3.390  4.060   -2.928  1.00 49.89 ? 240 HOH A O   1 
HETATM 1094 O  O   . HOH C 3 .   ? -20.900 -4.423  -5.871  1.00 20.37 ? 241 HOH A O   1 
HETATM 1095 O  O   . HOH C 3 .   ? -11.680 9.969   -12.464 1.00 41.48 ? 242 HOH A O   1 
HETATM 1096 O  O   . HOH C 3 .   ? 0.691   0.235   -12.111 1.00 39.34 ? 243 HOH A O   1 
HETATM 1097 O  O   . HOH C 3 .   ? 20.447  1.778   -1.388  1.00 30.97 ? 244 HOH A O   1 
HETATM 1098 O  O   . HOH C 3 .   ? -13.486 -4.409  11.680  1.00 38.52 ? 245 HOH A O   1 
HETATM 1099 O  O   . HOH C 3 .   ? 28.385  -6.433  5.762   1.00 34.83 ? 246 HOH A O   1 
HETATM 1100 O  O   . HOH C 3 .   ? -13.618 14.890  -4.852  1.00 34.07 ? 247 HOH A O   1 
HETATM 1101 O  O   . HOH C 3 .   ? -20.102 -0.886  -13.688 1.00 47.89 ? 248 HOH A O   1 
HETATM 1102 O  O   . HOH C 3 .   ? 11.543  -12.118 -4.373  1.00 37.43 ? 249 HOH A O   1 
HETATM 1103 O  O   . HOH C 3 .   ? 11.671  -3.426  15.022  1.00 45.76 ? 250 HOH A O   1 
HETATM 1104 O  O   . HOH C 3 .   ? -19.970 10.770  -7.803  1.00 46.44 ? 251 HOH A O   1 
HETATM 1105 O  O   . HOH C 3 .   ? -15.863 13.858  -5.542  1.00 39.52 ? 252 HOH A O   1 
HETATM 1106 O  O   . HOH C 3 .   ? 2.657   -11.435 -1.219  1.00 47.91 ? 253 HOH A O   1 
HETATM 1107 O  O   . HOH C 3 .   ? 21.346  11.831  2.599   1.00 45.70 ? 254 HOH A O   1 
HETATM 1108 O  O   . HOH C 3 .   ? -26.075 -7.670  -5.560  1.00 39.77 ? 255 HOH A O   1 
HETATM 1109 O  O   . HOH C 3 .   ? -3.678  6.634   13.596  1.00 51.45 ? 256 HOH A O   1 
HETATM 1110 O  O   . HOH C 3 .   ? -27.325 -7.512  -1.851  1.00 43.58 ? 257 HOH A O   1 
HETATM 1111 O  O   . HOH C 3 .   ? -17.781 -1.449  -12.640 1.00 28.60 ? 258 HOH A O   1 
HETATM 1112 O  O   . HOH C 3 .   ? -24.505 5.822   4.648   1.00 50.80 ? 259 HOH A O   1 
HETATM 1113 O  O   . HOH C 3 .   ? -23.615 -6.968  -5.903  1.00 37.12 ? 260 HOH A O   1 
HETATM 1114 O  O   . HOH C 3 .   ? -20.072 4.669   6.998   1.00 37.02 ? 261 HOH A O   1 
HETATM 1115 O  O   . HOH C 3 .   ? -18.095 5.111   8.256   1.00 31.49 ? 262 HOH A O   1 
HETATM 1116 O  O   . HOH C 3 .   ? -24.135 0.716   -3.523  1.00 28.66 ? 263 HOH A O   1 
HETATM 1117 O  O   . HOH C 3 .   ? -29.924 -1.339  -2.586  1.00 35.40 ? 264 HOH A O   1 
HETATM 1118 O  O   . HOH C 3 .   ? -4.073  -7.425  7.858   1.00 38.87 ? 265 HOH A O   1 
HETATM 1119 O  O   . HOH C 3 .   ? 1.882   12.106  8.742   1.00 55.98 ? 266 HOH A O   1 
HETATM 1120 O  O   . HOH C 3 .   ? 24.413  -7.760  -5.367  1.00 58.73 ? 267 HOH A O   1 
# 
